data_4BTY
#
_entry.id   4BTY
#
_cell.length_a   226.736
_cell.length_b   226.736
_cell.length_c   218.160
_cell.angle_alpha   90.00
_cell.angle_beta   90.00
_cell.angle_gamma   120.00
#
_symmetry.space_group_name_H-M   'P 65 2 2'
#
loop_
_entity.id
_entity.type
_entity.pdbx_description
1 polymer 'MEMBRANE PRIMARY AMINE OXIDASE'
2 branched 2-acetamido-2-deoxy-beta-D-glucopyranose-(1-4)-2-acetamido-2-deoxy-beta-D-glucopyranose
3 branched alpha-D-mannopyranose-(1-3)-[alpha-D-mannopyranose-(1-6)]beta-D-mannopyranose-(1-4)-2-acetamido-2-deoxy-beta-D-glucopyranose-(1-4)-2-acetamido-2-deoxy-beta-D-glucopyranose
4 non-polymer 'COPPER (II) ION'
5 non-polymer 'CALCIUM ION'
6 non-polymer 2-acetamido-2-deoxy-beta-D-glucopyranose
7 non-polymer 5-[4-(4-methylpiperazin-1-yl)phenylamino]-2-(4-chlorophenyl)-6-(1H-1,2,4-triazol-5-yl)-3(2H)-pyridazinone
8 water water
#
_entity_poly.entity_id   1
_entity_poly.type   'polypeptide(L)'
_entity_poly.pdbx_seq_one_letter_code
;GRGGDGGEPSQLPHCPSVSPSAQPWTHPGQSQLFADLSREELTAVMRFLTQRLGPGLVDAAQARPSDNCVFSVELQLPPK
AAALAHLDRGSPPPAREALAIVFFGRQPQPNVSELVVGPLPHPSYMRDVTVERHGGPLPYHRRPVLFQEYLDIDQMIFNR
ELPQASGLLHHCCFYKHRGRNLVTMTTAPRGLQSGDRATWFGLYYNISGAGFFLHHVGLELLVNHKALDPARWTIQKVFY
QGRYYDSLAQLEAQFEAGLVNVVLIPDNGTGGSWSLKSPVPPGPAPPLQFYPQGPRFSVQGSRVASSLWTFSFGLGAFSG
PRIFDVRFQGERLVYEISLQEALAIYGGNSPAAMTTRYVDGGFGMGKYTTPLTRGVDCPYLATYVDWHFLLESQAPKTIR
DAFCVFEQNQGLPLRRHHSDLYSHYFGGLAETVLVVRSMSTLLN(TPQ)DYVWDTVFHPSGAIEIRFYATGYISSAFLFG
ATGKYGNQVSEHTLGTVHTHSAHFKVDLDVAGLENWVWAEDMVFVPMAVPWSPEHQLQRLQVTRKLLEMEEQAAFLVGSA
TPRYLYLASNHSNKWGHPRGYRIQMLSFAGEPLPQNSSMARGFSWERYQLAVTQRKEEEPSSSSVFNQNDPWAPTVDFSD
FINNETIAGKDLVAWVTAGFLHIPHAEDIPNTVTVGNGVGFFLRPYNFFDEDPSFYSADSIYFRGDQDAGACEVNPLACL
PQAAACAPDLPAFSHGGFSHN
;
_entity_poly.pdbx_strand_id   A,B
#
loop_
_chem_comp.id
_chem_comp.type
_chem_comp.name
_chem_comp.formula
BMA D-saccharide, beta linking beta-D-mannopyranose 'C6 H12 O6'
CA non-polymer 'CALCIUM ION' 'Ca 2'
CU non-polymer 'COPPER (II) ION' 'Cu 2'
JWF non-polymer 5-[4-(4-methylpiperazin-1-yl)phenylamino]-2-(4-chlorophenyl)-6-(1H-1,2,4-triazol-5-yl)-3(2H)-pyridazinone 'C23 H23 Cl N8 O'
MAN D-saccharide, alpha linking alpha-D-mannopyranose 'C6 H12 O6'
NAG D-saccharide, beta linking 2-acetamido-2-deoxy-beta-D-glucopyranose 'C8 H15 N O6'
#
# COMPACT_ATOMS: atom_id res chain seq x y z
N HIS A 27 -38.22 -7.03 -16.92
CA HIS A 27 -38.22 -7.44 -15.49
C HIS A 27 -36.86 -8.04 -14.98
N PRO A 28 -35.74 -7.27 -15.07
CA PRO A 28 -34.64 -7.44 -14.12
C PRO A 28 -34.75 -6.34 -13.07
N GLY A 29 -35.04 -6.72 -11.83
CA GLY A 29 -35.41 -5.75 -10.78
C GLY A 29 -34.55 -4.49 -10.71
N GLN A 30 -35.07 -3.39 -11.25
CA GLN A 30 -34.31 -2.14 -11.43
C GLN A 30 -34.60 -1.05 -10.36
N SER A 31 -34.69 -1.44 -9.08
CA SER A 31 -35.04 -0.51 -7.99
C SER A 31 -33.79 -0.06 -7.20
N GLN A 32 -33.96 0.85 -6.21
CA GLN A 32 -32.84 1.56 -5.53
C GLN A 32 -32.49 1.09 -4.14
N LEU A 33 -33.52 0.93 -3.32
CA LEU A 33 -33.50 0.18 -2.05
C LEU A 33 -32.26 0.03 -1.18
N PHE A 34 -31.10 0.49 -1.64
CA PHE A 34 -29.95 0.62 -0.77
C PHE A 34 -29.60 2.09 -0.57
N ALA A 35 -30.43 2.93 -1.20
CA ALA A 35 -30.43 4.34 -0.99
C ALA A 35 -30.79 4.63 0.45
N ASP A 36 -30.13 5.62 1.04
CA ASP A 36 -30.54 6.17 2.32
C ASP A 36 -31.68 7.10 2.01
N LEU A 37 -32.34 7.60 3.03
CA LEU A 37 -33.63 8.26 2.87
C LEU A 37 -33.55 9.66 2.25
N SER A 38 -34.65 10.09 1.65
CA SER A 38 -34.80 11.47 1.19
C SER A 38 -35.37 12.25 2.36
N ARG A 39 -35.48 13.56 2.17
CA ARG A 39 -35.92 14.44 3.23
C ARG A 39 -37.40 14.27 3.41
N GLU A 40 -38.12 14.34 2.29
CA GLU A 40 -39.54 13.99 2.29
C GLU A 40 -39.72 12.72 3.12
N GLU A 41 -38.91 11.72 2.78
CA GLU A 41 -39.01 10.39 3.39
C GLU A 41 -38.85 10.49 4.88
N LEU A 42 -37.93 11.34 5.31
CA LEU A 42 -37.71 11.57 6.73
C LEU A 42 -38.86 12.35 7.37
N THR A 43 -39.09 13.58 6.89
CA THR A 43 -40.15 14.45 7.42
C THR A 43 -41.45 13.68 7.52
N ALA A 44 -41.69 12.80 6.53
CA ALA A 44 -42.77 11.82 6.57
C ALA A 44 -42.77 10.91 7.81
N VAL A 45 -41.64 10.26 8.05
CA VAL A 45 -41.58 9.37 9.17
C VAL A 45 -41.70 10.21 10.41
N MET A 46 -41.05 11.36 10.39
CA MET A 46 -41.06 12.20 11.56
C MET A 46 -42.49 12.50 11.88
N ARG A 47 -43.25 12.94 10.89
CA ARG A 47 -44.67 13.18 11.10
C ARG A 47 -45.38 11.93 11.62
N PHE A 48 -45.20 10.81 10.93
CA PHE A 48 -45.78 9.58 11.43
C PHE A 48 -45.63 9.41 12.96
N LEU A 49 -44.45 9.68 13.48
CA LEU A 49 -44.15 9.40 14.89
C LEU A 49 -44.62 10.47 15.87
N THR A 50 -44.32 11.72 15.52
CA THR A 50 -44.93 12.88 16.11
C THR A 50 -46.24 12.42 16.69
N GLN A 51 -47.09 11.90 15.81
CA GLN A 51 -48.47 11.57 16.11
C GLN A 51 -48.59 10.43 17.12
N ARG A 52 -48.00 9.30 16.78
CA ARG A 52 -48.26 8.04 17.49
C ARG A 52 -47.53 7.90 18.83
N LEU A 53 -46.95 9.00 19.32
CA LEU A 53 -46.22 9.00 20.59
C LEU A 53 -46.75 10.10 21.50
N GLY A 54 -47.04 11.26 20.89
CA GLY A 54 -48.04 12.24 21.33
C GLY A 54 -47.82 12.87 22.68
N PRO A 55 -48.39 12.26 23.76
CA PRO A 55 -48.14 12.70 25.13
C PRO A 55 -46.67 13.02 25.43
N GLY A 56 -46.23 14.24 25.11
CA GLY A 56 -44.94 14.77 25.63
C GLY A 56 -43.64 14.54 24.84
N LEU A 57 -43.76 14.47 23.52
CA LEU A 57 -42.59 14.23 22.70
C LEU A 57 -41.84 15.54 22.67
N VAL A 58 -40.52 15.48 22.51
CA VAL A 58 -39.72 16.69 22.36
C VAL A 58 -38.63 16.60 21.28
N ASP A 59 -38.27 17.78 20.77
CA ASP A 59 -37.13 17.90 19.88
C ASP A 59 -35.97 17.40 20.71
N ALA A 60 -35.06 16.67 20.06
CA ALA A 60 -33.97 16.07 20.80
C ALA A 60 -32.90 17.11 21.10
N ALA A 61 -32.83 18.11 20.22
CA ALA A 61 -31.80 19.16 20.32
C ALA A 61 -32.05 19.99 21.59
N GLN A 62 -33.28 19.96 22.08
CA GLN A 62 -33.71 20.63 23.32
C GLN A 62 -33.81 19.67 24.52
N ALA A 63 -33.63 18.38 24.31
CA ALA A 63 -34.19 17.40 25.21
C ALA A 63 -33.46 17.13 26.51
N ARG A 64 -34.24 16.92 27.56
CA ARG A 64 -33.69 16.52 28.83
C ARG A 64 -33.47 15.03 28.90
N PRO A 65 -32.73 14.61 29.93
CA PRO A 65 -32.70 13.29 30.49
C PRO A 65 -34.08 12.66 30.68
N SER A 66 -34.95 13.32 31.45
CA SER A 66 -36.29 12.75 31.67
C SER A 66 -37.24 12.92 30.47
N ASP A 67 -36.82 13.66 29.45
CA ASP A 67 -37.65 13.83 28.26
C ASP A 67 -37.65 12.66 27.27
N ASN A 68 -38.69 12.66 26.44
CA ASN A 68 -38.84 11.71 25.34
C ASN A 68 -38.41 12.24 24.00
N CYS A 69 -37.88 11.35 23.21
CA CYS A 69 -36.96 11.75 22.17
C CYS A 69 -36.80 10.84 20.98
N VAL A 70 -37.07 11.40 19.81
CA VAL A 70 -36.59 10.76 18.63
C VAL A 70 -35.20 11.28 18.43
N PHE A 71 -34.26 10.33 18.49
CA PHE A 71 -32.83 10.58 18.50
C PHE A 71 -32.27 10.50 17.09
N SER A 72 -32.74 9.48 16.38
CA SER A 72 -32.34 9.28 15.03
C SER A 72 -33.47 8.59 14.32
N VAL A 73 -33.52 8.87 13.03
CA VAL A 73 -34.33 8.14 12.10
C VAL A 73 -33.53 7.96 10.81
N GLU A 74 -33.27 6.69 10.45
CA GLU A 74 -32.47 6.39 9.25
C GLU A 74 -33.03 5.23 8.44
N LEU A 75 -32.46 5.02 7.25
CA LEU A 75 -32.83 3.84 6.48
C LEU A 75 -32.73 2.59 7.33
N GLN A 76 -33.67 1.69 7.14
CA GLN A 76 -33.59 0.37 7.72
C GLN A 76 -33.51 -0.55 6.54
N LEU A 77 -32.42 -1.28 6.43
CA LEU A 77 -32.14 -1.96 5.15
C LEU A 77 -32.74 -3.32 5.03
N PRO A 78 -32.98 -3.73 3.79
CA PRO A 78 -33.85 -4.85 3.57
C PRO A 78 -33.25 -6.14 4.03
N PRO A 79 -34.10 -7.14 4.14
CA PRO A 79 -33.59 -8.49 4.21
C PRO A 79 -32.99 -8.87 2.85
N LYS A 80 -32.02 -9.77 2.86
CA LYS A 80 -31.23 -10.04 1.68
C LYS A 80 -32.02 -10.91 0.76
N ALA A 81 -32.62 -11.93 1.35
CA ALA A 81 -33.52 -12.84 0.62
C ALA A 81 -34.31 -12.06 -0.43
N ALA A 82 -35.11 -11.12 0.09
CA ALA A 82 -36.09 -10.38 -0.67
C ALA A 82 -35.41 -9.50 -1.68
N ALA A 83 -34.34 -8.86 -1.25
CA ALA A 83 -33.63 -7.94 -2.12
C ALA A 83 -33.17 -8.66 -3.37
N LEU A 84 -32.56 -9.81 -3.16
CA LEU A 84 -31.94 -10.51 -4.25
C LEU A 84 -33.02 -10.96 -5.18
N ALA A 85 -34.00 -11.67 -4.63
CA ALA A 85 -35.15 -12.06 -5.41
C ALA A 85 -35.54 -10.91 -6.32
N HIS A 86 -35.73 -9.73 -5.75
CA HIS A 86 -36.09 -8.60 -6.56
C HIS A 86 -35.08 -8.30 -7.66
N LEU A 87 -33.82 -8.03 -7.30
CA LEU A 87 -32.81 -7.65 -8.30
C LEU A 87 -32.49 -8.75 -9.32
N ASP A 88 -32.54 -10.00 -8.90
CA ASP A 88 -32.16 -11.13 -9.75
C ASP A 88 -33.32 -11.87 -10.46
N ARG A 89 -34.28 -12.37 -9.72
CA ARG A 89 -35.46 -12.98 -10.31
C ARG A 89 -36.62 -11.98 -10.33
N GLY A 90 -36.47 -10.91 -11.13
CA GLY A 90 -37.39 -9.73 -11.20
C GLY A 90 -38.64 -9.57 -10.31
N SER A 91 -38.59 -10.13 -9.09
CA SER A 91 -39.66 -10.09 -8.09
C SER A 91 -40.09 -8.70 -7.68
N PRO A 92 -41.13 -8.61 -6.84
CA PRO A 92 -41.47 -7.33 -6.25
C PRO A 92 -40.53 -7.04 -5.08
N PRO A 93 -40.06 -5.77 -4.98
CA PRO A 93 -39.05 -5.37 -4.04
C PRO A 93 -39.65 -5.25 -2.69
N PRO A 94 -38.84 -5.31 -1.63
CA PRO A 94 -39.42 -5.36 -0.33
C PRO A 94 -39.79 -3.97 0.16
N ALA A 95 -40.68 -3.96 1.14
CA ALA A 95 -41.16 -2.74 1.74
C ALA A 95 -39.96 -1.97 2.14
N ARG A 96 -39.84 -0.74 1.63
CA ARG A 96 -38.81 0.17 2.13
C ARG A 96 -39.25 0.58 3.51
N GLU A 97 -38.33 0.57 4.47
CA GLU A 97 -38.67 0.94 5.85
C GLU A 97 -37.62 1.85 6.48
N ALA A 98 -37.88 2.25 7.73
CA ALA A 98 -36.92 3.07 8.46
C ALA A 98 -36.86 2.64 9.92
N LEU A 99 -35.86 3.18 10.61
CA LEU A 99 -35.51 2.76 11.96
C LEU A 99 -35.26 3.97 12.83
N ALA A 100 -36.00 4.04 13.92
CA ALA A 100 -36.06 5.24 14.73
C ALA A 100 -35.60 4.91 16.12
N ILE A 101 -34.69 5.73 16.65
CA ILE A 101 -34.19 5.46 17.99
C ILE A 101 -34.81 6.42 18.93
N VAL A 102 -35.47 5.88 19.95
CA VAL A 102 -36.24 6.73 20.83
C VAL A 102 -35.91 6.51 22.27
N PHE A 103 -35.84 7.64 22.97
CA PHE A 103 -35.40 7.68 24.33
C PHE A 103 -36.62 7.94 25.16
N PHE A 104 -37.03 6.93 25.91
CA PHE A 104 -38.19 7.08 26.79
C PHE A 104 -37.77 7.41 28.20
N GLY A 105 -37.48 8.69 28.41
CA GLY A 105 -36.98 9.21 29.68
C GLY A 105 -38.11 9.56 30.62
N ARG A 106 -39.21 10.08 30.07
CA ARG A 106 -40.37 10.44 30.88
C ARG A 106 -41.13 9.22 31.32
N GLN A 107 -40.60 8.50 32.29
CA GLN A 107 -41.27 7.33 32.81
C GLN A 107 -40.56 6.72 34.01
N PRO A 108 -41.26 5.81 34.72
CA PRO A 108 -40.81 4.94 35.81
C PRO A 108 -39.62 3.99 35.56
N GLN A 109 -39.47 3.51 34.33
CA GLN A 109 -38.34 2.64 34.00
C GLN A 109 -37.87 2.97 32.58
N PRO A 110 -37.23 4.14 32.42
CA PRO A 110 -36.79 4.64 31.12
C PRO A 110 -36.08 3.61 30.30
N ASN A 111 -36.45 3.51 29.03
CA ASN A 111 -35.78 2.61 28.12
C ASN A 111 -35.40 3.36 26.88
N VAL A 112 -34.56 2.71 26.08
CA VAL A 112 -34.33 3.14 24.74
C VAL A 112 -35.11 2.14 23.91
N SER A 113 -35.57 2.59 22.77
CA SER A 113 -36.32 1.73 21.89
C SER A 113 -36.05 2.02 20.44
N GLU A 114 -35.96 0.91 19.71
CA GLU A 114 -35.63 0.85 18.30
C GLU A 114 -36.95 0.56 17.56
N LEU A 115 -37.36 1.49 16.68
CA LEU A 115 -38.65 1.37 15.98
C LEU A 115 -38.60 1.36 14.46
N VAL A 116 -39.36 0.44 13.88
CA VAL A 116 -39.45 0.30 12.46
C VAL A 116 -40.72 0.98 11.98
N VAL A 117 -40.60 1.71 10.88
CA VAL A 117 -41.69 2.50 10.35
C VAL A 117 -41.73 2.41 8.81
N GLY A 118 -42.76 1.76 8.30
CA GLY A 118 -42.96 1.68 6.87
C GLY A 118 -44.42 1.90 6.57
N PRO A 119 -44.78 1.89 5.28
CA PRO A 119 -43.92 1.61 4.14
C PRO A 119 -43.72 2.85 3.29
N LEU A 120 -42.49 3.30 3.25
CA LEU A 120 -42.17 4.51 2.59
C LEU A 120 -42.52 4.40 1.13
N PRO A 121 -42.85 5.53 0.51
CA PRO A 121 -42.86 6.89 1.07
C PRO A 121 -44.00 7.35 2.00
N HIS A 122 -45.10 6.62 2.09
CA HIS A 122 -46.24 7.13 2.86
C HIS A 122 -46.48 6.11 3.91
N PRO A 123 -45.80 6.25 5.03
CA PRO A 123 -45.84 5.25 6.08
C PRO A 123 -47.21 5.16 6.66
N SER A 124 -47.51 3.96 7.15
CA SER A 124 -48.80 3.67 7.73
C SER A 124 -48.71 2.63 8.81
N TYR A 125 -47.49 2.32 9.28
CA TYR A 125 -47.31 1.34 10.36
C TYR A 125 -45.98 1.47 11.04
N MET A 126 -45.96 1.00 12.28
CA MET A 126 -44.82 1.18 13.13
C MET A 126 -44.73 -0.04 14.04
N ARG A 127 -43.53 -0.61 14.16
CA ARG A 127 -43.29 -1.74 15.08
C ARG A 127 -41.99 -1.63 15.90
N ASP A 128 -42.07 -2.13 17.13
CA ASP A 128 -40.96 -2.15 18.07
C ASP A 128 -40.19 -3.45 17.84
N VAL A 129 -38.89 -3.33 17.63
CA VAL A 129 -38.01 -4.46 17.40
C VAL A 129 -36.89 -4.57 18.45
N THR A 130 -36.97 -3.69 19.45
CA THR A 130 -36.02 -3.59 20.56
C THR A 130 -35.80 -4.95 21.27
N VAL A 131 -36.84 -5.74 21.48
CA VAL A 131 -36.68 -7.02 22.17
C VAL A 131 -36.50 -8.14 21.15
N GLU A 132 -37.09 -7.97 19.97
CA GLU A 132 -36.85 -8.85 18.85
C GLU A 132 -35.34 -8.96 18.72
N ARG A 133 -34.68 -7.81 18.63
CA ARG A 133 -33.24 -7.78 18.36
C ARG A 133 -32.40 -8.09 19.58
N HIS A 134 -32.76 -7.50 20.72
CA HIS A 134 -31.87 -7.52 21.89
C HIS A 134 -32.31 -8.42 23.07
N GLY A 135 -33.59 -8.75 23.16
CA GLY A 135 -34.07 -9.72 24.16
C GLY A 135 -34.38 -9.12 25.52
N GLY A 136 -34.38 -7.81 25.57
CA GLY A 136 -34.91 -7.08 26.70
C GLY A 136 -34.98 -5.64 26.24
N PRO A 137 -35.45 -4.74 27.11
CA PRO A 137 -35.36 -3.33 26.74
C PRO A 137 -33.92 -2.90 26.80
N LEU A 138 -33.61 -1.73 26.26
CA LEU A 138 -32.26 -1.20 26.41
C LEU A 138 -32.17 -0.32 27.65
N PRO A 139 -31.16 -0.58 28.51
CA PRO A 139 -30.91 0.30 29.65
C PRO A 139 -30.57 1.71 29.21
N TYR A 140 -31.07 2.70 29.93
CA TYR A 140 -31.15 4.06 29.38
C TYR A 140 -29.77 4.77 29.32
N HIS A 141 -28.87 4.37 30.22
CA HIS A 141 -27.50 4.88 30.28
C HIS A 141 -26.67 4.45 29.08
N ARG A 142 -27.15 3.44 28.36
CA ARG A 142 -26.48 2.99 27.16
C ARG A 142 -26.62 4.02 26.08
N ARG A 143 -27.64 4.86 26.19
CA ARG A 143 -27.92 5.83 25.16
C ARG A 143 -26.84 6.87 25.05
N PRO A 144 -26.56 7.33 23.83
CA PRO A 144 -25.54 8.35 23.66
C PRO A 144 -25.83 9.67 24.35
N VAL A 145 -24.77 10.43 24.58
CA VAL A 145 -24.89 11.75 25.17
C VAL A 145 -25.43 12.74 24.13
N LEU A 146 -26.57 13.32 24.46
CA LEU A 146 -27.25 14.29 23.59
C LEU A 146 -26.44 15.57 23.61
N PHE A 147 -26.55 16.33 22.55
CA PHE A 147 -26.03 17.69 22.54
C PHE A 147 -26.50 18.46 23.76
N GLN A 148 -27.78 18.31 24.10
CA GLN A 148 -28.35 19.09 25.18
C GLN A 148 -27.58 18.83 26.46
N GLU A 149 -27.47 17.56 26.79
CA GLU A 149 -26.61 17.10 27.86
C GLU A 149 -25.22 17.80 27.85
N TYR A 150 -24.48 17.69 26.75
CA TYR A 150 -23.15 18.29 26.68
C TYR A 150 -23.19 19.74 27.19
N LEU A 151 -24.26 20.46 26.91
CA LEU A 151 -24.32 21.86 27.27
C LEU A 151 -24.63 22.05 28.74
N ASP A 152 -25.56 21.24 29.24
CA ASP A 152 -25.86 21.24 30.67
C ASP A 152 -24.61 20.92 31.46
N ILE A 153 -23.86 19.96 30.95
CA ILE A 153 -22.59 19.63 31.53
C ILE A 153 -21.64 20.81 31.46
N ASP A 154 -21.37 21.34 30.26
CA ASP A 154 -20.54 22.55 30.12
C ASP A 154 -21.00 23.70 30.99
N GLN A 155 -22.30 23.83 31.18
CA GLN A 155 -22.85 24.85 32.08
C GLN A 155 -22.43 24.54 33.52
N MET A 156 -22.80 23.40 34.08
CA MET A 156 -22.30 23.00 35.42
C MET A 156 -20.83 23.38 35.66
N ILE A 157 -20.03 23.05 34.67
CA ILE A 157 -18.62 23.33 34.70
C ILE A 157 -18.44 24.83 34.67
N PHE A 158 -18.57 25.45 33.49
CA PHE A 158 -18.23 26.87 33.33
C PHE A 158 -18.98 27.82 34.27
N ASN A 159 -19.98 27.31 35.01
CA ASN A 159 -20.84 28.15 35.84
C ASN A 159 -20.94 27.82 37.32
N ARG A 160 -20.69 26.60 37.72
CA ARG A 160 -20.92 26.27 39.11
C ARG A 160 -19.68 25.72 39.77
N GLU A 161 -18.53 25.80 39.12
CA GLU A 161 -17.35 25.04 39.52
C GLU A 161 -16.07 25.85 39.31
N LEU A 162 -15.73 26.13 38.06
CA LEU A 162 -14.55 26.92 37.73
C LEU A 162 -14.55 28.26 38.42
N PRO A 163 -15.70 28.94 38.46
CA PRO A 163 -15.99 29.93 39.48
C PRO A 163 -15.32 29.72 40.88
N GLN A 164 -15.44 28.53 41.46
CA GLN A 164 -14.88 28.31 42.79
C GLN A 164 -13.38 28.15 42.78
N ALA A 165 -12.78 28.10 41.61
CA ALA A 165 -11.32 28.13 41.51
C ALA A 165 -10.87 29.32 40.69
N SER A 166 -11.61 30.42 40.82
CA SER A 166 -11.33 31.64 40.07
C SER A 166 -9.85 31.97 40.23
N GLY A 167 -9.36 31.91 41.46
CA GLY A 167 -8.00 32.33 41.79
C GLY A 167 -6.90 31.63 41.04
N LEU A 168 -6.96 30.30 41.09
CA LEU A 168 -6.04 29.48 40.35
C LEU A 168 -6.08 29.91 38.88
N LEU A 169 -7.28 29.92 38.35
CA LEU A 169 -7.42 30.09 36.93
C LEU A 169 -7.08 31.50 36.54
N HIS A 170 -7.41 32.48 37.37
CA HIS A 170 -7.02 33.86 37.09
C HIS A 170 -5.55 33.84 36.89
N HIS A 171 -4.90 33.06 37.75
CA HIS A 171 -3.48 33.02 37.78
C HIS A 171 -2.86 32.32 36.55
N CYS A 172 -3.28 31.09 36.25
CA CYS A 172 -2.59 30.22 35.27
C CYS A 172 -3.06 30.36 33.85
N CYS A 173 -4.38 30.49 33.75
CA CYS A 173 -5.14 30.13 32.58
C CYS A 173 -6.03 31.26 32.16
N PHE A 174 -5.61 32.47 32.50
CA PHE A 174 -6.14 33.70 31.95
C PHE A 174 -7.63 33.92 32.21
N TYR A 175 -8.18 33.29 33.23
CA TYR A 175 -9.65 33.18 33.37
C TYR A 175 -10.40 34.47 33.70
N LYS A 176 -10.70 35.27 32.67
CA LYS A 176 -11.59 36.43 32.83
C LYS A 176 -13.02 35.91 33.04
N HIS A 177 -13.65 36.30 34.16
CA HIS A 177 -14.98 35.81 34.60
C HIS A 177 -16.00 35.56 33.48
N ARG A 178 -15.96 34.35 32.94
CA ARG A 178 -16.65 34.05 31.70
C ARG A 178 -16.35 32.61 31.28
N GLY A 179 -15.83 32.39 30.09
CA GLY A 179 -16.04 31.12 29.41
C GLY A 179 -15.38 31.11 28.06
N ARG A 180 -15.84 31.94 27.11
CA ARG A 180 -15.17 32.14 25.80
C ARG A 180 -13.66 32.22 26.00
N ASN A 181 -13.11 31.12 26.48
CA ASN A 181 -11.81 31.11 27.08
C ASN A 181 -11.35 29.68 27.06
N LEU A 182 -12.01 28.86 27.84
CA LEU A 182 -11.70 27.46 27.94
C LEU A 182 -12.77 26.66 27.22
N VAL A 183 -12.55 25.36 27.18
CA VAL A 183 -13.34 24.47 26.38
C VAL A 183 -13.11 23.04 26.89
N THR A 184 -14.19 22.29 26.95
CA THR A 184 -14.13 20.88 27.34
C THR A 184 -14.06 19.95 26.16
N MET A 185 -13.66 18.71 26.41
CA MET A 185 -13.69 17.64 25.39
C MET A 185 -13.89 16.33 26.10
N THR A 186 -14.54 15.36 25.45
CA THR A 186 -15.01 14.19 26.23
C THR A 186 -14.15 12.89 26.22
N THR A 187 -14.01 12.26 27.39
CA THR A 187 -13.36 10.96 27.54
C THR A 187 -14.21 9.87 26.89
N ALA A 188 -13.58 8.69 26.81
CA ALA A 188 -14.06 7.51 26.08
C ALA A 188 -15.18 6.85 26.80
N PRO A 189 -15.03 5.62 27.33
CA PRO A 189 -16.17 5.28 28.19
C PRO A 189 -16.21 6.14 29.43
N ARG A 190 -17.42 6.34 29.90
CA ARG A 190 -17.69 7.28 30.92
C ARG A 190 -18.04 6.29 31.98
N GLY A 191 -17.14 6.15 32.94
CA GLY A 191 -17.30 5.18 33.99
C GLY A 191 -16.20 4.14 33.98
N LEU A 192 -16.43 3.09 34.75
CA LEU A 192 -15.51 1.96 34.85
C LEU A 192 -16.28 0.86 35.55
N GLN A 193 -17.20 0.23 34.82
CA GLN A 193 -18.21 -0.71 35.34
C GLN A 193 -19.57 -0.43 34.71
N SER A 194 -20.38 -1.46 34.48
CA SER A 194 -21.64 -1.26 33.76
C SER A 194 -22.67 -0.50 34.58
N GLY A 195 -23.27 0.51 33.97
CA GLY A 195 -24.22 1.37 34.69
C GLY A 195 -23.66 2.75 35.03
N ASP A 196 -22.35 2.89 35.07
CA ASP A 196 -21.78 4.20 35.33
C ASP A 196 -22.04 5.13 34.14
N ARG A 197 -22.10 6.43 34.42
CA ARG A 197 -22.11 7.42 33.37
C ARG A 197 -21.39 8.65 33.87
N ALA A 198 -20.07 8.53 33.91
CA ALA A 198 -19.16 9.54 34.43
C ALA A 198 -18.04 9.79 33.44
N THR A 199 -18.02 10.96 32.83
CA THR A 199 -17.01 11.29 31.84
C THR A 199 -15.86 12.04 32.48
N TRP A 200 -14.63 11.64 32.20
CA TRP A 200 -13.49 12.52 32.44
C TRP A 200 -13.48 13.61 31.40
N PHE A 201 -13.34 14.85 31.81
CA PHE A 201 -13.32 15.93 30.83
C PHE A 201 -12.02 16.75 30.87
N GLY A 202 -11.36 16.87 29.73
CA GLY A 202 -10.16 17.67 29.66
C GLY A 202 -10.53 19.13 29.54
N LEU A 203 -9.60 20.04 29.88
CA LEU A 203 -9.85 21.44 29.61
C LEU A 203 -8.81 22.14 28.79
N TYR A 204 -9.25 23.01 27.90
CA TYR A 204 -8.35 23.50 26.87
C TYR A 204 -8.79 24.85 26.38
N TYR A 205 -7.82 25.58 25.84
CA TYR A 205 -8.02 26.92 25.33
C TYR A 205 -8.92 27.00 24.07
N ASN A 206 -9.99 27.82 24.08
CA ASN A 206 -10.75 28.17 22.86
C ASN A 206 -9.81 28.90 21.94
N ILE A 207 -9.19 28.16 21.03
CA ILE A 207 -8.37 28.77 20.01
C ILE A 207 -9.35 29.11 18.94
N SER A 208 -9.10 30.21 18.24
CA SER A 208 -9.94 30.54 17.11
C SER A 208 -9.14 30.30 15.87
N GLY A 209 -9.66 29.41 15.04
CA GLY A 209 -9.15 29.22 13.70
C GLY A 209 -8.16 28.08 13.62
N ALA A 210 -8.02 27.32 14.70
CA ALA A 210 -7.13 26.16 14.70
C ALA A 210 -7.47 25.21 15.83
N GLY A 211 -6.80 24.07 15.82
CA GLY A 211 -7.10 23.02 16.77
C GLY A 211 -6.84 23.39 18.21
N PHE A 212 -7.85 23.22 19.03
CA PHE A 212 -7.70 23.40 20.45
C PHE A 212 -7.09 22.18 21.13
N PHE A 213 -6.90 21.09 20.39
CA PHE A 213 -6.68 19.75 20.99
C PHE A 213 -5.36 19.65 21.71
N LEU A 214 -4.43 20.47 21.22
CA LEU A 214 -3.05 20.50 21.65
C LEU A 214 -2.86 21.33 22.94
N HIS A 215 -3.76 22.29 23.16
CA HIS A 215 -3.61 23.28 24.20
C HIS A 215 -4.40 22.95 25.47
N HIS A 216 -4.03 21.79 26.01
CA HIS A 216 -4.52 21.31 27.29
C HIS A 216 -3.82 22.09 28.42
N VAL A 217 -4.60 22.51 29.40
CA VAL A 217 -4.13 23.21 30.61
C VAL A 217 -3.85 22.34 31.84
N GLY A 218 -4.01 21.02 31.68
CA GLY A 218 -3.67 20.05 32.70
C GLY A 218 -4.73 19.90 33.74
N LEU A 219 -5.92 20.32 33.38
CA LEU A 219 -7.04 20.15 34.24
C LEU A 219 -8.05 19.20 33.62
N GLU A 220 -8.31 18.13 34.35
CA GLU A 220 -9.31 17.17 33.97
C GLU A 220 -10.29 17.00 35.13
N LEU A 221 -11.58 16.86 34.80
CA LEU A 221 -12.65 16.81 35.79
C LEU A 221 -13.54 15.61 35.55
N LEU A 222 -13.62 14.75 36.54
CA LEU A 222 -14.46 13.57 36.41
C LEU A 222 -15.89 13.91 36.75
N VAL A 223 -16.68 14.23 35.73
CA VAL A 223 -18.09 14.58 35.95
C VAL A 223 -19.01 13.36 35.99
N ASN A 224 -19.87 13.31 36.99
CA ASN A 224 -20.89 12.29 36.98
C ASN A 224 -22.29 12.82 36.60
N HIS A 225 -22.69 12.44 35.40
CA HIS A 225 -23.92 12.91 34.80
C HIS A 225 -24.68 11.66 34.49
N LYS A 226 -25.05 10.93 35.54
CA LYS A 226 -25.96 9.86 35.34
C LYS A 226 -27.39 10.36 35.54
N ALA A 227 -27.74 10.72 36.77
CA ALA A 227 -29.08 11.18 37.13
C ALA A 227 -29.78 11.98 36.05
N LEU A 228 -31.10 11.93 36.07
CA LEU A 228 -31.89 12.56 35.01
C LEU A 228 -32.35 13.95 35.44
N ASP A 229 -31.87 14.36 36.59
CA ASP A 229 -31.93 15.73 37.03
C ASP A 229 -30.48 16.23 37.00
N PRO A 230 -30.15 17.12 36.05
CA PRO A 230 -28.78 17.65 36.04
C PRO A 230 -28.42 18.44 37.32
N ALA A 231 -29.44 18.95 38.00
CA ALA A 231 -29.28 19.48 39.35
C ALA A 231 -28.51 18.50 40.21
N ARG A 232 -28.95 17.25 40.24
CA ARG A 232 -28.25 16.21 41.01
C ARG A 232 -26.80 15.88 40.53
N TRP A 233 -26.42 16.27 39.29
CA TRP A 233 -25.07 15.98 38.76
C TRP A 233 -23.95 16.64 39.55
N THR A 234 -22.86 15.88 39.74
CA THR A 234 -21.73 16.21 40.64
C THR A 234 -20.37 16.05 39.94
N ILE A 235 -19.30 16.39 40.66
CA ILE A 235 -17.94 16.05 40.24
C ILE A 235 -17.30 15.11 41.22
N GLN A 236 -16.62 14.09 40.71
CA GLN A 236 -16.07 13.05 41.56
C GLN A 236 -14.57 13.11 41.83
N LYS A 237 -13.81 13.70 40.93
CA LYS A 237 -12.39 13.97 41.17
C LYS A 237 -11.95 15.17 40.37
N VAL A 238 -10.80 15.67 40.79
CA VAL A 238 -10.11 16.64 39.99
C VAL A 238 -8.72 16.10 39.79
N PHE A 239 -8.03 16.67 38.81
CA PHE A 239 -6.65 16.38 38.59
C PHE A 239 -6.22 17.69 38.01
N TYR A 240 -5.15 18.22 38.60
CA TYR A 240 -4.52 19.39 38.04
C TYR A 240 -3.03 19.16 37.98
N GLN A 241 -2.52 19.38 36.76
CA GLN A 241 -1.12 19.29 36.42
C GLN A 241 -0.46 18.27 37.30
N GLY A 242 -0.90 17.02 37.19
CA GLY A 242 -0.24 15.88 37.82
C GLY A 242 -0.68 15.55 39.23
N ARG A 243 -1.48 16.42 39.83
CA ARG A 243 -1.94 16.16 41.17
C ARG A 243 -3.44 15.94 41.18
N TYR A 244 -3.85 14.96 42.00
CA TYR A 244 -5.26 14.74 42.29
C TYR A 244 -5.73 15.64 43.42
N TYR A 245 -7.01 15.99 43.40
CA TYR A 245 -7.60 16.84 44.42
C TYR A 245 -9.06 16.40 44.49
N ASP A 246 -9.67 16.43 45.67
CA ASP A 246 -11.06 15.97 45.87
C ASP A 246 -12.16 16.89 45.32
N SER A 247 -11.85 18.17 45.07
CA SER A 247 -12.82 19.14 44.52
C SER A 247 -12.11 20.42 44.16
N LEU A 248 -12.77 21.30 43.40
CA LEU A 248 -12.16 22.58 43.04
C LEU A 248 -11.97 23.55 44.23
N ALA A 249 -12.86 23.46 45.21
CA ALA A 249 -12.74 24.24 46.44
C ALA A 249 -11.42 23.91 47.07
N GLN A 250 -11.22 22.60 47.24
CA GLN A 250 -10.08 22.04 47.92
C GLN A 250 -8.82 22.19 47.06
N LEU A 251 -8.90 22.99 46.03
CA LEU A 251 -7.78 23.22 45.17
C LEU A 251 -7.35 24.65 45.33
N GLU A 252 -8.32 25.55 45.32
CA GLU A 252 -8.06 26.88 45.82
C GLU A 252 -7.50 26.77 47.25
N ALA A 253 -8.16 25.94 48.06
CA ALA A 253 -7.75 25.69 49.45
C ALA A 253 -6.24 25.64 49.50
N GLN A 254 -5.70 24.72 48.72
CA GLN A 254 -4.28 24.61 48.55
C GLN A 254 -3.70 25.86 47.92
N PHE A 255 -3.85 26.02 46.60
CA PHE A 255 -3.23 27.10 45.84
C PHE A 255 -3.02 28.36 46.63
N GLU A 256 -4.13 28.91 47.12
CA GLU A 256 -4.15 30.22 47.73
C GLU A 256 -3.30 30.21 48.98
N ALA A 257 -3.44 29.15 49.77
CA ALA A 257 -2.56 28.90 50.90
C ALA A 257 -1.12 28.62 50.43
N GLY A 258 -0.65 29.34 49.41
CA GLY A 258 0.65 29.08 48.77
C GLY A 258 1.06 27.68 48.32
N LEU A 259 0.23 26.66 48.57
CA LEU A 259 0.69 25.27 48.63
C LEU A 259 0.76 24.53 47.30
N VAL A 260 0.40 25.19 46.20
CA VAL A 260 0.46 24.51 44.90
C VAL A 260 1.39 25.25 43.99
N ASN A 261 2.25 24.45 43.36
CA ASN A 261 3.13 24.91 42.32
C ASN A 261 2.43 24.87 40.98
N VAL A 262 2.30 26.05 40.42
CA VAL A 262 1.56 26.23 39.20
C VAL A 262 2.57 26.26 38.07
N VAL A 263 2.13 25.76 36.92
CA VAL A 263 2.88 25.86 35.67
C VAL A 263 2.12 26.74 34.73
N LEU A 264 2.82 27.67 34.09
CA LEU A 264 2.11 28.65 33.28
C LEU A 264 2.21 28.32 31.81
N ILE A 265 1.03 28.32 31.19
CA ILE A 265 0.77 27.55 29.99
C ILE A 265 0.19 28.56 29.05
N PRO A 266 1.01 29.07 28.11
CA PRO A 266 0.61 30.14 27.19
C PRO A 266 -0.63 29.89 26.35
N ASP A 267 -0.82 30.75 25.37
CA ASP A 267 -2.14 31.27 25.13
C ASP A 267 -2.25 31.76 23.70
N ASN A 268 -1.31 32.63 23.32
CA ASN A 268 -1.04 32.95 21.95
C ASN A 268 0.07 32.00 21.61
N GLY A 269 0.43 31.90 20.34
CA GLY A 269 1.70 31.29 19.93
C GLY A 269 1.82 31.48 18.43
N THR A 270 2.87 30.94 17.82
CA THR A 270 2.99 30.96 16.35
C THR A 270 3.48 29.64 15.75
N GLY A 271 3.04 29.43 14.50
CA GLY A 271 3.26 28.19 13.76
C GLY A 271 2.48 26.95 14.20
N GLY A 272 2.82 25.85 13.55
CA GLY A 272 2.40 24.53 13.99
C GLY A 272 1.14 24.49 14.82
N SER A 273 1.34 24.59 16.14
CA SER A 273 0.26 24.31 17.12
C SER A 273 -0.85 25.38 17.12
N TRP A 274 -0.37 26.60 16.94
CA TRP A 274 -1.21 27.77 16.95
C TRP A 274 -1.88 28.05 15.62
N SER A 275 -1.24 27.75 14.51
CA SER A 275 -1.88 27.97 13.24
C SER A 275 -2.38 26.68 12.57
N LEU A 276 -3.00 26.92 11.40
CA LEU A 276 -3.22 25.91 10.37
C LEU A 276 -3.07 26.56 8.99
N LYS A 277 -2.44 27.73 8.94
CA LYS A 277 -2.43 28.51 7.74
C LYS A 277 -1.01 28.73 7.29
N SER A 278 -0.75 28.34 6.06
CA SER A 278 0.60 28.44 5.55
C SER A 278 0.94 29.90 5.41
N PRO A 279 2.04 30.33 6.04
CA PRO A 279 2.53 31.68 5.89
C PRO A 279 3.11 31.93 4.53
N VAL A 280 3.51 30.89 3.84
CA VAL A 280 4.04 31.12 2.51
C VAL A 280 2.92 31.18 1.46
N PRO A 281 3.09 32.05 0.48
CA PRO A 281 2.08 32.23 -0.56
C PRO A 281 2.00 31.13 -1.60
N PRO A 282 0.81 30.94 -2.14
CA PRO A 282 0.52 30.10 -3.29
C PRO A 282 1.50 30.26 -4.43
N GLY A 283 2.18 29.19 -4.81
CA GLY A 283 3.08 29.21 -5.95
C GLY A 283 2.45 28.28 -6.96
N PRO A 284 3.05 28.14 -8.16
CA PRO A 284 2.47 27.42 -9.25
C PRO A 284 1.51 26.28 -8.96
N ALA A 285 0.82 25.95 -10.03
CA ALA A 285 -0.33 25.12 -9.98
C ALA A 285 0.11 23.68 -9.95
N PRO A 286 -0.41 22.95 -8.95
CA PRO A 286 -0.28 21.51 -8.92
C PRO A 286 -0.83 20.84 -10.20
N PRO A 287 -0.28 19.66 -10.58
CA PRO A 287 -0.94 18.88 -11.62
C PRO A 287 -2.44 18.85 -11.42
N LEU A 288 -3.17 18.85 -12.54
CA LEU A 288 -4.62 18.77 -12.53
C LEU A 288 -5.15 17.73 -13.50
N GLN A 289 -6.22 17.04 -13.08
CA GLN A 289 -6.74 15.88 -13.78
C GLN A 289 -8.12 16.14 -14.36
N PHE A 290 -8.25 15.83 -15.66
CA PHE A 290 -9.48 16.05 -16.41
C PHE A 290 -9.73 15.00 -17.48
N TYR A 291 -11.00 14.80 -17.85
CA TYR A 291 -11.38 13.68 -18.68
C TYR A 291 -11.63 14.21 -20.06
N PRO A 292 -10.60 14.20 -20.94
CA PRO A 292 -10.55 14.85 -22.27
C PRO A 292 -11.79 14.74 -23.13
N GLN A 293 -12.62 13.73 -22.92
CA GLN A 293 -13.95 13.71 -23.53
C GLN A 293 -14.83 13.00 -22.52
N GLY A 294 -15.69 13.77 -21.85
CA GLY A 294 -16.73 13.27 -20.94
C GLY A 294 -16.29 12.40 -19.79
N PRO A 295 -17.04 12.44 -18.67
CA PRO A 295 -16.86 11.38 -17.68
C PRO A 295 -17.20 10.05 -18.28
N ARG A 296 -16.69 9.01 -17.67
CA ARG A 296 -16.82 7.68 -18.21
C ARG A 296 -17.49 6.83 -17.18
N PHE A 297 -18.27 7.50 -16.36
CA PHE A 297 -19.11 6.85 -15.40
C PHE A 297 -20.18 7.84 -15.13
N SER A 298 -21.19 7.39 -14.41
CA SER A 298 -22.29 8.24 -14.05
C SER A 298 -22.73 7.88 -12.66
N VAL A 299 -23.32 8.88 -12.01
CA VAL A 299 -23.92 8.72 -10.72
C VAL A 299 -25.34 9.10 -10.84
N GLN A 300 -26.22 8.25 -10.34
CA GLN A 300 -27.62 8.52 -10.38
C GLN A 300 -28.22 8.29 -8.98
N GLY A 301 -27.95 9.22 -8.06
CA GLY A 301 -28.34 9.03 -6.66
C GLY A 301 -27.52 7.91 -6.07
N SER A 302 -28.10 7.01 -5.29
CA SER A 302 -27.29 5.93 -4.68
C SER A 302 -26.51 5.03 -5.68
N ARG A 303 -26.78 5.10 -6.98
CA ARG A 303 -26.26 4.10 -7.90
C ARG A 303 -25.24 4.71 -8.84
N VAL A 304 -24.05 4.14 -8.79
CA VAL A 304 -23.00 4.50 -9.69
C VAL A 304 -22.82 3.44 -10.72
N ALA A 305 -22.51 3.85 -11.93
CA ALA A 305 -22.38 2.93 -13.01
C ALA A 305 -21.41 3.43 -14.07
N SER A 306 -20.54 2.54 -14.49
CA SER A 306 -19.43 2.83 -15.36
C SER A 306 -19.41 1.74 -16.36
N SER A 307 -18.54 1.86 -17.34
CA SER A 307 -18.36 0.79 -18.31
C SER A 307 -18.26 -0.68 -17.75
N LEU A 308 -17.87 -0.87 -16.48
CA LEU A 308 -17.62 -2.21 -15.94
C LEU A 308 -18.09 -2.43 -14.52
N TRP A 309 -18.10 -1.36 -13.74
CA TRP A 309 -18.52 -1.48 -12.39
C TRP A 309 -19.88 -0.87 -12.29
N THR A 310 -20.65 -1.40 -11.35
CA THR A 310 -21.94 -0.83 -11.04
C THR A 310 -22.31 -1.14 -9.59
N PHE A 311 -22.78 -0.13 -8.88
CA PHE A 311 -23.08 -0.31 -7.48
C PHE A 311 -23.88 0.80 -6.83
N SER A 312 -24.49 0.43 -5.70
CA SER A 312 -25.16 1.37 -4.80
C SER A 312 -24.24 1.67 -3.64
N PHE A 313 -24.37 2.90 -3.14
CA PHE A 313 -23.66 3.35 -1.95
C PHE A 313 -24.54 4.24 -1.05
N GLY A 314 -23.95 4.59 0.07
CA GLY A 314 -24.71 5.23 1.10
C GLY A 314 -23.88 5.36 2.36
N LEU A 315 -24.56 5.71 3.44
CA LEU A 315 -23.88 6.06 4.63
C LEU A 315 -24.76 5.83 5.83
N GLY A 316 -24.38 4.87 6.67
CA GLY A 316 -25.06 4.63 7.93
C GLY A 316 -24.69 5.74 8.88
N ALA A 317 -25.60 6.08 9.80
CA ALA A 317 -25.41 7.25 10.66
C ALA A 317 -24.32 7.00 11.65
N PHE A 318 -24.34 5.78 12.19
CA PHE A 318 -23.34 5.38 13.17
C PHE A 318 -22.31 4.44 12.55
N SER A 319 -22.77 3.40 11.87
CA SER A 319 -21.85 2.41 11.25
C SER A 319 -20.98 3.02 10.12
N GLY A 320 -21.48 4.08 9.48
CA GLY A 320 -20.71 4.76 8.44
C GLY A 320 -20.80 4.08 7.09
N PRO A 321 -20.03 4.58 6.10
CA PRO A 321 -20.04 4.22 4.68
C PRO A 321 -20.32 2.77 4.42
N ARG A 322 -20.85 2.53 3.22
CA ARG A 322 -21.29 1.22 2.82
C ARG A 322 -21.61 1.19 1.35
N ILE A 323 -21.22 0.10 0.68
CA ILE A 323 -21.66 -0.16 -0.69
C ILE A 323 -22.33 -1.51 -0.85
N PHE A 324 -23.09 -1.60 -1.94
CA PHE A 324 -23.95 -2.72 -2.17
C PHE A 324 -24.04 -3.12 -3.60
N ASP A 325 -24.23 -4.42 -3.82
CA ASP A 325 -24.63 -4.92 -5.11
C ASP A 325 -23.61 -4.48 -6.18
N VAL A 326 -22.40 -4.96 -5.94
CA VAL A 326 -21.27 -4.59 -6.73
C VAL A 326 -21.19 -5.57 -7.84
N ARG A 327 -21.21 -5.06 -9.07
CA ARG A 327 -21.14 -5.91 -10.21
C ARG A 327 -20.09 -5.45 -11.15
N PHE A 328 -19.21 -6.40 -11.44
CA PHE A 328 -18.29 -6.28 -12.52
C PHE A 328 -19.00 -6.85 -13.71
N GLN A 329 -19.06 -6.05 -14.77
CA GLN A 329 -19.60 -6.49 -16.04
C GLN A 329 -20.84 -7.34 -15.89
N GLY A 330 -21.75 -6.94 -15.01
CA GLY A 330 -23.06 -7.58 -14.93
C GLY A 330 -23.17 -8.64 -13.86
N GLU A 331 -22.05 -9.33 -13.59
CA GLU A 331 -22.01 -10.32 -12.53
C GLU A 331 -21.67 -9.69 -11.19
N ARG A 332 -22.38 -10.12 -10.15
CA ARG A 332 -22.12 -9.65 -8.81
C ARG A 332 -21.02 -10.42 -8.07
N LEU A 333 -20.21 -9.67 -7.33
CA LEU A 333 -19.18 -10.26 -6.45
C LEU A 333 -19.59 -10.08 -5.01
N VAL A 334 -20.03 -8.89 -4.66
CA VAL A 334 -20.42 -8.67 -3.30
C VAL A 334 -21.81 -8.11 -3.17
N TYR A 335 -22.52 -8.65 -2.20
CA TYR A 335 -23.76 -8.11 -1.77
C TYR A 335 -23.49 -6.79 -1.05
N GLU A 336 -22.59 -6.79 -0.07
CA GLU A 336 -22.37 -5.62 0.79
C GLU A 336 -20.97 -5.53 1.33
N ILE A 337 -20.37 -4.34 1.25
CA ILE A 337 -19.17 -4.02 2.00
C ILE A 337 -19.46 -2.79 2.81
N SER A 338 -19.05 -2.77 4.08
CA SER A 338 -19.60 -1.78 5.03
C SER A 338 -18.84 -1.58 6.33
N LEU A 339 -18.33 -0.37 6.52
CA LEU A 339 -17.64 -0.03 7.74
C LEU A 339 -18.50 -0.46 8.88
N GLN A 340 -17.86 -1.08 9.86
CA GLN A 340 -18.57 -1.62 10.96
C GLN A 340 -18.35 -0.87 12.22
N GLU A 341 -17.14 -0.41 12.47
CA GLU A 341 -16.81 0.30 13.72
C GLU A 341 -15.43 0.91 13.58
N ALA A 342 -15.16 1.98 14.32
CA ALA A 342 -13.80 2.48 14.46
C ALA A 342 -13.37 2.49 15.93
N LEU A 343 -12.10 2.21 16.17
CA LEU A 343 -11.56 2.26 17.52
C LEU A 343 -10.35 3.22 17.68
N ALA A 344 -10.10 3.56 18.94
CA ALA A 344 -8.90 4.26 19.33
C ALA A 344 -8.61 4.02 20.82
N ILE A 345 -7.55 3.28 21.10
CA ILE A 345 -7.15 3.06 22.48
C ILE A 345 -5.91 3.88 22.78
N TYR A 346 -6.08 4.73 23.79
CA TYR A 346 -5.07 5.61 24.32
C TYR A 346 -4.46 5.05 25.59
N GLY A 347 -3.19 5.39 25.79
CA GLY A 347 -2.54 5.32 27.10
C GLY A 347 -2.09 6.74 27.42
N GLY A 348 -1.69 6.99 28.66
CA GLY A 348 -1.19 8.29 29.00
C GLY A 348 -0.82 8.53 30.44
N ASN A 349 -0.60 9.79 30.75
CA ASN A 349 -0.23 10.16 32.07
C ASN A 349 -1.43 10.68 32.86
N SER A 350 -2.24 11.47 32.18
CA SER A 350 -3.48 12.03 32.71
C SER A 350 -4.57 10.96 32.90
N PRO A 351 -5.53 11.21 33.80
CA PRO A 351 -6.65 10.27 33.91
C PRO A 351 -7.43 10.19 32.62
N ALA A 352 -7.78 11.33 32.04
CA ALA A 352 -8.43 11.37 30.72
C ALA A 352 -7.84 10.34 29.78
N ALA A 353 -6.61 10.61 29.36
CA ALA A 353 -5.96 9.85 28.32
C ALA A 353 -5.77 8.37 28.67
N MET A 354 -5.36 8.07 29.89
CA MET A 354 -4.99 6.70 30.19
C MET A 354 -6.18 5.74 30.13
N THR A 355 -7.37 6.29 30.38
CA THR A 355 -8.65 5.58 30.41
C THR A 355 -9.58 5.84 29.19
N THR A 356 -9.03 6.37 28.12
CA THR A 356 -9.80 6.54 26.90
C THR A 356 -9.62 5.31 26.06
N ARG A 357 -10.74 4.65 25.78
CA ARG A 357 -10.90 3.78 24.62
C ARG A 357 -12.12 4.25 23.80
N TYR A 358 -11.90 5.03 22.75
CA TYR A 358 -13.02 5.57 21.95
C TYR A 358 -13.61 4.50 21.03
N VAL A 359 -14.92 4.38 21.06
CA VAL A 359 -15.65 3.53 20.13
C VAL A 359 -16.43 4.49 19.28
N ASP A 360 -15.81 4.93 18.21
CA ASP A 360 -16.30 6.09 17.47
C ASP A 360 -17.69 5.89 16.83
N GLY A 361 -18.11 4.64 16.68
CA GLY A 361 -19.45 4.37 16.16
C GLY A 361 -20.56 4.82 17.11
N GLY A 362 -20.26 4.81 18.40
CA GLY A 362 -21.21 5.29 19.39
C GLY A 362 -21.48 6.77 19.41
N PHE A 363 -20.82 7.51 18.50
CA PHE A 363 -21.17 8.89 18.15
C PHE A 363 -21.57 8.93 16.67
N GLY A 364 -20.81 8.24 15.82
CA GLY A 364 -21.30 7.84 14.51
C GLY A 364 -20.61 8.47 13.33
N MET A 365 -20.11 7.65 12.42
CA MET A 365 -19.21 8.14 11.39
C MET A 365 -20.00 8.71 10.24
N GLY A 366 -21.30 8.43 10.23
CA GLY A 366 -22.21 9.12 9.34
C GLY A 366 -22.45 10.51 9.88
N LYS A 367 -23.12 10.54 11.04
CA LYS A 367 -23.40 11.79 11.76
C LYS A 367 -22.26 12.83 11.63
N TYR A 368 -21.06 12.44 12.02
CA TYR A 368 -19.95 13.35 11.98
C TYR A 368 -19.23 13.40 10.60
N THR A 369 -19.87 12.92 9.55
CA THR A 369 -19.34 13.21 8.23
C THR A 369 -19.29 14.71 8.06
N THR A 370 -18.33 15.12 7.23
CA THR A 370 -18.15 16.50 6.83
C THR A 370 -18.00 16.60 5.32
N PRO A 371 -18.25 17.81 4.81
CA PRO A 371 -18.13 18.12 3.40
C PRO A 371 -16.73 18.01 2.94
N LEU A 372 -16.64 17.36 1.78
CA LEU A 372 -15.40 17.16 1.10
C LEU A 372 -15.11 18.47 0.46
N THR A 373 -13.90 18.98 0.66
CA THR A 373 -13.60 20.30 0.19
C THR A 373 -13.00 20.18 -1.17
N ARG A 374 -13.77 20.64 -2.15
CA ARG A 374 -13.51 20.41 -3.55
C ARG A 374 -12.09 20.88 -3.95
N GLY A 375 -11.38 20.01 -4.66
CA GLY A 375 -9.98 20.26 -5.02
C GLY A 375 -8.96 20.07 -3.90
N VAL A 376 -9.35 19.57 -2.74
CA VAL A 376 -8.40 19.24 -1.69
C VAL A 376 -8.64 17.83 -1.30
N ASP A 377 -9.88 17.50 -0.98
CA ASP A 377 -10.20 16.18 -0.47
C ASP A 377 -10.47 15.18 -1.58
N CYS A 378 -10.80 15.67 -2.76
CA CYS A 378 -10.84 14.84 -3.94
C CYS A 378 -10.34 15.74 -4.97
N PRO A 379 -10.06 15.19 -6.16
CA PRO A 379 -9.68 16.01 -7.28
C PRO A 379 -10.76 17.03 -7.59
N TYR A 380 -10.36 18.10 -8.27
CA TYR A 380 -11.27 19.19 -8.47
C TYR A 380 -12.45 18.66 -9.22
N LEU A 381 -12.22 17.92 -10.30
CA LEU A 381 -13.32 17.61 -11.19
C LEU A 381 -14.11 16.37 -10.81
N ALA A 382 -13.94 15.92 -9.58
CA ALA A 382 -14.70 14.82 -9.11
C ALA A 382 -16.12 15.24 -9.16
N THR A 383 -17.01 14.32 -8.80
CA THR A 383 -18.43 14.66 -8.74
C THR A 383 -18.98 14.40 -7.33
N TYR A 384 -19.48 15.46 -6.72
CA TYR A 384 -19.70 15.48 -5.29
C TYR A 384 -21.20 15.40 -5.02
N VAL A 385 -21.58 14.89 -3.86
CA VAL A 385 -22.93 14.37 -3.66
C VAL A 385 -23.47 14.65 -2.27
N ASP A 386 -24.65 15.26 -2.18
CA ASP A 386 -25.12 15.73 -0.85
C ASP A 386 -25.66 14.51 -0.08
N TRP A 387 -25.73 14.56 1.24
CA TRP A 387 -26.30 13.48 2.05
C TRP A 387 -27.26 13.95 3.14
N HIS A 388 -28.37 13.25 3.32
CA HIS A 388 -29.44 13.73 4.19
C HIS A 388 -29.59 12.88 5.44
N PHE A 389 -30.08 13.51 6.51
CA PHE A 389 -30.25 12.84 7.80
C PHE A 389 -31.18 13.57 8.76
N LEU A 390 -31.52 12.90 9.85
CA LEU A 390 -32.42 13.47 10.83
C LEU A 390 -31.94 12.99 12.16
N LEU A 391 -31.06 13.79 12.74
CA LEU A 391 -30.38 13.37 13.94
C LEU A 391 -30.48 14.39 15.03
N GLU A 392 -30.76 13.91 16.24
CA GLU A 392 -31.01 14.80 17.37
C GLU A 392 -31.80 16.06 16.93
N SER A 393 -32.93 15.82 16.26
CA SER A 393 -33.80 16.93 15.84
C SER A 393 -35.15 16.41 15.44
N GLN A 394 -35.88 17.30 14.77
CA GLN A 394 -37.06 16.98 13.99
C GLN A 394 -36.99 17.57 12.56
N ALA A 395 -36.01 18.41 12.32
CA ALA A 395 -35.73 18.92 10.98
C ALA A 395 -34.84 17.94 10.27
N PRO A 396 -35.30 17.42 9.12
CA PRO A 396 -34.34 16.78 8.24
C PRO A 396 -33.29 17.82 7.86
N LYS A 397 -32.00 17.44 7.89
CA LYS A 397 -30.91 18.33 7.44
C LYS A 397 -30.04 17.61 6.43
N THR A 398 -29.35 18.41 5.64
CA THR A 398 -28.50 17.93 4.55
C THR A 398 -27.06 18.27 4.86
N ILE A 399 -26.13 17.52 4.25
CA ILE A 399 -24.68 17.74 4.36
C ILE A 399 -24.09 17.83 2.99
N ARG A 400 -23.71 19.01 2.57
CA ARG A 400 -23.44 19.18 1.17
C ARG A 400 -22.04 18.61 0.81
N ASP A 401 -21.99 17.88 -0.32
CA ASP A 401 -20.80 17.21 -0.81
C ASP A 401 -20.21 16.19 0.17
N ALA A 402 -21.05 15.39 0.80
CA ALA A 402 -20.54 14.44 1.80
C ALA A 402 -19.68 13.36 1.23
N PHE A 403 -20.06 12.92 0.02
CA PHE A 403 -19.32 11.94 -0.81
C PHE A 403 -18.72 12.60 -2.03
N CYS A 404 -17.61 12.05 -2.50
CA CYS A 404 -17.18 12.35 -3.83
C CYS A 404 -16.97 11.03 -4.50
N VAL A 405 -17.03 11.08 -5.84
CA VAL A 405 -16.78 9.95 -6.73
C VAL A 405 -15.95 10.39 -7.91
N PHE A 406 -15.02 9.55 -8.35
CA PHE A 406 -14.24 9.92 -9.52
C PHE A 406 -13.36 8.82 -10.09
N GLU A 407 -12.94 9.10 -11.32
CA GLU A 407 -12.02 8.29 -12.04
C GLU A 407 -10.66 9.00 -11.96
N GLN A 408 -9.61 8.22 -11.75
CA GLN A 408 -8.25 8.69 -11.41
C GLN A 408 -7.23 7.94 -12.23
N ASN A 409 -6.38 8.68 -12.92
CA ASN A 409 -5.22 8.09 -13.54
C ASN A 409 -4.15 7.89 -12.50
N GLN A 410 -3.95 6.63 -12.12
CA GLN A 410 -3.02 6.24 -11.08
C GLN A 410 -1.57 6.58 -11.29
N GLY A 411 -1.14 6.73 -12.55
CA GLY A 411 0.27 6.97 -12.89
C GLY A 411 1.17 5.74 -12.99
N LEU A 412 0.58 4.56 -12.78
CA LEU A 412 1.19 3.25 -13.05
C LEU A 412 0.82 2.77 -14.43
N PRO A 413 1.17 1.51 -14.73
CA PRO A 413 0.41 0.67 -15.58
C PRO A 413 -0.16 -0.48 -14.79
N LEU A 414 -1.35 -0.89 -15.19
CA LEU A 414 -1.96 -2.07 -14.69
C LEU A 414 -1.10 -3.21 -15.19
N ARG A 415 -0.58 -3.07 -16.40
CA ARG A 415 0.31 -4.07 -16.97
C ARG A 415 1.02 -3.59 -18.24
N ARG A 416 2.31 -3.92 -18.33
CA ARG A 416 3.05 -3.81 -19.57
C ARG A 416 3.83 -5.10 -19.84
N HIS A 417 4.26 -5.25 -21.07
CA HIS A 417 5.39 -6.11 -21.36
C HIS A 417 6.03 -5.66 -22.66
N HIS A 418 7.36 -5.58 -22.62
CA HIS A 418 8.16 -5.12 -23.74
C HIS A 418 9.02 -6.24 -24.22
N SER A 419 8.77 -6.73 -25.43
CA SER A 419 9.55 -7.85 -25.96
C SER A 419 10.57 -7.40 -27.00
N ASP A 420 11.81 -7.47 -26.56
CA ASP A 420 12.98 -7.17 -27.39
C ASP A 420 13.52 -8.46 -28.05
N LEU A 421 13.26 -9.60 -27.40
CA LEU A 421 13.84 -10.90 -27.76
C LEU A 421 12.92 -11.75 -28.64
N TYR A 422 13.51 -12.43 -29.62
CA TYR A 422 12.77 -13.28 -30.56
C TYR A 422 11.74 -12.47 -31.41
N SER A 423 10.70 -11.90 -30.79
CA SER A 423 9.76 -11.01 -31.51
C SER A 423 9.67 -9.59 -30.90
N HIS A 424 9.66 -8.59 -31.78
CA HIS A 424 9.61 -7.18 -31.38
C HIS A 424 8.17 -6.69 -31.25
N TYR A 425 7.78 -6.28 -30.04
CA TYR A 425 6.44 -5.76 -29.76
C TYR A 425 6.27 -5.19 -28.37
N PHE A 426 5.26 -4.34 -28.21
CA PHE A 426 4.88 -3.82 -26.91
C PHE A 426 3.39 -4.00 -26.68
N GLY A 427 3.05 -4.40 -25.44
CA GLY A 427 1.66 -4.46 -24.99
C GLY A 427 1.44 -3.97 -23.58
N GLY A 428 0.70 -2.87 -23.45
CA GLY A 428 0.41 -2.25 -22.13
C GLY A 428 -0.87 -1.44 -21.91
N LEU A 429 -1.10 -1.05 -20.66
CA LEU A 429 -2.33 -0.41 -20.25
C LEU A 429 -2.15 0.39 -18.97
N ALA A 430 -2.26 1.70 -19.05
CA ALA A 430 -2.18 2.54 -17.86
C ALA A 430 -3.41 2.36 -16.95
N GLU A 431 -3.18 2.19 -15.65
CA GLU A 431 -4.27 1.87 -14.74
C GLU A 431 -5.02 3.09 -14.31
N THR A 432 -6.26 3.18 -14.78
CA THR A 432 -7.18 4.23 -14.38
C THR A 432 -8.14 3.58 -13.43
N VAL A 433 -8.53 4.25 -12.39
CA VAL A 433 -9.33 3.56 -11.41
C VAL A 433 -10.54 4.38 -10.90
N LEU A 434 -11.51 3.72 -10.29
CA LEU A 434 -12.72 4.38 -9.87
C LEU A 434 -12.85 4.41 -8.37
N VAL A 435 -13.32 5.54 -7.83
CA VAL A 435 -13.23 5.81 -6.40
C VAL A 435 -14.43 6.46 -5.77
N VAL A 436 -14.74 6.00 -4.57
CA VAL A 436 -15.83 6.55 -3.81
C VAL A 436 -15.27 6.88 -2.46
N ARG A 437 -15.49 8.11 -2.01
CA ARG A 437 -14.92 8.60 -0.74
C ARG A 437 -15.95 9.25 0.23
N SER A 438 -15.64 9.17 1.52
CA SER A 438 -16.39 9.85 2.58
C SER A 438 -15.34 10.26 3.62
N MET A 439 -15.60 11.32 4.38
CA MET A 439 -14.73 11.66 5.51
C MET A 439 -15.55 11.99 6.71
N SER A 440 -15.13 11.45 7.84
CA SER A 440 -15.83 11.60 9.10
C SER A 440 -14.93 12.32 10.10
N THR A 441 -15.12 13.62 10.31
CA THR A 441 -14.31 14.35 11.30
C THR A 441 -14.90 14.18 12.71
N LEU A 442 -14.26 13.38 13.54
CA LEU A 442 -14.71 13.11 14.91
C LEU A 442 -13.76 13.68 15.93
N LEU A 443 -14.17 14.81 16.49
CA LEU A 443 -13.33 15.60 17.33
C LEU A 443 -12.09 15.84 16.53
N ASN A 444 -10.97 15.33 17.02
CA ASN A 444 -9.68 15.58 16.41
C ASN A 444 -9.54 14.85 15.09
N TPQ A 445 -9.98 13.60 15.04
CA TPQ A 445 -9.72 12.79 13.88
CB TPQ A 445 -10.12 11.33 14.07
C TPQ A 445 -10.48 13.26 12.68
O TPQ A 445 -11.62 13.66 12.78
C1 TPQ A 445 -9.83 10.84 15.46
C2 TPQ A 445 -8.44 10.60 15.88
O2 TPQ A 445 -7.49 10.82 15.09
C3 TPQ A 445 -8.22 10.16 17.17
C4 TPQ A 445 -9.29 9.92 18.02
O4 TPQ A 445 -9.01 9.50 19.28
C5 TPQ A 445 -10.69 10.14 17.60
O5 TPQ A 445 -11.69 9.94 18.35
C6 TPQ A 445 -10.90 10.61 16.33
N ASP A 446 -9.80 13.23 11.56
CA ASP A 446 -10.48 13.19 10.28
C ASP A 446 -10.14 11.81 9.71
N TYR A 447 -11.09 10.87 9.82
CA TYR A 447 -11.01 9.57 9.12
C TYR A 447 -11.45 9.69 7.64
N VAL A 448 -10.63 9.20 6.72
CA VAL A 448 -11.01 9.07 5.31
C VAL A 448 -11.35 7.62 5.02
N TRP A 449 -12.46 7.38 4.31
CA TRP A 449 -12.81 6.02 3.90
C TRP A 449 -12.91 5.95 2.37
N ASP A 450 -12.11 5.09 1.75
CA ASP A 450 -12.15 4.96 0.30
C ASP A 450 -13.00 3.77 -0.14
N THR A 451 -12.40 2.89 -0.92
CA THR A 451 -13.10 2.00 -1.86
C THR A 451 -12.71 2.43 -3.27
N VAL A 452 -12.14 1.46 -3.98
CA VAL A 452 -11.44 1.71 -5.21
C VAL A 452 -11.57 0.48 -6.11
N PHE A 453 -11.99 0.72 -7.34
CA PHE A 453 -12.47 -0.32 -8.21
C PHE A 453 -11.52 -0.46 -9.37
N HIS A 454 -10.63 -1.42 -9.27
CA HIS A 454 -9.60 -1.58 -10.26
C HIS A 454 -10.19 -2.33 -11.43
N PRO A 455 -9.82 -1.94 -12.66
CA PRO A 455 -10.16 -2.57 -13.95
C PRO A 455 -9.79 -4.05 -14.16
N SER A 456 -9.13 -4.66 -13.18
CA SER A 456 -8.83 -6.05 -13.21
C SER A 456 -9.97 -6.82 -12.57
N GLY A 457 -10.91 -6.13 -11.97
CA GLY A 457 -11.97 -6.76 -11.21
C GLY A 457 -11.56 -6.90 -9.76
N ALA A 458 -10.72 -5.99 -9.32
CA ALA A 458 -10.29 -6.05 -7.94
C ALA A 458 -10.90 -4.87 -7.21
N ILE A 459 -10.94 -4.98 -5.89
CA ILE A 459 -11.52 -3.97 -5.07
C ILE A 459 -10.69 -3.70 -3.85
N GLU A 460 -10.37 -2.43 -3.65
CA GLU A 460 -9.43 -1.99 -2.65
C GLU A 460 -10.20 -1.18 -1.67
N ILE A 461 -10.26 -1.65 -0.45
CA ILE A 461 -10.73 -0.87 0.68
C ILE A 461 -9.53 -0.27 1.37
N ARG A 462 -9.72 0.91 1.92
CA ARG A 462 -8.59 1.75 2.26
C ARG A 462 -9.00 2.88 3.18
N PHE A 463 -8.35 2.98 4.33
CA PHE A 463 -8.76 3.98 5.28
C PHE A 463 -7.60 4.68 5.97
N TYR A 464 -7.65 6.01 5.97
CA TYR A 464 -6.61 6.84 6.57
C TYR A 464 -7.06 7.58 7.84
N ALA A 465 -6.12 7.93 8.72
CA ALA A 465 -6.37 8.93 9.76
C ALA A 465 -5.44 10.08 9.51
N THR A 466 -6.06 11.27 9.38
CA THR A 466 -5.41 12.57 9.56
C THR A 466 -6.23 13.34 10.58
N GLY A 467 -6.34 14.65 10.38
CA GLY A 467 -6.79 15.54 11.42
C GLY A 467 -5.69 15.78 12.45
N TYR A 468 -6.13 15.99 13.69
CA TYR A 468 -5.28 16.50 14.74
C TYR A 468 -5.09 15.35 15.72
N ILE A 469 -4.29 15.57 16.77
CA ILE A 469 -3.91 14.58 17.78
C ILE A 469 -4.68 14.81 19.09
N SER A 470 -5.15 13.76 19.75
CA SER A 470 -5.71 13.92 21.08
C SER A 470 -4.47 14.06 21.93
N SER A 471 -4.34 15.19 22.62
CA SER A 471 -3.13 15.55 23.39
C SER A 471 -3.40 15.81 24.85
N ALA A 472 -2.57 15.24 25.73
CA ALA A 472 -2.58 15.58 27.16
C ALA A 472 -1.59 16.71 27.51
N PHE A 473 -1.77 17.27 28.70
CA PHE A 473 -0.82 18.23 29.22
C PHE A 473 0.38 17.49 29.74
N LEU A 474 1.56 17.96 29.35
CA LEU A 474 2.83 17.28 29.63
C LEU A 474 3.28 17.22 31.11
N PHE A 475 3.49 16.01 31.64
CA PHE A 475 3.94 15.93 33.03
C PHE A 475 5.10 14.97 33.51
N GLY A 476 6.31 15.48 33.33
CA GLY A 476 7.51 14.85 33.82
C GLY A 476 7.70 13.48 33.23
N ALA A 477 7.00 12.50 33.80
CA ALA A 477 7.27 11.08 33.55
C ALA A 477 6.70 10.54 32.25
N THR A 478 6.86 11.30 31.18
CA THR A 478 6.29 10.92 29.89
C THR A 478 7.05 9.76 29.23
N GLY A 479 7.05 9.72 27.91
CA GLY A 479 8.04 8.92 27.20
C GLY A 479 7.83 7.43 27.26
N LYS A 480 6.96 6.96 28.15
CA LYS A 480 6.30 5.68 27.88
C LYS A 480 4.83 5.98 27.73
N TYR A 481 4.53 7.22 27.38
CA TYR A 481 3.21 7.55 26.92
C TYR A 481 3.22 8.40 25.67
N GLY A 482 4.37 8.58 25.04
CA GLY A 482 4.41 9.33 23.81
C GLY A 482 5.60 10.22 23.72
N ASN A 483 5.50 11.21 22.85
CA ASN A 483 6.60 12.14 22.63
C ASN A 483 6.16 13.53 22.95
N GLN A 484 7.12 14.43 22.85
CA GLN A 484 6.90 15.81 23.12
C GLN A 484 6.83 16.45 21.76
N VAL A 485 5.91 17.41 21.69
CA VAL A 485 5.28 17.73 20.43
C VAL A 485 5.08 19.20 20.18
N SER A 486 4.52 19.92 21.14
CA SER A 486 4.82 21.37 21.30
C SER A 486 5.18 21.54 22.75
N GLU A 487 5.31 22.75 23.27
CA GLU A 487 5.65 22.89 24.69
C GLU A 487 4.42 22.67 25.53
N HIS A 488 4.65 22.05 26.68
CA HIS A 488 3.61 21.56 27.57
C HIS A 488 2.72 20.45 26.92
N THR A 489 3.02 20.12 25.67
CA THR A 489 2.15 19.30 24.85
C THR A 489 2.69 17.87 24.64
N LEU A 490 2.08 16.92 25.33
CA LEU A 490 2.39 15.51 25.10
C LEU A 490 1.52 15.02 23.98
N GLY A 491 2.12 14.28 23.06
CA GLY A 491 1.35 13.49 22.09
C GLY A 491 1.10 12.06 22.55
N THR A 492 -0.07 11.83 23.16
CA THR A 492 -0.39 10.52 23.69
C THR A 492 -0.43 9.45 22.63
N VAL A 493 -0.06 8.27 23.09
CA VAL A 493 0.10 7.11 22.25
C VAL A 493 -1.27 6.47 22.11
N HIS A 494 -1.53 5.88 20.94
CA HIS A 494 -2.76 5.16 20.75
C HIS A 494 -2.73 4.13 19.62
N THR A 495 -3.71 3.23 19.66
CA THR A 495 -3.94 2.27 18.58
C THR A 495 -5.17 2.70 17.80
N HIS A 496 -5.30 2.14 16.61
CA HIS A 496 -6.37 2.43 15.70
C HIS A 496 -6.85 1.08 15.14
N SER A 497 -8.14 0.80 15.26
CA SER A 497 -8.74 -0.33 14.57
C SER A 497 -9.83 0.23 13.68
N ALA A 498 -10.42 -0.63 12.87
CA ALA A 498 -11.53 -0.27 12.02
C ALA A 498 -12.01 -1.59 11.48
N HIS A 499 -13.28 -1.91 11.74
CA HIS A 499 -13.81 -3.21 11.37
C HIS A 499 -14.56 -3.05 10.09
N PHE A 500 -14.56 -4.10 9.30
CA PHE A 500 -15.24 -4.09 8.03
C PHE A 500 -16.05 -5.36 7.86
N LYS A 501 -17.10 -5.25 7.07
CA LYS A 501 -17.94 -6.38 6.75
C LYS A 501 -17.98 -6.57 5.24
N VAL A 502 -17.62 -7.79 4.84
CA VAL A 502 -17.53 -8.17 3.45
C VAL A 502 -18.39 -9.40 3.21
N ASP A 503 -19.56 -9.18 2.61
CA ASP A 503 -20.48 -10.25 2.24
C ASP A 503 -20.28 -10.64 0.80
N LEU A 504 -19.17 -11.29 0.55
CA LEU A 504 -18.94 -11.85 -0.75
C LEU A 504 -19.97 -12.91 -1.05
N ASP A 505 -20.51 -12.84 -2.25
CA ASP A 505 -21.31 -13.91 -2.82
C ASP A 505 -20.62 -14.29 -4.11
N VAL A 506 -19.61 -15.14 -4.01
CA VAL A 506 -18.73 -15.37 -5.12
C VAL A 506 -19.39 -16.28 -6.11
N ALA A 507 -19.77 -15.74 -7.26
CA ALA A 507 -20.46 -16.57 -8.24
C ALA A 507 -21.50 -17.52 -7.57
N GLY A 508 -22.59 -16.95 -7.05
CA GLY A 508 -23.53 -17.68 -6.18
C GLY A 508 -23.37 -17.34 -4.70
N LEU A 509 -24.37 -17.70 -3.91
CA LEU A 509 -24.33 -17.48 -2.48
C LEU A 509 -23.47 -18.45 -1.73
N GLU A 510 -23.54 -19.71 -2.15
CA GLU A 510 -22.82 -20.78 -1.45
C GLU A 510 -21.32 -20.66 -1.73
N ASN A 511 -20.56 -20.46 -0.67
CA ASN A 511 -19.16 -20.26 -0.83
C ASN A 511 -18.47 -21.21 0.14
N TRP A 512 -17.23 -21.54 -0.21
CA TRP A 512 -16.33 -22.19 0.68
C TRP A 512 -15.12 -21.31 0.89
N VAL A 513 -14.30 -21.70 1.85
CA VAL A 513 -13.08 -21.02 2.18
C VAL A 513 -11.85 -21.91 2.01
N TRP A 514 -10.88 -21.35 1.30
CA TRP A 514 -9.64 -22.03 0.96
C TRP A 514 -8.45 -21.27 1.49
N ALA A 515 -7.49 -22.01 2.01
CA ALA A 515 -6.22 -21.44 2.40
C ALA A 515 -5.14 -22.17 1.66
N GLU A 516 -4.43 -21.46 0.79
CA GLU A 516 -3.30 -22.02 0.06
C GLU A 516 -2.05 -21.33 0.57
N ASP A 517 -0.94 -22.05 0.54
CA ASP A 517 0.31 -21.51 1.06
C ASP A 517 1.45 -22.26 0.42
N MET A 518 2.66 -22.13 0.94
CA MET A 518 3.81 -22.75 0.30
C MET A 518 4.54 -23.65 1.24
N VAL A 519 5.35 -24.54 0.71
CA VAL A 519 6.25 -25.32 1.55
C VAL A 519 7.45 -25.85 0.77
N PHE A 520 8.62 -25.84 1.42
CA PHE A 520 9.79 -26.55 0.89
C PHE A 520 9.81 -27.95 1.48
N VAL A 521 10.07 -28.94 0.63
CA VAL A 521 10.39 -30.28 1.11
C VAL A 521 11.67 -30.76 0.49
N PRO A 522 12.63 -31.13 1.35
CA PRO A 522 13.93 -31.43 0.87
C PRO A 522 13.86 -32.80 0.20
N MET A 523 14.63 -33.00 -0.86
CA MET A 523 14.42 -34.16 -1.70
C MET A 523 15.64 -34.52 -2.49
N ALA A 524 15.82 -35.81 -2.69
CA ALA A 524 16.83 -36.27 -3.64
C ALA A 524 16.54 -35.69 -5.03
N VAL A 525 17.60 -35.26 -5.74
CA VAL A 525 17.42 -34.78 -7.11
C VAL A 525 17.16 -35.93 -8.08
N PRO A 526 15.94 -36.00 -8.62
CA PRO A 526 15.51 -37.05 -9.52
C PRO A 526 16.57 -37.53 -10.49
N TRP A 527 17.18 -36.63 -11.23
CA TRP A 527 18.10 -37.05 -12.27
C TRP A 527 19.56 -37.06 -11.86
N SER A 528 19.88 -36.92 -10.57
CA SER A 528 21.27 -37.04 -10.12
C SER A 528 21.30 -37.19 -8.63
N PRO A 529 20.59 -38.21 -8.12
CA PRO A 529 20.14 -38.34 -6.73
C PRO A 529 21.25 -38.38 -5.71
N GLU A 530 22.49 -38.40 -6.20
CA GLU A 530 23.63 -38.04 -5.39
C GLU A 530 23.27 -36.77 -4.59
N HIS A 531 22.69 -35.81 -5.30
CA HIS A 531 22.41 -34.47 -4.79
C HIS A 531 21.05 -34.31 -4.14
N GLN A 532 20.75 -33.08 -3.73
CA GLN A 532 19.51 -32.78 -3.03
C GLN A 532 19.03 -31.32 -3.17
N LEU A 533 17.78 -31.15 -3.61
CA LEU A 533 17.16 -29.84 -3.78
C LEU A 533 16.04 -29.63 -2.77
N GLN A 534 15.65 -28.37 -2.58
CA GLN A 534 14.48 -28.07 -1.77
C GLN A 534 13.33 -27.92 -2.72
N ARG A 535 12.36 -28.83 -2.59
CA ARG A 535 11.25 -28.86 -3.51
C ARG A 535 10.18 -27.85 -3.09
N LEU A 536 10.02 -26.78 -3.86
CA LEU A 536 8.99 -25.80 -3.52
C LEU A 536 7.59 -26.35 -3.85
N GLN A 537 6.64 -26.17 -2.94
CA GLN A 537 5.34 -26.76 -3.13
C GLN A 537 4.20 -25.95 -2.56
N VAL A 538 3.06 -26.10 -3.24
CA VAL A 538 1.82 -25.44 -2.90
C VAL A 538 1.06 -26.28 -1.89
N THR A 539 0.21 -25.65 -1.07
CA THR A 539 -0.47 -26.34 0.05
C THR A 539 -1.89 -25.84 0.33
N ARG A 540 -2.84 -26.35 -0.45
CA ARG A 540 -4.26 -25.99 -0.37
C ARG A 540 -4.86 -26.70 0.82
N LYS A 541 -5.73 -26.03 1.55
CA LYS A 541 -6.38 -26.59 2.70
C LYS A 541 -7.73 -25.90 2.80
N LEU A 542 -8.78 -26.71 2.85
CA LEU A 542 -10.10 -26.20 3.01
C LEU A 542 -10.51 -26.08 4.49
N LEU A 543 -11.08 -24.92 4.80
CA LEU A 543 -11.50 -24.63 6.14
C LEU A 543 -13.00 -24.84 6.22
N GLU A 544 -13.38 -25.92 6.92
CA GLU A 544 -14.78 -26.33 7.08
C GLU A 544 -15.51 -25.48 8.05
N MET A 545 -14.90 -25.28 9.22
CA MET A 545 -15.60 -24.74 10.38
C MET A 545 -15.21 -23.30 10.69
N GLU A 546 -16.08 -22.60 11.41
CA GLU A 546 -15.98 -21.15 11.56
C GLU A 546 -14.65 -20.77 12.26
N GLU A 547 -14.24 -21.57 13.22
CA GLU A 547 -13.12 -21.19 14.06
C GLU A 547 -11.81 -21.48 13.33
N GLN A 548 -11.88 -22.33 12.32
CA GLN A 548 -10.73 -22.57 11.45
C GLN A 548 -10.39 -21.29 10.72
N ALA A 549 -11.41 -20.55 10.37
CA ALA A 549 -11.20 -19.37 9.58
C ALA A 549 -11.47 -18.18 10.44
N ALA A 550 -10.79 -18.15 11.55
CA ALA A 550 -10.94 -17.06 12.48
C ALA A 550 -9.58 -16.86 13.06
N PHE A 551 -8.91 -15.82 12.60
CA PHE A 551 -7.48 -15.62 12.89
C PHE A 551 -7.25 -14.42 13.78
N LEU A 552 -6.53 -14.66 14.88
CA LEU A 552 -6.25 -13.61 15.86
C LEU A 552 -5.12 -12.74 15.42
N VAL A 553 -5.09 -11.56 16.03
CA VAL A 553 -4.03 -10.62 15.75
C VAL A 553 -2.70 -11.21 16.15
N GLY A 554 -1.69 -11.02 15.30
CA GLY A 554 -0.40 -11.68 15.50
C GLY A 554 -0.53 -13.19 15.58
N SER A 555 -1.11 -13.74 14.53
CA SER A 555 -1.14 -15.18 14.35
C SER A 555 -0.72 -15.49 12.94
N ALA A 556 -0.29 -16.74 12.78
CA ALA A 556 0.13 -17.30 11.50
C ALA A 556 -1.01 -17.12 10.55
N THR A 557 -0.73 -16.86 9.28
CA THR A 557 -1.81 -16.39 8.44
C THR A 557 -1.73 -16.62 6.90
N PRO A 558 -2.34 -17.71 6.43
CA PRO A 558 -2.40 -18.19 5.05
C PRO A 558 -2.16 -17.18 3.98
N ARG A 559 -1.05 -17.29 3.28
CA ARG A 559 -0.68 -16.35 2.20
C ARG A 559 -1.80 -16.07 1.22
N TYR A 560 -2.42 -17.15 0.77
CA TYR A 560 -3.55 -17.08 -0.12
C TYR A 560 -4.71 -17.56 0.69
N LEU A 561 -5.66 -16.66 0.90
CA LEU A 561 -6.89 -17.07 1.46
C LEU A 561 -7.99 -16.46 0.63
N TYR A 562 -9.01 -17.26 0.38
CA TYR A 562 -10.11 -16.78 -0.44
C TYR A 562 -11.36 -17.61 -0.27
N LEU A 563 -12.48 -17.02 -0.71
CA LEU A 563 -13.75 -17.70 -0.69
C LEU A 563 -14.08 -18.07 -2.12
N ALA A 564 -14.82 -19.16 -2.27
CA ALA A 564 -14.99 -19.76 -3.58
C ALA A 564 -16.34 -20.41 -3.80
N SER A 565 -16.59 -20.69 -5.07
CA SER A 565 -17.82 -21.31 -5.45
C SER A 565 -17.55 -22.79 -5.59
N ASN A 566 -18.64 -23.57 -5.54
CA ASN A 566 -18.66 -24.96 -5.94
C ASN A 566 -18.30 -24.95 -7.42
N HIS A 567 -18.96 -24.06 -8.15
CA HIS A 567 -18.63 -23.77 -9.54
C HIS A 567 -17.13 -23.58 -9.71
N SER A 568 -16.66 -23.54 -10.96
CA SER A 568 -15.24 -23.54 -11.27
C SER A 568 -15.00 -23.01 -12.66
N ASN A 569 -13.84 -22.39 -12.87
CA ASN A 569 -13.55 -21.72 -14.14
C ASN A 569 -13.35 -22.76 -15.21
N LYS A 570 -13.12 -22.25 -16.42
CA LYS A 570 -12.80 -23.08 -17.59
C LYS A 570 -11.71 -24.12 -17.33
N TRP A 571 -10.56 -23.69 -16.82
CA TRP A 571 -9.41 -24.57 -16.58
C TRP A 571 -9.60 -25.51 -15.37
N GLY A 572 -10.69 -25.32 -14.64
CA GLY A 572 -11.15 -26.31 -13.68
C GLY A 572 -11.05 -25.92 -12.23
N HIS A 573 -10.29 -24.86 -11.94
CA HIS A 573 -10.10 -24.41 -10.56
C HIS A 573 -11.32 -23.67 -10.09
N PRO A 574 -11.69 -23.85 -8.82
CA PRO A 574 -12.84 -23.12 -8.36
C PRO A 574 -12.63 -21.61 -8.46
N ARG A 575 -13.73 -20.93 -8.68
CA ARG A 575 -13.76 -19.52 -8.95
C ARG A 575 -13.74 -18.87 -7.62
N GLY A 576 -12.88 -17.88 -7.50
CA GLY A 576 -12.50 -17.41 -6.19
C GLY A 576 -12.13 -15.97 -6.11
N TYR A 577 -12.39 -15.44 -4.93
CA TYR A 577 -11.97 -14.10 -4.56
C TYR A 577 -11.17 -14.11 -3.25
N ARG A 578 -10.01 -13.49 -3.38
CA ARG A 578 -8.92 -13.55 -2.44
C ARG A 578 -9.03 -12.38 -1.50
N ILE A 579 -8.85 -12.62 -0.20
CA ILE A 579 -8.72 -11.47 0.71
C ILE A 579 -7.27 -11.22 1.11
N GLN A 580 -6.79 -10.00 0.87
CA GLN A 580 -5.37 -9.67 1.02
C GLN A 580 -5.26 -8.43 1.85
N MET A 581 -4.82 -8.60 3.09
CA MET A 581 -4.87 -7.54 4.10
C MET A 581 -3.63 -6.64 4.16
N LEU A 582 -3.77 -5.50 4.84
CA LEU A 582 -2.74 -4.46 4.95
C LEU A 582 -2.85 -3.81 6.34
N SER A 583 -2.43 -4.54 7.37
CA SER A 583 -2.47 -4.04 8.74
C SER A 583 -1.05 -3.94 9.24
N PHE A 584 -0.89 -3.12 10.26
CA PHE A 584 0.31 -3.05 11.03
C PHE A 584 -0.21 -3.09 12.43
N ALA A 585 -1.19 -3.96 12.56
CA ALA A 585 -2.24 -3.85 13.55
C ALA A 585 -1.69 -3.66 14.90
N GLY A 586 -2.26 -2.71 15.66
CA GLY A 586 -1.93 -2.54 17.07
C GLY A 586 -2.01 -3.85 17.86
N GLU A 587 -1.65 -3.82 19.13
CA GLU A 587 -1.99 -4.91 20.00
C GLU A 587 -3.41 -4.71 20.51
N PRO A 588 -4.10 -5.80 20.76
CA PRO A 588 -5.44 -5.65 21.23
C PRO A 588 -5.49 -5.41 22.71
N LEU A 589 -6.47 -4.61 23.12
CA LEU A 589 -6.78 -4.53 24.50
C LEU A 589 -6.90 -5.96 24.89
N PRO A 590 -6.21 -6.33 25.97
CA PRO A 590 -6.27 -7.59 26.65
C PRO A 590 -7.67 -8.02 26.92
N GLN A 591 -7.90 -9.31 26.67
CA GLN A 591 -9.13 -10.02 26.98
C GLN A 591 -9.36 -10.12 28.50
N ASN A 592 -8.27 -10.05 29.27
CA ASN A 592 -8.32 -9.89 30.74
C ASN A 592 -9.34 -8.79 31.07
N SER A 593 -9.18 -7.61 30.44
CA SER A 593 -10.01 -6.40 30.69
C SER A 593 -11.49 -6.64 30.53
N SER A 594 -12.28 -6.12 31.48
CA SER A 594 -13.72 -6.36 31.50
C SER A 594 -14.44 -5.67 30.34
N MET A 595 -13.65 -5.05 29.49
CA MET A 595 -14.15 -4.09 28.55
C MET A 595 -14.18 -4.61 27.12
N ALA A 596 -13.20 -5.45 26.73
CA ALA A 596 -13.00 -5.86 25.31
C ALA A 596 -14.21 -6.62 24.78
N ARG A 597 -15.01 -7.08 25.71
CA ARG A 597 -16.42 -7.32 25.51
C ARG A 597 -16.96 -6.50 24.32
N GLY A 598 -16.89 -5.17 24.48
CA GLY A 598 -17.52 -4.22 23.57
C GLY A 598 -16.89 -4.04 22.20
N PHE A 599 -15.74 -4.66 21.95
CA PHE A 599 -15.11 -4.65 20.62
C PHE A 599 -14.27 -5.91 20.42
N SER A 600 -14.95 -7.04 20.45
CA SER A 600 -14.24 -8.28 20.35
C SER A 600 -13.62 -8.35 18.99
N TRP A 601 -14.17 -7.58 18.06
CA TRP A 601 -13.68 -7.63 16.69
C TRP A 601 -12.27 -7.16 16.58
N GLU A 602 -11.88 -6.29 17.50
CA GLU A 602 -10.50 -5.81 17.61
C GLU A 602 -9.49 -6.95 17.63
N ARG A 603 -9.85 -8.09 18.21
CA ARG A 603 -8.87 -9.11 18.58
C ARG A 603 -8.59 -10.07 17.45
N TYR A 604 -9.13 -9.77 16.26
CA TYR A 604 -9.04 -10.61 15.05
C TYR A 604 -8.41 -9.93 13.87
N GLN A 605 -7.47 -10.59 13.21
CA GLN A 605 -7.05 -10.11 11.88
C GLN A 605 -8.31 -10.21 10.98
N LEU A 606 -9.00 -11.34 11.07
CA LEU A 606 -10.07 -11.66 10.15
C LEU A 606 -10.85 -12.88 10.61
N ALA A 607 -12.17 -12.85 10.45
CA ALA A 607 -13.01 -14.04 10.70
C ALA A 607 -13.93 -14.27 9.55
N VAL A 608 -14.38 -15.49 9.39
CA VAL A 608 -15.44 -15.79 8.42
C VAL A 608 -16.53 -16.55 9.15
N THR A 609 -17.75 -16.35 8.67
CA THR A 609 -18.93 -16.59 9.46
C THR A 609 -20.11 -16.80 8.56
N GLN A 610 -21.06 -17.62 8.99
CA GLN A 610 -22.32 -17.73 8.30
C GLN A 610 -23.04 -16.41 8.38
N ARG A 611 -23.46 -15.94 7.21
CA ARG A 611 -24.14 -14.67 7.09
C ARG A 611 -25.53 -14.85 7.60
N LYS A 612 -25.89 -14.23 8.72
CA LYS A 612 -27.27 -14.29 9.19
C LYS A 612 -27.92 -12.91 9.23
N GLU A 613 -29.24 -12.87 9.31
CA GLU A 613 -29.94 -11.58 9.19
C GLU A 613 -29.92 -10.83 10.49
N GLU A 614 -29.87 -11.58 11.58
CA GLU A 614 -29.54 -10.97 12.86
C GLU A 614 -28.05 -11.08 13.19
N GLU A 615 -27.21 -11.13 12.18
CA GLU A 615 -25.76 -10.95 12.37
C GLU A 615 -25.41 -9.94 11.30
N PRO A 616 -25.86 -8.71 11.56
CA PRO A 616 -25.95 -7.60 10.66
C PRO A 616 -24.88 -6.57 10.89
N SER A 617 -24.78 -6.05 12.10
CA SER A 617 -23.60 -5.36 12.52
C SER A 617 -22.85 -6.12 13.59
N SER A 618 -21.55 -5.84 13.60
CA SER A 618 -20.58 -6.36 14.56
C SER A 618 -20.39 -5.40 15.75
N SER A 619 -20.89 -4.16 15.59
CA SER A 619 -20.95 -3.17 16.68
C SER A 619 -22.36 -2.65 16.85
N SER A 620 -22.54 -1.80 17.85
CA SER A 620 -23.78 -1.10 18.06
C SER A 620 -23.51 0.20 18.71
N VAL A 621 -24.06 1.26 18.15
CA VAL A 621 -23.91 2.62 18.71
C VAL A 621 -23.91 2.62 20.24
N PHE A 622 -24.60 1.68 20.85
CA PHE A 622 -24.77 1.61 22.31
C PHE A 622 -23.70 0.88 23.05
N ASN A 623 -22.63 0.54 22.37
CA ASN A 623 -21.54 -0.11 23.06
C ASN A 623 -20.61 0.89 23.66
N GLN A 624 -20.37 2.00 22.97
CA GLN A 624 -19.58 3.11 23.53
C GLN A 624 -19.87 3.37 25.05
N ASN A 625 -21.12 3.64 25.40
CA ASN A 625 -21.44 4.00 26.79
C ASN A 625 -21.71 2.82 27.72
N ASP A 626 -21.59 1.60 27.23
CA ASP A 626 -21.66 0.42 28.11
C ASP A 626 -21.11 -0.79 27.36
N PRO A 627 -19.78 -0.94 27.46
CA PRO A 627 -19.05 -2.07 26.94
C PRO A 627 -18.83 -3.11 27.98
N TRP A 628 -19.33 -2.92 29.19
CA TRP A 628 -19.27 -4.03 30.15
C TRP A 628 -20.49 -4.90 29.92
N ALA A 629 -21.61 -4.25 29.59
CA ALA A 629 -22.79 -4.88 29.01
C ALA A 629 -22.87 -4.44 27.54
N PRO A 630 -22.28 -5.23 26.65
CA PRO A 630 -22.25 -4.81 25.27
C PRO A 630 -23.52 -5.22 24.57
N THR A 631 -24.13 -4.26 23.89
CA THR A 631 -25.30 -4.50 23.09
C THR A 631 -25.04 -5.54 22.00
N VAL A 632 -23.84 -5.53 21.48
CA VAL A 632 -23.41 -6.44 20.41
C VAL A 632 -21.97 -6.94 20.69
N ASP A 633 -21.80 -8.25 20.92
CA ASP A 633 -20.44 -8.81 21.13
C ASP A 633 -20.01 -9.71 20.00
N PHE A 634 -19.13 -9.19 19.14
CA PHE A 634 -18.86 -9.83 17.85
C PHE A 634 -18.43 -11.28 17.97
N SER A 635 -17.75 -11.62 19.05
CA SER A 635 -17.27 -12.98 19.25
C SER A 635 -18.39 -14.06 19.24
N ASP A 636 -19.56 -13.72 19.76
CA ASP A 636 -20.70 -14.63 19.69
C ASP A 636 -20.97 -15.17 18.28
N PHE A 637 -20.62 -14.37 17.27
CA PHE A 637 -20.72 -14.76 15.86
C PHE A 637 -19.92 -16.00 15.49
N ILE A 638 -18.81 -16.22 16.17
CA ILE A 638 -18.04 -17.44 15.97
C ILE A 638 -18.53 -18.49 16.96
N ASN A 639 -19.12 -19.57 16.43
CA ASN A 639 -19.89 -20.49 17.25
C ASN A 639 -19.97 -21.92 16.79
N ASN A 640 -18.95 -22.41 16.10
CA ASN A 640 -18.87 -23.84 15.71
C ASN A 640 -19.89 -24.17 14.63
N GLU A 641 -19.77 -23.54 13.48
CA GLU A 641 -20.69 -23.87 12.41
C GLU A 641 -19.93 -24.13 11.17
N THR A 642 -20.54 -24.84 10.23
CA THR A 642 -19.90 -25.02 8.93
C THR A 642 -19.81 -23.69 8.18
N ILE A 643 -18.75 -23.57 7.40
CA ILE A 643 -18.60 -22.48 6.48
C ILE A 643 -18.34 -23.11 5.12
N ALA A 644 -18.68 -24.37 4.99
CA ALA A 644 -18.57 -25.06 3.72
C ALA A 644 -19.86 -24.90 2.92
N GLY A 645 -19.84 -24.18 1.81
CA GLY A 645 -21.02 -24.11 0.94
C GLY A 645 -22.20 -23.37 1.51
N LYS A 646 -21.94 -22.26 2.19
CA LYS A 646 -22.98 -21.39 2.73
C LYS A 646 -22.84 -19.95 2.24
N ASP A 647 -23.82 -19.12 2.63
CA ASP A 647 -23.75 -17.69 2.44
C ASP A 647 -22.79 -17.21 3.50
N LEU A 648 -21.59 -16.90 3.06
CA LEU A 648 -20.55 -16.55 4.01
C LEU A 648 -20.28 -15.10 3.89
N VAL A 649 -19.90 -14.55 5.03
CA VAL A 649 -19.55 -13.15 5.17
C VAL A 649 -18.29 -13.04 5.99
N ALA A 650 -17.43 -12.14 5.54
CA ALA A 650 -16.09 -12.04 6.05
C ALA A 650 -16.00 -10.77 6.83
N TRP A 651 -15.11 -10.77 7.80
CA TRP A 651 -15.03 -9.67 8.73
C TRP A 651 -13.57 -9.29 8.97
N VAL A 652 -13.15 -8.32 8.20
CA VAL A 652 -11.79 -7.83 8.23
C VAL A 652 -11.65 -6.70 9.26
N THR A 653 -10.54 -6.73 9.99
CA THR A 653 -10.16 -5.71 10.96
C THR A 653 -8.82 -5.13 10.53
N ALA A 654 -8.70 -3.80 10.52
CA ALA A 654 -7.47 -3.15 10.03
C ALA A 654 -6.98 -2.00 10.92
N GLY A 655 -5.68 -1.86 11.10
CA GLY A 655 -5.18 -0.92 12.09
C GLY A 655 -3.68 -0.87 12.35
N PHE A 656 -3.32 0.00 13.27
CA PHE A 656 -1.94 0.38 13.45
C PHE A 656 -1.69 1.21 14.70
N LEU A 657 -0.44 1.22 15.13
CA LEU A 657 -0.03 1.91 16.35
C LEU A 657 0.46 3.30 16.00
N HIS A 658 -0.08 4.29 16.71
CA HIS A 658 0.32 5.69 16.56
C HIS A 658 1.00 6.20 17.82
N ILE A 659 2.28 6.50 17.67
CA ILE A 659 3.09 7.13 18.69
C ILE A 659 3.38 8.47 18.12
N PRO A 660 2.59 9.45 18.52
CA PRO A 660 2.70 10.77 17.92
C PRO A 660 4.10 11.35 17.98
N HIS A 661 4.38 12.32 17.14
CA HIS A 661 5.71 12.91 17.12
C HIS A 661 5.60 14.28 16.54
N ALA A 662 6.71 14.96 16.43
CA ALA A 662 6.67 16.33 15.96
C ALA A 662 6.09 16.51 14.55
N GLU A 663 6.14 15.50 13.71
CA GLU A 663 5.69 15.74 12.35
C GLU A 663 4.17 15.52 12.23
N ASP A 664 3.51 15.34 13.38
CA ASP A 664 2.06 15.28 13.41
C ASP A 664 1.54 16.66 13.76
N ILE A 665 2.42 17.67 13.69
CA ILE A 665 2.03 19.05 13.93
C ILE A 665 2.15 19.90 12.67
N PRO A 666 1.04 20.57 12.30
CA PRO A 666 -0.27 20.60 13.02
C PRO A 666 -1.10 19.32 12.90
N ASN A 667 -1.03 18.68 11.74
CA ASN A 667 -1.88 17.55 11.45
C ASN A 667 -1.10 16.29 11.19
N THR A 668 -1.71 15.14 11.54
CA THR A 668 -1.30 13.79 11.12
C THR A 668 -1.44 13.70 9.62
N VAL A 669 -0.65 12.87 8.98
CA VAL A 669 -0.59 12.91 7.54
C VAL A 669 -0.85 11.54 6.99
N THR A 670 -1.53 11.48 5.86
CA THR A 670 -1.88 10.21 5.22
C THR A 670 -0.68 9.28 5.01
N VAL A 671 0.35 9.78 4.35
CA VAL A 671 1.39 8.93 3.81
C VAL A 671 1.82 7.78 4.74
N GLY A 672 1.45 6.54 4.39
CA GLY A 672 1.81 5.37 5.19
C GLY A 672 0.83 4.96 6.29
N ASN A 673 -0.02 5.90 6.71
CA ASN A 673 -1.13 5.60 7.63
C ASN A 673 -2.36 4.95 6.97
N GLY A 674 -2.30 4.76 5.64
CA GLY A 674 -3.36 4.07 4.88
C GLY A 674 -3.38 2.60 5.21
N VAL A 675 -4.55 2.02 5.29
CA VAL A 675 -4.68 0.70 5.87
C VAL A 675 -5.99 0.14 5.42
N GLY A 676 -6.01 -1.12 5.01
CA GLY A 676 -7.24 -1.74 4.52
C GLY A 676 -7.11 -3.18 4.06
N PHE A 677 -7.58 -3.46 2.84
CA PHE A 677 -7.50 -4.81 2.30
C PHE A 677 -7.87 -4.88 0.82
N PHE A 678 -7.55 -6.02 0.23
CA PHE A 678 -7.81 -6.22 -1.17
C PHE A 678 -8.73 -7.40 -1.37
N LEU A 679 -9.59 -7.25 -2.38
CA LEU A 679 -10.43 -8.32 -2.84
C LEU A 679 -10.05 -8.61 -4.29
N ARG A 680 -9.31 -9.70 -4.45
CA ARG A 680 -8.68 -9.99 -5.71
C ARG A 680 -9.20 -11.27 -6.28
N PRO A 681 -9.48 -11.27 -7.57
CA PRO A 681 -10.03 -12.44 -8.23
C PRO A 681 -8.95 -13.51 -8.37
N TYR A 682 -9.36 -14.77 -8.27
CA TYR A 682 -8.40 -15.88 -8.23
C TYR A 682 -9.04 -17.13 -8.85
N ASN A 683 -8.72 -17.30 -10.13
CA ASN A 683 -9.37 -18.27 -11.01
C ASN A 683 -10.88 -18.11 -11.09
N PHE A 684 -11.33 -16.88 -10.88
CA PHE A 684 -12.71 -16.55 -10.98
C PHE A 684 -13.01 -16.39 -12.46
N PHE A 685 -12.11 -15.75 -13.17
CA PHE A 685 -12.22 -15.61 -14.60
C PHE A 685 -11.55 -16.76 -15.31
N ASP A 686 -11.44 -16.65 -16.62
CA ASP A 686 -10.67 -17.55 -17.42
C ASP A 686 -9.42 -16.83 -18.00
N GLU A 687 -9.42 -15.51 -17.88
CA GLU A 687 -8.28 -14.67 -18.21
C GLU A 687 -8.48 -13.31 -17.63
N ASP A 688 -7.38 -12.59 -17.50
CA ASP A 688 -7.47 -11.23 -17.01
C ASP A 688 -8.39 -10.41 -17.92
N PRO A 689 -9.52 -9.97 -17.35
CA PRO A 689 -10.53 -9.14 -17.99
C PRO A 689 -9.99 -7.94 -18.72
N SER A 690 -8.90 -7.36 -18.23
CA SER A 690 -8.39 -6.17 -18.85
C SER A 690 -7.82 -6.44 -20.22
N PHE A 691 -7.79 -7.72 -20.62
CA PHE A 691 -7.30 -8.08 -21.95
C PHE A 691 -8.13 -7.37 -23.02
N TYR A 692 -9.42 -7.25 -22.70
CA TYR A 692 -10.41 -6.61 -23.57
C TYR A 692 -10.60 -5.13 -23.38
N SER A 693 -9.90 -4.51 -22.43
CA SER A 693 -10.04 -3.07 -22.25
C SER A 693 -9.89 -2.23 -23.55
N ALA A 694 -10.55 -1.07 -23.55
CA ALA A 694 -10.51 -0.16 -24.69
C ALA A 694 -9.25 0.65 -24.72
N ASP A 695 -8.76 0.98 -23.55
CA ASP A 695 -7.62 1.88 -23.44
C ASP A 695 -6.27 1.11 -23.51
N SER A 696 -6.37 -0.22 -23.53
CA SER A 696 -5.28 -1.13 -23.91
C SER A 696 -4.50 -0.62 -25.10
N ILE A 697 -3.18 -0.83 -25.09
CA ILE A 697 -2.26 -0.44 -26.20
C ILE A 697 -1.33 -1.56 -26.64
N TYR A 698 -1.10 -1.64 -27.94
CA TYR A 698 -0.27 -2.68 -28.48
C TYR A 698 0.24 -2.24 -29.81
N PHE A 699 1.48 -2.62 -30.10
CA PHE A 699 2.02 -2.49 -31.45
C PHE A 699 3.27 -3.30 -31.62
N ARG A 700 3.55 -3.69 -32.85
CA ARG A 700 4.71 -4.52 -33.13
C ARG A 700 5.91 -3.69 -33.54
N GLY A 701 7.07 -4.34 -33.56
CA GLY A 701 8.30 -3.70 -33.96
C GLY A 701 8.20 -3.24 -35.40
N ASP A 702 7.58 -4.07 -36.23
CA ASP A 702 7.42 -3.75 -37.65
C ASP A 702 6.46 -2.59 -37.95
N GLN A 703 5.73 -2.10 -36.94
CA GLN A 703 4.75 -1.01 -37.12
C GLN A 703 5.32 0.39 -36.84
N ASP A 704 4.48 1.41 -37.12
CA ASP A 704 4.71 2.80 -36.71
C ASP A 704 3.82 3.02 -35.49
N ALA A 705 4.42 3.29 -34.34
CA ALA A 705 3.67 3.60 -33.11
C ALA A 705 3.13 5.06 -33.01
N GLY A 706 3.57 5.93 -33.92
CA GLY A 706 3.06 7.29 -33.99
C GLY A 706 1.79 7.40 -34.82
N ALA A 707 1.16 6.27 -35.11
CA ALA A 707 -0.02 6.25 -35.98
C ALA A 707 -1.29 6.18 -35.15
N CYS A 708 -2.28 7.01 -35.46
CA CYS A 708 -3.54 6.93 -34.75
C CYS A 708 -4.12 5.53 -34.83
N GLU A 709 -3.81 4.82 -35.91
CA GLU A 709 -4.48 3.55 -36.27
C GLU A 709 -3.81 2.35 -35.61
N VAL A 710 -2.57 2.57 -35.21
CA VAL A 710 -1.81 1.67 -34.38
C VAL A 710 -2.05 2.00 -32.91
N ASN A 711 -1.95 3.28 -32.59
CA ASN A 711 -1.89 3.73 -31.22
C ASN A 711 -2.84 4.89 -30.92
N PRO A 712 -3.83 4.66 -30.03
CA PRO A 712 -4.69 5.71 -29.55
C PRO A 712 -3.94 6.95 -29.07
N LEU A 713 -2.73 6.75 -28.56
CA LEU A 713 -1.96 7.82 -27.97
C LEU A 713 -1.32 8.74 -29.01
N ALA A 714 -1.14 8.24 -30.23
CA ALA A 714 -0.81 9.14 -31.31
C ALA A 714 -1.84 10.28 -31.46
N CYS A 715 -3.09 10.04 -31.06
CA CYS A 715 -4.20 11.00 -31.25
C CYS A 715 -4.36 12.02 -30.14
N LEU A 716 -3.58 11.89 -29.06
CA LEU A 716 -3.80 12.74 -27.89
C LEU A 716 -3.13 14.11 -27.94
N PRO A 717 -2.40 14.44 -29.04
CA PRO A 717 -2.14 15.87 -29.26
C PRO A 717 -3.28 16.62 -29.95
N GLN A 718 -3.76 16.12 -31.09
CA GLN A 718 -4.81 16.83 -31.88
C GLN A 718 -6.15 16.82 -31.15
N ALA A 719 -6.67 15.62 -30.92
CA ALA A 719 -7.74 15.43 -29.95
C ALA A 719 -7.11 15.44 -28.54
N ALA A 720 -7.92 15.73 -27.51
CA ALA A 720 -7.47 15.80 -26.10
C ALA A 720 -6.88 17.16 -25.69
N ALA A 721 -6.65 18.02 -26.68
CA ALA A 721 -6.53 19.44 -26.44
C ALA A 721 -7.92 19.99 -26.06
N CYS A 722 -7.90 21.13 -25.39
CA CYS A 722 -9.06 21.72 -24.70
C CYS A 722 -9.55 20.94 -23.47
N ALA A 723 -9.21 21.52 -22.31
CA ALA A 723 -9.56 21.02 -21.01
C ALA A 723 -10.75 21.85 -20.64
N PRO A 724 -11.54 21.37 -19.69
CA PRO A 724 -12.79 22.06 -19.40
C PRO A 724 -12.61 23.38 -18.70
N ASP A 725 -13.52 24.32 -18.93
CA ASP A 725 -13.65 25.47 -18.05
C ASP A 725 -14.20 24.90 -16.78
N LEU A 726 -13.63 25.34 -15.66
CA LEU A 726 -13.89 24.69 -14.39
C LEU A 726 -14.98 25.41 -13.63
N PRO A 727 -15.74 24.65 -12.85
CA PRO A 727 -16.71 25.19 -11.90
C PRO A 727 -16.06 26.14 -10.91
N ALA A 728 -16.68 27.26 -10.61
CA ALA A 728 -16.09 28.13 -9.61
C ALA A 728 -16.27 27.47 -8.27
N PHE A 729 -15.21 27.53 -7.48
CA PHE A 729 -15.17 26.85 -6.23
C PHE A 729 -16.46 27.15 -5.47
N SER A 730 -17.08 26.11 -4.96
CA SER A 730 -18.11 26.22 -3.97
C SER A 730 -17.69 25.35 -2.79
N HIS A 731 -17.86 25.82 -1.56
CA HIS A 731 -17.66 24.94 -0.39
C HIS A 731 -19.03 24.71 0.27
N GLY A 732 -19.21 23.54 0.85
CA GLY A 732 -20.50 23.15 1.43
C GLY A 732 -20.82 23.60 2.86
N GLY A 733 -19.96 24.40 3.46
CA GLY A 733 -20.25 25.06 4.76
C GLY A 733 -20.27 24.19 6.00
N PHE A 734 -20.56 24.81 7.15
CA PHE A 734 -20.34 24.22 8.47
C PHE A 734 -21.62 23.98 9.28
N SER A 735 -21.49 23.21 10.35
CA SER A 735 -22.47 23.06 11.44
C SER A 735 -23.81 22.43 11.06
N HIS A 736 -24.78 23.25 10.62
CA HIS A 736 -26.11 22.77 10.17
C HIS A 736 -26.47 23.43 8.82
N ASN A 737 -26.01 22.81 7.72
CA ASN A 737 -26.12 23.39 6.38
C ASN A 737 -26.81 22.45 5.39
N SER B 31 28.55 19.34 -12.75
CA SER B 31 29.74 18.68 -12.14
C SER B 31 29.35 17.51 -11.24
N GLN B 32 28.46 16.61 -11.70
CA GLN B 32 28.09 15.50 -10.86
C GLN B 32 28.81 14.24 -11.15
N LEU B 33 28.83 13.43 -10.12
CA LEU B 33 29.77 12.36 -9.94
C LEU B 33 29.03 11.12 -9.53
N PHE B 34 27.72 11.12 -9.69
CA PHE B 34 26.94 9.93 -9.56
C PHE B 34 26.24 9.69 -10.87
N ALA B 35 26.75 10.40 -11.87
CA ALA B 35 26.12 10.45 -13.16
C ALA B 35 26.72 9.32 -13.94
N ASP B 36 25.86 8.47 -14.49
CA ASP B 36 26.34 7.30 -15.23
C ASP B 36 27.20 7.80 -16.42
N LEU B 37 27.91 6.92 -17.10
CA LEU B 37 28.88 7.39 -18.09
C LEU B 37 28.25 7.78 -19.39
N SER B 38 28.85 8.75 -20.07
CA SER B 38 28.37 9.24 -21.36
C SER B 38 28.83 8.34 -22.43
N ARG B 39 28.20 8.46 -23.59
CA ARG B 39 28.70 7.79 -24.77
C ARG B 39 30.19 8.17 -24.97
N GLU B 40 30.47 9.46 -24.82
CA GLU B 40 31.82 9.94 -25.05
C GLU B 40 32.80 9.36 -24.04
N GLU B 41 32.35 9.17 -22.81
CA GLU B 41 33.19 8.56 -21.78
C GLU B 41 33.44 7.08 -22.08
N LEU B 42 32.53 6.44 -22.79
CA LEU B 42 32.68 5.01 -23.01
C LEU B 42 33.57 4.83 -24.23
N THR B 43 33.17 5.44 -25.34
CA THR B 43 34.03 5.52 -26.53
C THR B 43 35.44 5.83 -26.05
N ALA B 44 35.56 6.71 -25.06
CA ALA B 44 36.85 7.06 -24.46
C ALA B 44 37.54 5.92 -23.67
N VAL B 45 36.83 5.20 -22.82
CA VAL B 45 37.49 4.14 -22.06
C VAL B 45 37.80 2.97 -22.94
N MET B 46 36.86 2.62 -23.80
CA MET B 46 37.07 1.48 -24.65
C MET B 46 38.36 1.65 -25.41
N ARG B 47 38.47 2.72 -26.18
CA ARG B 47 39.64 2.86 -27.04
C ARG B 47 40.93 2.83 -26.21
N PHE B 48 40.84 3.24 -24.94
CA PHE B 48 41.97 3.10 -24.00
C PHE B 48 42.29 1.65 -23.69
N LEU B 49 41.29 0.87 -23.30
CA LEU B 49 41.50 -0.55 -23.13
C LEU B 49 42.14 -1.11 -24.38
N THR B 50 41.41 -1.08 -25.49
CA THR B 50 41.80 -1.78 -26.71
C THR B 50 43.29 -1.65 -27.04
N GLN B 51 43.78 -0.43 -27.19
CA GLN B 51 45.20 -0.28 -27.52
C GLN B 51 46.08 -0.95 -26.47
N ARG B 52 45.72 -0.81 -25.20
CA ARG B 52 46.54 -1.26 -24.08
C ARG B 52 46.12 -2.60 -23.46
N LEU B 53 45.76 -3.56 -24.32
CA LEU B 53 45.54 -4.98 -23.95
C LEU B 53 46.10 -5.84 -25.07
N GLY B 54 47.15 -5.30 -25.71
CA GLY B 54 47.64 -5.77 -27.00
C GLY B 54 46.47 -6.07 -27.91
N PRO B 55 46.64 -7.05 -28.80
CA PRO B 55 45.49 -7.71 -29.35
C PRO B 55 45.33 -9.07 -28.65
N GLY B 56 44.70 -10.00 -29.36
CA GLY B 56 44.03 -11.15 -28.75
C GLY B 56 42.60 -10.73 -28.52
N LEU B 57 42.28 -9.47 -28.84
CA LEU B 57 41.04 -8.92 -28.34
C LEU B 57 39.94 -9.01 -29.35
N VAL B 58 38.81 -9.49 -28.85
CA VAL B 58 37.68 -9.76 -29.65
C VAL B 58 36.56 -8.93 -29.12
N ASP B 59 35.66 -8.60 -30.03
CA ASP B 59 34.43 -7.97 -29.64
C ASP B 59 33.59 -8.96 -28.87
N ALA B 60 33.23 -8.59 -27.66
CA ALA B 60 32.44 -9.46 -26.80
C ALA B 60 31.20 -9.93 -27.54
N ALA B 61 30.70 -9.07 -28.41
CA ALA B 61 29.47 -9.32 -29.16
C ALA B 61 29.41 -10.70 -29.74
N GLN B 62 30.56 -11.20 -30.18
CA GLN B 62 30.59 -12.47 -30.88
C GLN B 62 31.88 -13.28 -30.63
N ALA B 63 32.30 -13.29 -29.38
CA ALA B 63 33.43 -14.08 -29.02
C ALA B 63 33.02 -15.44 -28.50
N ARG B 64 33.93 -16.38 -28.69
CA ARG B 64 33.84 -17.73 -28.18
C ARG B 64 34.45 -17.73 -26.80
N PRO B 65 34.20 -18.77 -26.02
CA PRO B 65 34.75 -18.86 -24.67
C PRO B 65 36.25 -18.67 -24.63
N SER B 66 36.91 -19.15 -25.67
CA SER B 66 38.36 -19.13 -25.74
C SER B 66 38.97 -17.77 -26.03
N ASP B 67 38.15 -16.72 -26.05
CA ASP B 67 38.63 -15.37 -26.42
C ASP B 67 38.75 -14.39 -25.26
N ASN B 68 39.41 -13.28 -25.55
CA ASN B 68 39.40 -12.14 -24.67
C ASN B 68 38.41 -11.13 -25.17
N CYS B 69 37.67 -10.55 -24.24
CA CYS B 69 36.70 -9.56 -24.64
C CYS B 69 36.21 -8.72 -23.47
N VAL B 70 35.68 -7.55 -23.81
CA VAL B 70 35.19 -6.63 -22.82
C VAL B 70 33.68 -6.81 -22.69
N PHE B 71 33.29 -7.30 -21.51
CA PHE B 71 31.90 -7.58 -21.22
C PHE B 71 31.10 -6.32 -20.88
N SER B 72 31.62 -5.58 -19.91
CA SER B 72 30.97 -4.39 -19.39
C SER B 72 31.98 -3.27 -19.23
N VAL B 73 31.60 -2.08 -19.64
CA VAL B 73 32.21 -0.87 -19.11
C VAL B 73 31.12 0.02 -18.51
N GLU B 74 31.24 0.31 -17.23
CA GLU B 74 30.23 1.07 -16.55
C GLU B 74 30.82 1.95 -15.44
N LEU B 75 30.00 2.83 -14.86
CA LEU B 75 30.50 3.74 -13.81
C LEU B 75 31.05 2.97 -12.62
N GLN B 76 32.13 3.52 -12.09
CA GLN B 76 32.69 3.05 -10.84
C GLN B 76 32.30 4.08 -9.83
N LEU B 77 31.60 3.67 -8.79
CA LEU B 77 31.16 4.60 -7.77
C LEU B 77 32.30 5.20 -6.97
N PRO B 78 32.18 6.46 -6.58
CA PRO B 78 33.25 7.05 -5.80
C PRO B 78 33.16 6.66 -4.32
N PRO B 79 34.25 6.88 -3.56
CA PRO B 79 34.20 6.69 -2.13
C PRO B 79 33.52 7.86 -1.37
N LYS B 80 32.82 7.50 -0.31
CA LYS B 80 31.90 8.38 0.37
C LYS B 80 32.63 9.56 0.98
N ALA B 81 33.78 9.29 1.57
CA ALA B 81 34.61 10.31 2.19
C ALA B 81 34.88 11.48 1.24
N ALA B 82 35.60 11.18 0.17
CA ALA B 82 35.99 12.17 -0.81
C ALA B 82 34.78 12.83 -1.43
N ALA B 83 33.74 12.04 -1.64
CA ALA B 83 32.51 12.53 -2.23
C ALA B 83 31.90 13.64 -1.39
N LEU B 84 31.73 13.42 -0.09
CA LEU B 84 31.11 14.45 0.75
C LEU B 84 32.07 15.60 0.93
N ALA B 85 33.31 15.25 1.23
CA ALA B 85 34.35 16.22 1.28
C ALA B 85 34.21 17.16 0.06
N HIS B 86 34.08 16.58 -1.11
CA HIS B 86 33.90 17.37 -2.32
C HIS B 86 32.65 18.23 -2.28
N LEU B 87 31.54 17.60 -1.95
CA LEU B 87 30.23 18.24 -1.97
C LEU B 87 30.05 19.24 -0.85
N ASP B 88 30.25 18.82 0.39
CA ASP B 88 29.95 19.69 1.52
C ASP B 88 31.10 20.58 1.99
N ARG B 89 32.22 20.61 1.26
CA ARG B 89 33.42 21.38 1.65
C ARG B 89 34.31 21.72 0.47
N GLY B 90 33.76 22.25 -0.59
CA GLY B 90 34.58 22.64 -1.74
C GLY B 90 35.65 21.68 -2.30
N SER B 91 36.14 20.73 -1.50
CA SER B 91 37.30 19.91 -1.89
C SER B 91 37.26 19.60 -3.35
N PRO B 92 38.41 19.65 -4.05
CA PRO B 92 38.32 19.14 -5.41
C PRO B 92 37.77 17.72 -5.38
N PRO B 93 37.11 17.33 -6.46
CA PRO B 93 36.39 16.07 -6.50
C PRO B 93 37.29 14.85 -6.71
N PRO B 94 36.98 13.72 -6.02
CA PRO B 94 37.67 12.44 -6.22
C PRO B 94 37.67 12.05 -7.67
N ALA B 95 38.70 11.31 -8.10
CA ALA B 95 38.86 10.90 -9.50
C ALA B 95 37.61 10.23 -10.09
N ARG B 96 37.27 10.52 -11.35
CA ARG B 96 36.11 9.89 -11.98
C ARG B 96 36.50 8.65 -12.77
N GLU B 97 36.15 7.48 -12.22
CA GLU B 97 36.65 6.18 -12.68
C GLU B 97 35.55 5.26 -13.23
N ALA B 98 35.97 4.23 -13.96
CA ALA B 98 35.06 3.26 -14.60
C ALA B 98 35.42 1.82 -14.26
N LEU B 99 34.49 0.88 -14.41
CA LEU B 99 34.77 -0.51 -14.11
C LEU B 99 34.48 -1.39 -15.31
N ALA B 100 35.58 -1.93 -15.84
CA ALA B 100 35.57 -2.86 -16.98
C ALA B 100 35.60 -4.35 -16.52
N ILE B 101 34.65 -5.15 -17.00
CA ILE B 101 34.63 -6.57 -16.70
C ILE B 101 35.11 -7.28 -17.95
N VAL B 102 36.21 -8.01 -17.78
CA VAL B 102 36.94 -8.52 -18.91
C VAL B 102 37.08 -10.01 -18.84
N PHE B 103 36.84 -10.63 -19.98
CA PHE B 103 36.77 -12.05 -20.08
C PHE B 103 38.09 -12.50 -20.69
N PHE B 104 38.86 -13.29 -19.94
CA PHE B 104 40.17 -13.76 -20.40
C PHE B 104 40.15 -15.22 -20.75
N GLY B 105 39.53 -15.47 -21.91
CA GLY B 105 39.51 -16.78 -22.54
C GLY B 105 40.90 -17.25 -22.92
N ARG B 106 41.49 -16.61 -23.94
CA ARG B 106 42.83 -16.96 -24.45
C ARG B 106 43.98 -16.84 -23.44
N GLN B 107 44.29 -17.97 -22.79
CA GLN B 107 45.33 -18.11 -21.77
C GLN B 107 44.95 -19.37 -21.01
N PRO B 108 45.95 -20.15 -20.58
CA PRO B 108 45.65 -21.37 -19.80
C PRO B 108 45.27 -21.18 -18.30
N GLN B 109 44.96 -19.97 -17.87
CA GLN B 109 44.50 -19.73 -16.52
C GLN B 109 43.33 -18.82 -16.63
N PRO B 110 42.29 -19.26 -17.34
CA PRO B 110 41.33 -18.30 -17.85
C PRO B 110 40.58 -17.63 -16.71
N ASN B 111 40.28 -16.36 -16.91
CA ASN B 111 40.13 -15.43 -15.81
C ASN B 111 39.13 -14.38 -16.21
N VAL B 112 38.27 -14.03 -15.27
CA VAL B 112 37.49 -12.80 -15.39
C VAL B 112 38.09 -11.77 -14.45
N SER B 113 38.48 -10.65 -15.02
CA SER B 113 39.11 -9.60 -14.26
C SER B 113 38.26 -8.35 -14.29
N GLU B 114 37.94 -7.86 -13.09
CA GLU B 114 37.44 -6.51 -12.84
C GLU B 114 38.64 -5.53 -12.80
N LEU B 115 38.70 -4.64 -13.79
CA LEU B 115 39.75 -3.63 -13.95
C LEU B 115 39.20 -2.24 -13.82
N VAL B 116 39.80 -1.43 -12.96
CA VAL B 116 39.38 -0.04 -12.89
C VAL B 116 40.18 0.75 -13.88
N VAL B 117 39.50 1.66 -14.57
CA VAL B 117 40.12 2.53 -15.56
C VAL B 117 39.82 3.99 -15.21
N GLY B 118 40.80 4.86 -15.40
CA GLY B 118 40.58 6.26 -15.10
C GLY B 118 41.68 7.14 -15.67
N PRO B 119 41.65 8.44 -15.33
CA PRO B 119 40.49 9.07 -14.77
C PRO B 119 39.72 9.58 -15.95
N LEU B 120 38.48 9.93 -15.75
CA LEU B 120 37.72 10.51 -16.82
C LEU B 120 37.85 11.99 -16.64
N PRO B 121 37.77 12.72 -17.75
CA PRO B 121 37.32 12.32 -19.06
C PRO B 121 38.39 11.73 -19.96
N HIS B 122 39.65 11.85 -19.60
CA HIS B 122 40.67 11.33 -20.45
C HIS B 122 41.38 10.24 -19.67
N PRO B 123 41.04 8.99 -19.98
CA PRO B 123 41.57 7.90 -19.21
C PRO B 123 43.05 7.74 -19.50
N SER B 124 43.77 7.30 -18.48
CA SER B 124 45.23 7.15 -18.52
C SER B 124 45.81 6.02 -17.62
N TYR B 125 44.99 5.34 -16.83
CA TYR B 125 45.49 4.25 -15.97
C TYR B 125 44.52 3.10 -15.95
N MET B 126 44.92 2.00 -15.32
CA MET B 126 44.09 0.79 -15.26
C MET B 126 44.55 -0.14 -14.13
N ARG B 127 43.65 -0.83 -13.45
CA ARG B 127 44.04 -1.56 -12.24
C ARG B 127 43.25 -2.85 -11.97
N ASP B 128 43.94 -3.98 -11.90
CA ASP B 128 43.28 -5.23 -11.56
C ASP B 128 42.90 -5.20 -10.05
N VAL B 129 41.67 -4.78 -9.78
CA VAL B 129 41.14 -4.82 -8.42
C VAL B 129 40.78 -6.27 -8.03
N THR B 130 40.50 -7.09 -9.04
CA THR B 130 39.96 -8.46 -8.88
C THR B 130 40.35 -9.12 -7.57
N VAL B 131 41.64 -9.08 -7.28
CA VAL B 131 42.17 -9.87 -6.20
C VAL B 131 41.74 -9.31 -4.90
N GLU B 132 42.09 -8.05 -4.71
CA GLU B 132 41.80 -7.38 -3.47
C GLU B 132 40.30 -7.26 -3.24
N ARG B 133 39.51 -7.29 -4.30
CA ARG B 133 38.07 -7.32 -4.09
C ARG B 133 37.63 -8.62 -3.43
N HIS B 134 37.85 -9.74 -4.11
CA HIS B 134 37.22 -10.98 -3.69
C HIS B 134 38.15 -11.84 -2.92
N GLY B 135 39.35 -12.03 -3.46
CA GLY B 135 40.34 -12.82 -2.79
C GLY B 135 41.13 -13.57 -3.81
N GLY B 136 40.44 -14.39 -4.61
CA GLY B 136 41.09 -15.14 -5.67
C GLY B 136 41.29 -14.24 -6.87
N PRO B 137 41.32 -14.84 -8.06
CA PRO B 137 40.83 -14.21 -9.26
C PRO B 137 39.48 -14.86 -9.51
N LEU B 138 38.86 -14.59 -10.64
CA LEU B 138 37.53 -15.14 -10.84
C LEU B 138 37.52 -16.37 -11.75
N PRO B 139 37.04 -17.49 -11.19
CA PRO B 139 36.82 -18.71 -11.94
C PRO B 139 36.08 -18.38 -13.21
N TYR B 140 36.66 -18.73 -14.34
CA TYR B 140 36.13 -18.31 -15.64
C TYR B 140 34.72 -18.80 -15.88
N HIS B 141 34.25 -19.74 -15.08
CA HIS B 141 32.89 -20.23 -15.24
C HIS B 141 31.79 -19.42 -14.52
N ARG B 142 32.19 -18.42 -13.73
CA ARG B 142 31.21 -17.52 -13.11
C ARG B 142 30.75 -16.41 -14.05
N ARG B 143 31.44 -16.31 -15.19
CA ARG B 143 31.10 -15.35 -16.22
C ARG B 143 29.68 -15.62 -16.68
N PRO B 144 28.86 -14.58 -16.80
CA PRO B 144 27.53 -14.94 -17.30
C PRO B 144 27.58 -15.18 -18.80
N VAL B 145 26.61 -15.89 -19.30
CA VAL B 145 26.64 -16.38 -20.67
C VAL B 145 26.53 -15.26 -21.69
N LEU B 146 27.42 -15.24 -22.66
CA LEU B 146 27.34 -14.20 -23.67
C LEU B 146 26.18 -14.45 -24.60
N PHE B 147 25.76 -13.38 -25.25
CA PHE B 147 24.88 -13.50 -26.40
C PHE B 147 25.44 -14.50 -27.39
N GLN B 148 26.70 -14.35 -27.77
CA GLN B 148 27.31 -15.32 -28.68
C GLN B 148 27.22 -16.74 -28.17
N GLU B 149 27.44 -16.91 -26.87
CA GLU B 149 27.30 -18.20 -26.27
C GLU B 149 25.85 -18.70 -26.37
N TYR B 150 24.90 -17.93 -25.83
CA TYR B 150 23.46 -18.31 -25.91
C TYR B 150 23.12 -18.84 -27.29
N LEU B 151 23.72 -18.20 -28.26
CA LEU B 151 23.37 -18.34 -29.63
C LEU B 151 23.95 -19.62 -30.20
N ASP B 152 25.20 -19.89 -29.85
CA ASP B 152 25.87 -21.15 -30.18
C ASP B 152 25.23 -22.34 -29.55
N ILE B 153 24.63 -22.11 -28.41
CA ILE B 153 23.86 -23.14 -27.83
C ILE B 153 22.62 -23.39 -28.72
N ASP B 154 21.81 -22.39 -29.03
CA ASP B 154 20.62 -22.62 -29.89
C ASP B 154 21.01 -23.37 -31.18
N GLN B 155 21.80 -22.74 -32.03
CA GLN B 155 22.71 -23.40 -32.97
C GLN B 155 22.96 -24.94 -32.90
N MET B 156 23.49 -25.41 -31.78
CA MET B 156 23.73 -26.85 -31.60
C MET B 156 22.42 -27.58 -31.45
N ILE B 157 21.52 -27.02 -30.66
CA ILE B 157 20.25 -27.67 -30.39
C ILE B 157 19.47 -27.82 -31.71
N PHE B 158 19.21 -26.68 -32.36
CA PHE B 158 18.44 -26.65 -33.58
C PHE B 158 19.06 -27.47 -34.69
N ASN B 159 20.38 -27.60 -34.74
CA ASN B 159 21.01 -28.32 -35.86
C ASN B 159 21.75 -29.60 -35.58
N ARG B 160 22.35 -29.75 -34.41
CA ARG B 160 22.93 -31.04 -34.12
C ARG B 160 21.79 -31.83 -33.53
N GLU B 161 21.31 -31.39 -32.39
CA GLU B 161 20.51 -32.26 -31.55
C GLU B 161 19.13 -32.54 -32.09
N LEU B 162 18.30 -31.50 -32.20
CA LEU B 162 16.85 -31.70 -32.36
C LEU B 162 16.41 -32.64 -33.48
N PRO B 163 17.10 -32.58 -34.61
CA PRO B 163 16.62 -33.42 -35.72
C PRO B 163 16.61 -34.94 -35.43
N GLN B 164 17.24 -35.34 -34.35
CA GLN B 164 17.19 -36.73 -33.91
C GLN B 164 15.81 -37.16 -33.42
N ALA B 165 14.97 -36.20 -33.12
CA ALA B 165 13.59 -36.54 -32.86
C ALA B 165 12.64 -35.88 -33.88
N SER B 166 13.15 -35.56 -35.06
CA SER B 166 12.32 -34.95 -36.08
C SER B 166 10.98 -35.69 -36.17
N GLY B 167 11.03 -37.01 -36.03
CA GLY B 167 9.82 -37.83 -36.00
C GLY B 167 8.81 -37.45 -34.92
N LEU B 168 9.24 -37.54 -33.66
CA LEU B 168 8.37 -37.18 -32.56
C LEU B 168 7.82 -35.79 -32.65
N LEU B 169 8.68 -34.86 -33.01
CA LEU B 169 8.34 -33.44 -33.00
C LEU B 169 7.44 -33.06 -34.16
N HIS B 170 7.31 -33.96 -35.12
CA HIS B 170 6.33 -33.77 -36.12
C HIS B 170 4.96 -34.05 -35.52
N HIS B 171 4.87 -35.18 -34.83
CA HIS B 171 3.60 -35.60 -34.31
C HIS B 171 3.26 -34.84 -33.04
N CYS B 172 4.29 -34.30 -32.40
CA CYS B 172 4.07 -33.56 -31.18
C CYS B 172 3.62 -32.16 -31.50
N CYS B 173 4.31 -31.51 -32.45
CA CYS B 173 4.32 -30.05 -32.46
C CYS B 173 4.98 -29.44 -33.72
N PHE B 174 4.43 -29.84 -34.85
CA PHE B 174 4.56 -29.14 -36.12
C PHE B 174 5.93 -28.93 -36.71
N TYR B 175 6.84 -29.87 -36.46
CA TYR B 175 8.26 -29.62 -36.61
C TYR B 175 8.66 -28.86 -37.90
N LYS B 176 8.95 -29.57 -38.99
CA LYS B 176 9.54 -28.94 -40.20
C LYS B 176 10.64 -27.93 -39.89
N HIS B 177 11.56 -27.66 -40.81
CA HIS B 177 12.26 -28.66 -41.61
C HIS B 177 13.54 -28.85 -40.79
N ARG B 178 13.85 -27.82 -40.00
CA ARG B 178 15.02 -27.70 -39.12
C ARG B 178 14.61 -27.36 -37.66
N GLY B 179 13.60 -26.50 -37.47
CA GLY B 179 13.21 -25.97 -36.14
C GLY B 179 13.19 -24.43 -36.08
N ARG B 180 12.63 -23.81 -37.12
CA ARG B 180 12.38 -22.38 -37.16
C ARG B 180 11.12 -22.02 -36.34
N ASN B 181 10.23 -23.02 -36.15
CA ASN B 181 8.98 -22.87 -35.38
C ASN B 181 9.15 -22.82 -33.86
N LEU B 182 10.32 -23.17 -33.36
CA LEU B 182 10.51 -23.34 -31.94
C LEU B 182 11.63 -22.49 -31.44
N VAL B 183 11.73 -22.42 -30.12
CA VAL B 183 12.70 -21.53 -29.51
C VAL B 183 12.86 -21.76 -27.98
N THR B 184 13.99 -21.31 -27.42
CA THR B 184 14.45 -21.80 -26.11
C THR B 184 14.55 -20.73 -25.06
N MET B 185 14.60 -21.16 -23.79
CA MET B 185 14.70 -20.20 -22.69
C MET B 185 15.63 -20.68 -21.59
N THR B 186 16.48 -19.79 -21.11
CA THR B 186 17.51 -20.08 -20.12
C THR B 186 16.99 -20.46 -18.74
N THR B 187 17.82 -21.02 -17.87
CA THR B 187 17.39 -21.14 -16.47
C THR B 187 18.43 -20.87 -15.37
N ALA B 188 17.86 -20.62 -14.19
CA ALA B 188 18.27 -21.20 -12.90
C ALA B 188 19.63 -20.75 -12.49
N PRO B 189 20.28 -21.51 -11.59
CA PRO B 189 21.71 -21.61 -11.74
C PRO B 189 21.97 -22.73 -12.74
N ARG B 190 23.22 -22.95 -13.13
CA ARG B 190 23.46 -23.85 -14.24
C ARG B 190 24.32 -25.00 -13.76
N GLY B 191 23.69 -26.03 -13.22
CA GLY B 191 24.40 -27.13 -12.59
C GLY B 191 23.98 -27.35 -11.15
N LEU B 192 24.55 -28.34 -10.49
CA LEU B 192 24.07 -28.78 -9.17
C LEU B 192 25.07 -28.52 -8.03
N GLN B 193 26.29 -28.12 -8.40
CA GLN B 193 27.38 -27.92 -7.44
C GLN B 193 28.39 -27.02 -8.09
N SER B 194 29.31 -26.50 -7.29
CA SER B 194 30.13 -25.36 -7.75
C SER B 194 31.01 -25.60 -8.99
N GLY B 195 30.89 -24.72 -9.97
CA GLY B 195 31.69 -24.83 -11.16
C GLY B 195 31.08 -25.67 -12.26
N ASP B 196 29.84 -26.12 -12.08
CA ASP B 196 29.09 -26.70 -13.19
C ASP B 196 28.77 -25.60 -14.24
N ARG B 197 28.37 -25.98 -15.47
CA ARG B 197 27.81 -25.01 -16.42
C ARG B 197 26.84 -25.73 -17.35
N ALA B 198 25.76 -26.13 -16.69
CA ALA B 198 24.82 -27.10 -17.19
C ALA B 198 23.41 -26.56 -17.05
N THR B 199 22.86 -26.11 -18.17
CA THR B 199 21.67 -25.28 -18.18
C THR B 199 20.48 -25.97 -18.84
N TRP B 200 19.38 -26.09 -18.09
CA TRP B 200 18.14 -26.63 -18.63
C TRP B 200 17.48 -25.63 -19.58
N PHE B 201 16.98 -26.05 -20.73
CA PHE B 201 16.25 -25.14 -21.57
C PHE B 201 14.93 -25.76 -21.93
N GLY B 202 13.90 -24.94 -22.02
CA GLY B 202 12.60 -25.39 -22.50
C GLY B 202 12.47 -25.06 -23.97
N LEU B 203 11.44 -25.65 -24.57
CA LEU B 203 11.06 -25.28 -25.91
C LEU B 203 9.67 -24.74 -25.99
N TYR B 204 9.57 -23.63 -26.68
CA TYR B 204 8.34 -22.91 -26.75
C TYR B 204 8.13 -22.50 -28.21
N TYR B 205 6.89 -22.60 -28.64
CA TYR B 205 6.51 -22.18 -29.97
C TYR B 205 6.88 -20.71 -30.15
N ASN B 206 7.51 -20.37 -31.25
CA ASN B 206 8.08 -19.04 -31.46
C ASN B 206 6.99 -18.04 -31.79
N ILE B 207 6.08 -17.87 -30.84
CA ILE B 207 4.84 -17.08 -31.03
C ILE B 207 5.15 -15.72 -31.65
N SER B 208 4.30 -15.30 -32.58
CA SER B 208 4.61 -14.11 -33.31
C SER B 208 3.81 -12.93 -32.78
N GLY B 209 4.45 -12.08 -31.98
CA GLY B 209 3.85 -10.84 -31.48
C GLY B 209 3.17 -10.99 -30.12
N ALA B 210 3.43 -12.12 -29.45
CA ALA B 210 2.93 -12.30 -28.09
C ALA B 210 3.94 -13.01 -27.18
N GLY B 211 3.46 -13.48 -26.05
CA GLY B 211 4.33 -14.17 -25.13
C GLY B 211 4.46 -15.61 -25.58
N PHE B 212 5.68 -15.97 -26.00
CA PHE B 212 6.04 -17.37 -26.19
C PHE B 212 5.98 -18.17 -24.88
N PHE B 213 6.30 -17.47 -23.79
CA PHE B 213 6.43 -18.02 -22.42
C PHE B 213 5.29 -18.93 -21.98
N LEU B 214 4.14 -18.81 -22.63
CA LEU B 214 2.97 -19.58 -22.26
C LEU B 214 2.80 -20.88 -23.03
N HIS B 215 3.73 -21.13 -23.94
CA HIS B 215 3.54 -22.18 -24.90
C HIS B 215 4.68 -23.18 -24.86
N HIS B 216 4.76 -23.79 -23.69
CA HIS B 216 5.79 -24.74 -23.42
C HIS B 216 5.39 -26.04 -24.06
N VAL B 217 6.26 -26.57 -24.92
CA VAL B 217 5.95 -27.77 -25.69
C VAL B 217 6.07 -29.12 -24.96
N GLY B 218 6.67 -29.13 -23.77
CA GLY B 218 6.77 -30.36 -22.97
C GLY B 218 8.16 -31.00 -22.99
N LEU B 219 9.08 -30.32 -23.68
CA LEU B 219 10.43 -30.78 -23.88
C LEU B 219 11.45 -29.89 -23.20
N GLU B 220 12.31 -30.51 -22.41
CA GLU B 220 13.35 -29.82 -21.70
C GLU B 220 14.70 -30.51 -21.85
N LEU B 221 15.75 -29.73 -22.14
CA LEU B 221 17.08 -30.25 -22.44
C LEU B 221 18.19 -29.67 -21.54
N LEU B 222 18.81 -30.52 -20.75
CA LEU B 222 19.99 -30.13 -19.99
C LEU B 222 21.17 -30.04 -20.91
N VAL B 223 21.89 -28.94 -20.87
CA VAL B 223 23.00 -28.76 -21.78
C VAL B 223 24.28 -28.49 -21.06
N ASN B 224 25.36 -29.09 -21.56
CA ASN B 224 26.64 -28.80 -21.00
C ASN B 224 27.58 -28.02 -21.89
N HIS B 225 27.64 -26.73 -21.59
CA HIS B 225 28.40 -25.78 -22.38
C HIS B 225 29.56 -25.26 -21.58
N LYS B 226 29.92 -26.01 -20.56
CA LYS B 226 31.09 -25.70 -19.74
C LYS B 226 32.40 -25.58 -20.56
N ALA B 227 32.60 -26.51 -21.48
CA ALA B 227 33.80 -26.55 -22.31
C ALA B 227 34.05 -25.25 -23.05
N LEU B 228 35.32 -24.89 -23.15
CA LEU B 228 35.73 -23.72 -23.92
C LEU B 228 35.60 -23.90 -25.43
N ASP B 229 35.68 -25.15 -25.88
CA ASP B 229 35.34 -25.45 -27.25
C ASP B 229 33.89 -25.83 -27.26
N PRO B 230 33.04 -24.95 -27.83
CA PRO B 230 31.61 -25.29 -27.98
C PRO B 230 31.40 -26.65 -28.65
N ALA B 231 32.26 -26.96 -29.63
CA ALA B 231 32.22 -28.23 -30.34
C ALA B 231 32.33 -29.42 -29.38
N ARG B 232 32.76 -29.20 -28.14
CA ARG B 232 32.83 -30.25 -27.15
C ARG B 232 31.54 -30.32 -26.29
N TRP B 233 30.44 -29.70 -26.73
CA TRP B 233 29.24 -29.60 -25.89
C TRP B 233 28.25 -30.71 -26.06
N THR B 234 27.50 -30.92 -25.00
CA THR B 234 26.89 -32.20 -24.67
C THR B 234 25.42 -32.00 -24.41
N ILE B 235 24.68 -33.07 -24.18
CA ILE B 235 23.33 -33.01 -23.61
C ILE B 235 23.22 -33.99 -22.48
N GLN B 236 23.54 -33.57 -21.29
CA GLN B 236 23.59 -34.54 -20.21
C GLN B 236 22.26 -35.30 -19.92
N LYS B 237 21.11 -34.67 -20.15
CA LYS B 237 19.80 -35.33 -19.94
C LYS B 237 18.74 -34.70 -20.79
N VAL B 238 17.57 -35.36 -20.84
CA VAL B 238 16.39 -34.92 -21.64
C VAL B 238 15.07 -35.26 -20.94
N PHE B 239 14.08 -34.39 -21.09
CA PHE B 239 12.81 -34.54 -20.40
C PHE B 239 11.65 -34.34 -21.34
N TYR B 240 10.82 -35.37 -21.44
CA TYR B 240 9.55 -35.29 -22.15
C TYR B 240 8.44 -35.90 -21.32
N GLN B 241 7.32 -35.18 -21.24
CA GLN B 241 6.09 -35.67 -20.65
C GLN B 241 6.36 -36.55 -19.44
N GLY B 242 7.18 -36.09 -18.52
CA GLY B 242 7.29 -36.73 -17.23
C GLY B 242 8.27 -37.86 -17.14
N ARG B 243 8.96 -38.15 -18.24
CA ARG B 243 10.00 -39.18 -18.24
C ARG B 243 11.36 -38.55 -18.62
N TYR B 244 12.44 -39.12 -18.09
CA TYR B 244 13.82 -38.68 -18.36
C TYR B 244 14.51 -39.63 -19.33
N TYR B 245 15.42 -39.10 -20.13
CA TYR B 245 16.16 -39.90 -21.12
C TYR B 245 17.58 -39.44 -21.07
N ASP B 246 18.45 -40.03 -21.86
CA ASP B 246 19.83 -39.57 -21.84
C ASP B 246 20.23 -38.94 -23.15
N SER B 247 19.37 -39.06 -24.15
CA SER B 247 19.61 -38.36 -25.39
C SER B 247 18.35 -38.23 -26.17
N LEU B 248 18.40 -37.37 -27.16
CA LEU B 248 17.30 -37.15 -28.06
C LEU B 248 16.95 -38.36 -28.91
N ALA B 249 17.95 -38.96 -29.52
CA ALA B 249 17.69 -40.07 -30.43
C ALA B 249 17.15 -41.25 -29.62
N GLN B 250 17.58 -41.35 -28.35
CA GLN B 250 17.08 -42.38 -27.44
C GLN B 250 15.60 -42.20 -27.12
N LEU B 251 15.19 -40.94 -27.11
CA LEU B 251 13.80 -40.62 -26.95
C LEU B 251 13.02 -41.03 -28.21
N GLU B 252 13.35 -40.41 -29.34
CA GLU B 252 12.69 -40.70 -30.60
C GLU B 252 12.56 -42.20 -30.76
N ALA B 253 13.65 -42.91 -30.47
CA ALA B 253 13.67 -44.38 -30.45
C ALA B 253 12.44 -44.95 -29.74
N GLN B 254 12.31 -44.58 -28.49
CA GLN B 254 11.16 -44.91 -27.70
C GLN B 254 9.78 -44.55 -28.30
N PHE B 255 9.71 -43.38 -28.91
CA PHE B 255 8.47 -42.94 -29.50
C PHE B 255 8.09 -43.78 -30.66
N GLU B 256 9.10 -44.04 -31.49
CA GLU B 256 8.93 -44.87 -32.68
C GLU B 256 8.59 -46.29 -32.29
N ALA B 257 9.29 -46.82 -31.30
CA ALA B 257 8.86 -48.05 -30.64
C ALA B 257 7.39 -48.03 -30.20
N GLY B 258 6.71 -46.90 -30.38
CA GLY B 258 5.30 -46.78 -30.10
C GLY B 258 5.01 -46.61 -28.61
N LEU B 259 6.06 -46.41 -27.82
CA LEU B 259 5.86 -46.44 -26.39
C LEU B 259 5.51 -45.09 -25.75
N VAL B 260 5.12 -44.11 -26.55
CA VAL B 260 4.99 -42.74 -26.05
C VAL B 260 3.80 -42.09 -26.70
N ASN B 261 2.75 -41.81 -25.92
CA ASN B 261 1.61 -41.12 -26.49
C ASN B 261 1.97 -39.66 -26.60
N VAL B 262 2.54 -39.34 -27.75
CA VAL B 262 2.47 -38.01 -28.30
C VAL B 262 0.99 -37.59 -28.51
N VAL B 263 0.74 -36.31 -28.26
CA VAL B 263 -0.52 -35.66 -28.55
C VAL B 263 -0.24 -34.32 -29.17
N LEU B 264 -0.94 -34.01 -30.24
CA LEU B 264 -0.66 -32.78 -30.96
C LEU B 264 -1.03 -31.55 -30.14
N ILE B 265 -0.16 -30.55 -30.20
CA ILE B 265 -0.22 -29.39 -29.34
C ILE B 265 -0.31 -28.14 -30.18
N PRO B 266 -1.50 -27.52 -30.26
CA PRO B 266 -1.85 -26.40 -31.13
C PRO B 266 -0.81 -25.31 -31.42
N ASP B 267 -0.53 -25.18 -32.71
CA ASP B 267 0.21 -24.10 -33.33
C ASP B 267 -0.28 -22.70 -32.86
N ASN B 268 -1.54 -22.35 -33.15
CA ASN B 268 -2.09 -20.98 -33.01
C ASN B 268 -3.31 -20.91 -32.09
N GLY B 269 -3.87 -19.71 -31.91
CA GLY B 269 -5.12 -19.56 -31.15
C GLY B 269 -5.75 -18.16 -31.03
N THR B 270 -6.67 -18.06 -30.07
CA THR B 270 -7.48 -16.87 -29.89
C THR B 270 -7.32 -16.30 -28.48
N GLY B 271 -6.95 -15.01 -28.44
CA GLY B 271 -6.96 -14.17 -27.23
C GLY B 271 -6.28 -14.67 -25.97
N GLY B 272 -5.70 -13.74 -25.24
CA GLY B 272 -5.17 -14.06 -23.93
C GLY B 272 -3.86 -14.79 -24.09
N SER B 273 -3.96 -16.11 -24.19
CA SER B 273 -2.78 -16.96 -24.36
C SER B 273 -2.05 -16.51 -25.62
N TRP B 274 -2.87 -16.33 -26.64
CA TRP B 274 -2.36 -16.19 -27.97
C TRP B 274 -2.18 -14.76 -28.32
N SER B 275 -2.94 -13.85 -27.73
CA SER B 275 -2.74 -12.44 -28.09
C SER B 275 -2.39 -11.52 -26.93
N LEU B 276 -2.02 -10.29 -27.30
CA LEU B 276 -1.96 -9.10 -26.41
C LEU B 276 -2.79 -7.95 -26.95
N LYS B 277 -2.92 -7.85 -28.26
CA LYS B 277 -3.89 -6.95 -28.88
C LYS B 277 -5.26 -7.16 -28.25
N SER B 278 -5.81 -6.08 -27.70
CA SER B 278 -7.20 -6.07 -27.28
C SER B 278 -8.06 -6.10 -28.53
N PRO B 279 -9.06 -7.00 -28.56
CA PRO B 279 -9.95 -7.08 -29.68
C PRO B 279 -10.95 -5.96 -29.69
N VAL B 280 -11.31 -5.45 -28.52
CA VAL B 280 -12.19 -4.28 -28.40
C VAL B 280 -11.49 -3.01 -28.93
N PRO B 281 -12.27 -2.06 -29.48
CA PRO B 281 -11.77 -0.78 -29.96
C PRO B 281 -11.67 0.27 -28.86
N PRO B 282 -11.06 1.42 -29.16
CA PRO B 282 -10.74 2.35 -28.09
C PRO B 282 -11.94 3.18 -27.70
N GLY B 283 -11.97 3.65 -26.45
CA GLY B 283 -13.17 4.25 -25.87
C GLY B 283 -13.11 5.76 -25.88
N PRO B 284 -13.88 6.38 -24.97
CA PRO B 284 -13.50 7.75 -24.66
C PRO B 284 -12.12 7.66 -24.04
N ALA B 285 -11.37 8.76 -24.08
CA ALA B 285 -10.03 8.76 -23.52
C ALA B 285 -10.11 8.89 -22.03
N PRO B 286 -9.07 8.40 -21.36
CA PRO B 286 -9.06 8.34 -19.93
C PRO B 286 -8.42 9.57 -19.31
N PRO B 287 -8.75 9.84 -18.04
CA PRO B 287 -8.32 10.97 -17.25
C PRO B 287 -6.88 11.35 -17.54
N LEU B 288 -6.62 12.65 -17.69
CA LEU B 288 -5.27 13.13 -18.03
C LEU B 288 -4.79 14.25 -17.07
N GLN B 289 -3.55 14.13 -16.62
CA GLN B 289 -2.98 15.15 -15.75
C GLN B 289 -2.05 16.02 -16.52
N PHE B 290 -2.12 17.30 -16.21
CA PHE B 290 -1.25 18.28 -16.80
C PHE B 290 -0.91 19.31 -15.75
N TYR B 291 0.18 20.04 -15.99
CA TYR B 291 0.65 21.07 -15.09
C TYR B 291 0.23 22.37 -15.70
N PRO B 292 -0.80 23.02 -15.13
CA PRO B 292 -1.50 24.11 -15.81
C PRO B 292 -0.57 25.28 -16.09
N GLN B 293 0.30 25.56 -15.16
CA GLN B 293 1.34 26.52 -15.39
C GLN B 293 2.58 25.74 -15.07
N GLY B 294 3.43 25.64 -16.09
CA GLY B 294 4.69 24.92 -16.06
C GLY B 294 4.75 23.67 -15.20
N PRO B 295 5.72 22.78 -15.50
CA PRO B 295 6.02 21.68 -14.61
C PRO B 295 6.82 22.23 -13.45
N ARG B 296 6.62 21.66 -12.26
CA ARG B 296 7.15 22.27 -11.05
C ARG B 296 8.42 21.59 -10.52
N PHE B 297 9.09 20.87 -11.42
CA PHE B 297 10.37 20.20 -11.15
C PHE B 297 11.22 20.44 -12.37
N SER B 298 12.51 20.17 -12.23
CA SER B 298 13.39 20.22 -13.36
C SER B 298 14.52 19.23 -13.20
N VAL B 299 15.05 18.88 -14.37
CA VAL B 299 16.00 17.83 -14.53
C VAL B 299 16.99 18.23 -15.59
N GLN B 300 18.25 18.36 -15.22
CA GLN B 300 19.29 18.27 -16.22
C GLN B 300 20.40 17.37 -15.67
N GLY B 301 21.07 16.69 -16.58
CA GLY B 301 22.03 15.65 -16.20
C GLY B 301 21.23 14.55 -15.58
N SER B 302 21.74 13.96 -14.51
CA SER B 302 20.95 13.08 -13.69
C SER B 302 20.56 13.76 -12.36
N ARG B 303 20.55 15.10 -12.31
CA ARG B 303 20.06 15.80 -11.11
C ARG B 303 18.59 16.25 -11.31
N VAL B 304 17.81 16.01 -10.28
CA VAL B 304 16.46 16.48 -10.25
C VAL B 304 16.43 17.54 -9.19
N ALA B 305 15.66 18.56 -9.49
CA ALA B 305 15.50 19.67 -8.60
C ALA B 305 14.04 20.06 -8.56
N SER B 306 13.46 20.05 -7.37
CA SER B 306 12.10 20.57 -7.15
C SER B 306 12.15 21.51 -5.98
N SER B 307 11.05 22.22 -5.77
CA SER B 307 10.89 23.09 -4.61
C SER B 307 11.42 22.46 -3.30
N LEU B 308 11.11 21.20 -3.09
CA LEU B 308 11.52 20.51 -1.88
C LEU B 308 12.70 19.57 -2.08
N TRP B 309 12.70 18.83 -3.17
CA TRP B 309 13.57 17.70 -3.28
C TRP B 309 14.74 17.87 -4.24
N THR B 310 15.84 17.20 -3.89
CA THR B 310 16.98 17.20 -4.76
C THR B 310 17.77 15.92 -4.74
N PHE B 311 18.15 15.46 -5.93
CA PHE B 311 18.94 14.23 -6.05
C PHE B 311 19.55 13.91 -7.42
N SER B 312 20.59 13.10 -7.39
CA SER B 312 21.15 12.52 -8.58
C SER B 312 20.51 11.14 -8.70
N PHE B 313 20.55 10.58 -9.91
CA PHE B 313 19.99 9.26 -10.16
C PHE B 313 20.67 8.47 -11.28
N GLY B 314 20.27 7.21 -11.39
CA GLY B 314 20.85 6.34 -12.38
C GLY B 314 20.72 4.84 -12.13
N LEU B 315 21.43 4.15 -12.99
CA LEU B 315 21.18 2.78 -13.28
C LEU B 315 22.48 2.00 -13.44
N GLY B 316 22.78 1.17 -12.46
CA GLY B 316 23.89 0.27 -12.60
C GLY B 316 23.47 -0.78 -13.59
N ALA B 317 24.35 -1.15 -14.50
CA ALA B 317 24.10 -2.30 -15.39
C ALA B 317 23.53 -3.57 -14.69
N PHE B 318 24.07 -3.96 -13.53
CA PHE B 318 23.60 -5.19 -12.88
C PHE B 318 22.68 -4.92 -11.69
N SER B 319 23.13 -4.11 -10.73
CA SER B 319 22.29 -3.65 -9.58
C SER B 319 21.07 -2.83 -10.00
N GLY B 320 21.15 -2.15 -11.12
CA GLY B 320 20.02 -1.39 -11.62
C GLY B 320 19.84 -0.01 -11.03
N PRO B 321 18.58 0.40 -10.79
CA PRO B 321 18.19 1.69 -10.25
C PRO B 321 18.78 2.03 -8.91
N ARG B 322 18.87 3.35 -8.70
CA ARG B 322 19.53 3.97 -7.57
C ARG B 322 19.50 5.50 -7.68
N ILE B 323 19.53 6.17 -6.53
CA ILE B 323 19.57 7.62 -6.45
C ILE B 323 20.54 8.04 -5.37
N PHE B 324 21.00 9.29 -5.43
CA PHE B 324 22.03 9.76 -4.48
C PHE B 324 21.82 11.17 -3.98
N ASP B 325 22.34 11.41 -2.77
CA ASP B 325 22.46 12.77 -2.26
C ASP B 325 21.06 13.37 -2.26
N VAL B 326 20.19 12.68 -1.56
CA VAL B 326 18.82 13.07 -1.56
C VAL B 326 18.64 14.11 -0.50
N ARG B 327 18.23 15.29 -0.94
CA ARG B 327 18.20 16.41 -0.09
C ARG B 327 16.84 16.99 -0.09
N PHE B 328 16.32 17.18 1.12
CA PHE B 328 14.99 17.77 1.35
C PHE B 328 15.08 19.17 1.91
N GLN B 329 14.60 20.13 1.15
CA GLN B 329 14.73 21.52 1.55
C GLN B 329 16.20 21.79 1.81
N GLY B 330 17.08 21.08 1.10
CA GLY B 330 18.51 21.33 1.23
C GLY B 330 19.31 20.50 2.21
N GLU B 331 18.67 19.93 3.23
CA GLU B 331 19.33 18.99 4.14
C GLU B 331 19.36 17.57 3.55
N ARG B 332 20.49 16.89 3.68
CA ARG B 332 20.64 15.56 3.09
C ARG B 332 20.14 14.50 4.02
N LEU B 333 19.38 13.57 3.47
CA LEU B 333 18.80 12.49 4.26
C LEU B 333 19.47 11.16 3.98
N VAL B 334 19.77 10.90 2.71
CA VAL B 334 20.38 9.65 2.31
C VAL B 334 21.50 9.93 1.35
N TYR B 335 22.65 9.30 1.60
CA TYR B 335 23.74 9.28 0.65
C TYR B 335 23.24 8.48 -0.56
N GLU B 336 22.57 7.37 -0.28
CA GLU B 336 22.29 6.44 -1.33
C GLU B 336 21.20 5.44 -1.03
N ILE B 337 20.33 5.28 -2.02
CA ILE B 337 19.38 4.17 -2.05
C ILE B 337 19.46 3.51 -3.40
N SER B 338 19.70 2.21 -3.39
CA SER B 338 19.94 1.53 -4.60
C SER B 338 19.44 0.13 -4.48
N LEU B 339 18.96 -0.33 -5.64
CA LEU B 339 18.54 -1.68 -5.80
C LEU B 339 19.81 -2.45 -5.75
N GLN B 340 19.80 -3.53 -4.99
CA GLN B 340 20.91 -4.49 -5.00
C GLN B 340 20.66 -5.67 -5.93
N GLU B 341 19.60 -6.42 -5.68
CA GLU B 341 19.43 -7.71 -6.33
C GLU B 341 17.96 -8.13 -6.38
N ALA B 342 17.68 -9.12 -7.22
CA ALA B 342 16.35 -9.62 -7.38
C ALA B 342 16.37 -11.10 -7.58
N LEU B 343 15.32 -11.72 -7.08
CA LEU B 343 15.26 -13.14 -6.97
C LEU B 343 13.89 -13.65 -7.41
N ALA B 344 13.93 -14.89 -7.88
CA ALA B 344 12.75 -15.59 -8.34
C ALA B 344 13.07 -17.06 -8.10
N ILE B 345 12.24 -17.76 -7.33
CA ILE B 345 12.52 -19.14 -6.99
C ILE B 345 11.32 -20.01 -7.29
N TYR B 346 11.47 -21.07 -8.07
CA TYR B 346 10.30 -21.85 -8.49
C TYR B 346 10.18 -23.21 -7.81
N GLY B 347 9.02 -23.82 -8.01
CA GLY B 347 8.78 -25.22 -7.69
C GLY B 347 8.21 -25.75 -8.98
N GLY B 348 8.05 -27.07 -9.11
CA GLY B 348 7.65 -27.56 -10.40
C GLY B 348 7.53 -29.03 -10.69
N ASN B 349 6.94 -29.24 -11.85
CA ASN B 349 6.63 -30.54 -12.36
C ASN B 349 7.87 -31.03 -13.05
N SER B 350 8.30 -30.21 -13.98
CA SER B 350 9.52 -30.39 -14.75
C SER B 350 10.77 -30.14 -13.91
N PRO B 351 11.95 -30.57 -14.42
CA PRO B 351 13.23 -30.24 -13.78
C PRO B 351 13.54 -28.78 -13.88
N ALA B 352 13.38 -28.23 -15.09
CA ALA B 352 13.86 -26.89 -15.38
C ALA B 352 13.35 -25.91 -14.36
N ALA B 353 12.04 -25.98 -14.11
CA ALA B 353 11.37 -25.15 -13.13
C ALA B 353 11.76 -25.53 -11.70
N MET B 354 11.76 -26.80 -11.33
CA MET B 354 12.04 -27.11 -9.92
C MET B 354 13.49 -26.82 -9.49
N THR B 355 14.44 -26.86 -10.42
CA THR B 355 15.79 -26.33 -10.21
C THR B 355 15.83 -24.81 -10.22
N THR B 356 15.01 -24.18 -11.06
CA THR B 356 15.22 -22.78 -11.39
C THR B 356 15.13 -21.86 -10.20
N ARG B 357 16.22 -21.13 -9.98
CA ARG B 357 16.25 -19.96 -9.09
C ARG B 357 17.09 -18.88 -9.76
N TYR B 358 16.43 -17.83 -10.23
CA TYR B 358 17.11 -16.75 -10.94
C TYR B 358 17.67 -15.74 -9.97
N VAL B 359 18.92 -15.34 -10.17
CA VAL B 359 19.44 -14.14 -9.52
C VAL B 359 19.59 -13.05 -10.59
N ASP B 360 18.47 -12.40 -10.86
CA ASP B 360 18.32 -11.63 -12.06
C ASP B 360 19.40 -10.55 -12.26
N GLY B 361 19.98 -10.07 -11.17
CA GLY B 361 21.09 -9.14 -11.25
C GLY B 361 22.26 -9.72 -12.01
N GLY B 362 22.44 -11.03 -11.93
CA GLY B 362 23.45 -11.71 -12.76
C GLY B 362 23.21 -11.76 -14.27
N PHE B 363 22.18 -11.05 -14.71
CA PHE B 363 21.93 -10.75 -16.12
C PHE B 363 21.97 -9.25 -16.31
N GLY B 364 21.30 -8.52 -15.41
CA GLY B 364 21.44 -7.09 -15.32
C GLY B 364 20.16 -6.33 -15.57
N MET B 365 19.72 -5.61 -14.53
CA MET B 365 18.56 -4.74 -14.62
C MET B 365 18.93 -3.52 -15.40
N GLY B 366 20.18 -3.13 -15.31
CA GLY B 366 20.67 -2.10 -16.19
C GLY B 366 20.59 -2.65 -17.58
N LYS B 367 21.32 -3.73 -17.80
CA LYS B 367 21.45 -4.39 -19.12
C LYS B 367 20.11 -4.61 -19.79
N TYR B 368 19.16 -5.11 -19.02
CA TYR B 368 17.90 -5.48 -19.59
C TYR B 368 16.79 -4.46 -19.27
N THR B 369 17.09 -3.19 -19.37
CA THR B 369 16.09 -2.18 -19.00
C THR B 369 15.45 -1.82 -20.32
N THR B 370 14.19 -1.40 -20.28
CA THR B 370 13.41 -1.14 -21.49
C THR B 370 12.83 0.28 -21.53
N PRO B 371 12.51 0.76 -22.75
CA PRO B 371 11.91 2.05 -22.92
C PRO B 371 10.52 2.14 -22.38
N LEU B 372 10.25 3.29 -21.79
CA LEU B 372 9.00 3.59 -21.21
C LEU B 372 8.18 4.14 -22.33
N THR B 373 6.99 3.56 -22.44
CA THR B 373 6.08 3.87 -23.51
C THR B 373 5.22 4.97 -22.93
N ARG B 374 5.48 6.14 -23.48
CA ARG B 374 4.90 7.35 -23.01
C ARG B 374 3.41 7.23 -22.90
N GLY B 375 2.85 7.57 -21.76
CA GLY B 375 1.42 7.56 -21.64
C GLY B 375 0.92 6.24 -21.12
N VAL B 376 1.72 5.18 -21.20
CA VAL B 376 1.32 3.92 -20.60
C VAL B 376 2.13 3.49 -19.42
N ASP B 377 3.45 3.55 -19.56
CA ASP B 377 4.31 3.21 -18.43
C ASP B 377 4.32 4.39 -17.49
N CYS B 378 4.42 5.59 -18.05
CA CYS B 378 4.37 6.79 -17.25
C CYS B 378 3.33 7.73 -17.80
N PRO B 379 2.81 8.61 -16.94
CA PRO B 379 2.05 9.74 -17.34
C PRO B 379 2.51 10.23 -18.65
N TYR B 380 1.55 10.57 -19.49
CA TYR B 380 1.87 11.12 -20.78
C TYR B 380 2.93 12.20 -20.67
N LEU B 381 2.71 13.14 -19.74
CA LEU B 381 3.55 14.34 -19.63
C LEU B 381 4.77 14.22 -18.72
N ALA B 382 5.15 13.01 -18.35
CA ALA B 382 6.40 12.82 -17.62
C ALA B 382 7.54 13.33 -18.49
N THR B 383 8.68 13.67 -17.87
CA THR B 383 9.89 13.95 -18.65
C THR B 383 10.69 12.65 -18.64
N TYR B 384 10.99 12.19 -19.85
CA TYR B 384 11.61 10.90 -20.08
C TYR B 384 13.09 11.09 -20.45
N VAL B 385 13.97 10.29 -19.83
CA VAL B 385 15.41 10.42 -19.99
C VAL B 385 16.00 9.20 -20.62
N ASP B 386 17.10 9.39 -21.36
CA ASP B 386 17.85 8.30 -22.02
C ASP B 386 18.95 7.73 -21.15
N TRP B 387 19.50 6.58 -21.55
CA TRP B 387 20.54 5.87 -20.78
C TRP B 387 21.61 5.31 -21.69
N HIS B 388 22.86 5.29 -21.23
CA HIS B 388 23.95 4.80 -22.05
C HIS B 388 24.75 3.70 -21.41
N PHE B 389 25.22 2.83 -22.30
CA PHE B 389 25.94 1.65 -21.90
C PHE B 389 26.82 1.15 -23.02
N LEU B 390 27.91 0.54 -22.57
CA LEU B 390 28.73 -0.28 -23.39
C LEU B 390 28.82 -1.65 -22.73
N LEU B 391 27.94 -2.56 -23.14
CA LEU B 391 27.97 -3.96 -22.67
C LEU B 391 27.93 -4.93 -23.86
N GLU B 392 28.64 -6.05 -23.71
CA GLU B 392 28.83 -7.02 -24.81
C GLU B 392 28.98 -6.36 -26.14
N SER B 393 29.77 -5.30 -26.21
CA SER B 393 30.05 -4.68 -27.49
C SER B 393 31.34 -3.92 -27.37
N GLN B 394 31.69 -3.27 -28.48
CA GLN B 394 32.85 -2.40 -28.53
C GLN B 394 32.36 -0.96 -28.60
N ALA B 395 31.06 -0.74 -28.85
CA ALA B 395 30.55 0.62 -28.99
C ALA B 395 29.40 0.91 -28.06
N PRO B 396 29.36 2.13 -27.52
CA PRO B 396 28.29 2.49 -26.62
C PRO B 396 26.99 2.59 -27.37
N LYS B 397 25.92 2.53 -26.60
CA LYS B 397 24.61 2.41 -27.16
C LYS B 397 23.69 3.11 -26.22
N THR B 398 22.51 3.48 -26.73
CA THR B 398 21.54 4.17 -25.93
C THR B 398 20.25 3.36 -25.86
N ILE B 399 19.70 3.26 -24.65
CA ILE B 399 18.33 2.83 -24.47
C ILE B 399 17.53 4.09 -24.18
N ARG B 400 16.68 4.47 -25.14
CA ARG B 400 15.87 5.70 -25.08
C ARG B 400 14.79 5.61 -24.01
N ASP B 401 14.38 6.76 -23.50
CA ASP B 401 13.24 6.83 -22.58
C ASP B 401 13.35 5.79 -21.46
N ALA B 402 14.52 5.75 -20.85
CA ALA B 402 14.84 4.69 -19.93
C ALA B 402 14.35 4.95 -18.52
N PHE B 403 14.34 6.25 -18.13
CA PHE B 403 13.65 6.71 -16.92
C PHE B 403 12.63 7.73 -17.27
N CYS B 404 11.67 7.90 -16.37
CA CYS B 404 10.74 9.01 -16.44
C CYS B 404 10.63 9.66 -15.05
N VAL B 405 10.45 10.97 -15.09
CA VAL B 405 10.27 11.73 -13.89
C VAL B 405 9.05 12.55 -14.10
N PHE B 406 8.28 12.68 -13.03
CA PHE B 406 7.05 13.43 -13.11
C PHE B 406 6.51 13.69 -11.74
N GLU B 407 5.44 14.44 -11.71
CA GLU B 407 4.83 14.89 -10.50
C GLU B 407 3.36 14.59 -10.71
N GLN B 408 2.72 14.08 -9.67
CA GLN B 408 1.47 13.33 -9.82
C GLN B 408 0.53 13.70 -8.69
N ASN B 409 -0.72 13.94 -9.01
CA ASN B 409 -1.70 14.14 -7.99
C ASN B 409 -2.35 12.82 -7.58
N GLN B 410 -2.52 12.58 -6.29
CA GLN B 410 -3.12 11.30 -5.84
C GLN B 410 -4.62 11.30 -5.68
N GLY B 411 -5.26 12.44 -5.86
CA GLY B 411 -6.64 12.60 -5.40
C GLY B 411 -6.76 12.20 -3.94
N LEU B 412 -5.68 12.39 -3.21
CA LEU B 412 -5.70 12.26 -1.78
C LEU B 412 -5.28 13.59 -1.19
N PRO B 413 -5.84 13.91 -0.03
CA PRO B 413 -5.23 14.91 0.80
C PRO B 413 -4.00 14.36 1.48
N LEU B 414 -2.96 15.16 1.56
CA LEU B 414 -1.88 14.85 2.44
C LEU B 414 -2.43 14.95 3.86
N ARG B 415 -3.20 16.01 4.12
CA ARG B 415 -3.79 16.25 5.43
C ARG B 415 -4.95 17.18 5.28
N ARG B 416 -5.71 17.33 6.36
CA ARG B 416 -7.04 17.86 6.28
C ARG B 416 -7.77 17.85 7.62
N HIS B 417 -8.19 19.03 8.10
CA HIS B 417 -9.19 19.09 9.20
C HIS B 417 -10.36 20.03 8.92
N HIS B 418 -11.54 19.60 9.34
CA HIS B 418 -12.76 20.33 9.16
C HIS B 418 -13.48 20.43 10.48
N SER B 419 -13.51 21.64 11.02
CA SER B 419 -14.02 21.90 12.34
C SER B 419 -15.36 22.58 12.25
N ASP B 420 -16.38 21.89 12.79
CA ASP B 420 -17.74 22.41 13.03
C ASP B 420 -17.98 22.59 14.54
N LEU B 421 -16.93 22.37 15.33
CA LEU B 421 -17.02 22.41 16.78
C LEU B 421 -16.27 23.60 17.28
N TYR B 422 -16.92 24.34 18.18
CA TYR B 422 -16.32 25.47 18.86
C TYR B 422 -15.76 26.56 17.91
N SER B 423 -14.94 26.19 16.93
CA SER B 423 -14.55 27.14 15.87
C SER B 423 -14.80 26.56 14.48
N HIS B 424 -15.29 27.38 13.56
CA HIS B 424 -15.66 26.96 12.21
C HIS B 424 -14.55 27.32 11.26
N TYR B 425 -13.85 26.31 10.79
CA TYR B 425 -12.79 26.54 9.83
C TYR B 425 -12.35 25.23 9.21
N PHE B 426 -11.58 25.37 8.14
CA PHE B 426 -11.02 24.25 7.42
C PHE B 426 -9.62 24.54 6.98
N GLY B 427 -8.77 23.54 7.12
CA GLY B 427 -7.44 23.55 6.55
C GLY B 427 -6.99 22.17 6.08
N GLY B 428 -6.46 22.13 4.87
CA GLY B 428 -5.97 20.90 4.32
C GLY B 428 -5.07 21.18 3.16
N LEU B 429 -4.62 20.10 2.53
CA LEU B 429 -3.63 20.16 1.48
C LEU B 429 -3.66 18.88 0.67
N ALA B 430 -3.82 18.99 -0.63
CA ALA B 430 -3.92 17.82 -1.48
C ALA B 430 -2.53 17.28 -1.67
N GLU B 431 -2.37 15.97 -1.84
CA GLU B 431 -1.04 15.41 -2.04
C GLU B 431 -0.62 15.32 -3.52
N THR B 432 0.29 16.20 -3.94
CA THR B 432 1.07 15.93 -5.14
C THR B 432 2.31 15.15 -4.71
N VAL B 433 2.94 14.46 -5.65
CA VAL B 433 4.12 13.66 -5.37
C VAL B 433 5.07 13.66 -6.57
N LEU B 434 6.37 13.52 -6.27
CA LEU B 434 7.43 13.49 -7.30
C LEU B 434 7.93 12.08 -7.42
N VAL B 435 8.22 11.66 -8.65
CA VAL B 435 8.35 10.23 -8.95
C VAL B 435 9.43 9.92 -9.97
N VAL B 436 10.21 8.88 -9.67
CA VAL B 436 11.23 8.43 -10.58
C VAL B 436 11.09 6.97 -10.84
N ARG B 437 11.04 6.65 -12.13
CA ARG B 437 10.72 5.30 -12.53
C ARG B 437 11.57 4.84 -13.66
N SER B 438 12.05 3.62 -13.51
CA SER B 438 12.62 2.82 -14.59
C SER B 438 11.92 1.45 -14.55
N MET B 439 11.85 0.77 -15.71
CA MET B 439 11.43 -0.64 -15.76
C MET B 439 12.44 -1.50 -16.48
N SER B 440 12.61 -2.72 -15.96
CA SER B 440 13.58 -3.71 -16.47
C SER B 440 12.81 -4.95 -16.90
N THR B 441 12.80 -5.22 -18.21
CA THR B 441 12.07 -6.39 -18.76
C THR B 441 13.04 -7.56 -18.86
N LEU B 442 12.83 -8.55 -17.99
CA LEU B 442 13.73 -9.72 -17.82
C LEU B 442 13.12 -11.07 -18.20
N LEU B 443 13.45 -11.53 -19.39
CA LEU B 443 12.81 -12.63 -20.01
C LEU B 443 11.34 -12.29 -20.11
N ASN B 444 10.59 -12.88 -19.20
CA ASN B 444 9.17 -12.77 -19.26
C ASN B 444 8.72 -11.65 -18.35
N TPQ B 445 9.41 -11.42 -17.23
CA TPQ B 445 8.95 -10.41 -16.28
CB TPQ B 445 9.55 -10.48 -14.88
C TPQ B 445 9.27 -9.02 -16.73
O TPQ B 445 10.32 -8.77 -17.29
C1 TPQ B 445 10.01 -11.83 -14.44
C2 TPQ B 445 9.08 -12.72 -13.71
O2 TPQ B 445 7.89 -12.39 -13.46
C3 TPQ B 445 9.57 -13.95 -13.32
C4 TPQ B 445 10.89 -14.34 -13.58
O4 TPQ B 445 11.30 -15.56 -13.17
C5 TPQ B 445 11.84 -13.44 -14.31
O5 TPQ B 445 13.05 -13.77 -14.57
C6 TPQ B 445 11.32 -12.20 -14.71
N ASP B 446 8.35 -8.10 -16.46
CA ASP B 446 8.67 -6.70 -16.46
C ASP B 446 8.61 -6.23 -15.01
N TYR B 447 9.76 -5.86 -14.48
CA TYR B 447 9.86 -5.34 -13.14
C TYR B 447 9.79 -3.81 -13.17
N VAL B 448 8.89 -3.25 -12.36
CA VAL B 448 8.74 -1.78 -12.24
C VAL B 448 9.36 -1.25 -10.94
N TRP B 449 10.28 -0.29 -11.10
CA TRP B 449 11.05 0.29 -10.02
C TRP B 449 10.64 1.72 -9.68
N ASP B 450 10.08 1.90 -8.49
CA ASP B 450 9.56 3.21 -8.09
C ASP B 450 10.16 3.78 -6.81
N THR B 451 10.40 5.08 -6.89
CA THR B 451 10.95 5.87 -5.82
C THR B 451 10.17 7.16 -5.84
N VAL B 452 9.71 7.56 -4.67
CA VAL B 452 8.59 8.50 -4.57
C VAL B 452 8.74 9.51 -3.44
N PHE B 453 8.66 10.78 -3.81
CA PHE B 453 9.10 11.82 -2.94
C PHE B 453 7.93 12.64 -2.49
N HIS B 454 7.71 12.59 -1.18
CA HIS B 454 6.54 13.19 -0.58
C HIS B 454 6.85 14.46 0.13
N PRO B 455 6.14 15.51 -0.27
CA PRO B 455 5.73 16.61 0.54
C PRO B 455 5.85 16.52 2.07
N SER B 456 5.67 15.36 2.69
CA SER B 456 5.88 15.27 4.14
C SER B 456 7.34 15.16 4.52
N GLY B 457 8.21 15.07 3.51
CA GLY B 457 9.59 14.68 3.71
C GLY B 457 9.81 13.18 3.62
N ALA B 458 8.76 12.37 3.51
CA ALA B 458 8.92 10.91 3.39
C ALA B 458 9.40 10.46 2.02
N ILE B 459 9.88 9.22 1.99
CA ILE B 459 10.29 8.58 0.74
C ILE B 459 9.78 7.15 0.67
N GLU B 460 9.16 6.86 -0.47
CA GLU B 460 8.56 5.60 -0.67
C GLU B 460 9.31 4.91 -1.78
N ILE B 461 9.74 3.68 -1.49
CA ILE B 461 10.33 2.81 -2.50
C ILE B 461 9.45 1.58 -2.56
N ARG B 462 9.23 1.15 -3.80
CA ARG B 462 8.12 0.31 -4.21
C ARG B 462 8.54 -0.40 -5.47
N PHE B 463 8.13 -1.65 -5.63
CA PHE B 463 8.31 -2.29 -6.91
C PHE B 463 7.20 -3.27 -7.25
N TYR B 464 7.05 -3.50 -8.53
CA TYR B 464 5.92 -4.20 -9.05
C TYR B 464 6.38 -5.24 -10.11
N ALA B 465 5.84 -6.46 -10.02
CA ALA B 465 6.06 -7.49 -11.06
C ALA B 465 4.92 -7.47 -12.06
N THR B 466 5.23 -7.21 -13.33
CA THR B 466 4.27 -7.44 -14.40
C THR B 466 4.89 -8.36 -15.45
N GLY B 467 4.84 -7.94 -16.72
CA GLY B 467 5.11 -8.80 -17.83
C GLY B 467 4.22 -10.04 -17.88
N TYR B 468 4.75 -11.04 -18.59
CA TYR B 468 4.16 -12.36 -18.75
C TYR B 468 4.64 -13.23 -17.60
N ILE B 469 4.17 -14.46 -17.52
CA ILE B 469 4.67 -15.39 -16.50
C ILE B 469 5.44 -16.58 -17.07
N SER B 470 6.13 -17.28 -16.20
CA SER B 470 6.84 -18.45 -16.64
C SER B 470 5.87 -19.59 -16.45
N SER B 471 5.72 -20.34 -17.55
CA SER B 471 4.79 -21.43 -17.64
C SER B 471 5.51 -22.70 -17.96
N ALA B 472 5.02 -23.80 -17.40
CA ALA B 472 5.40 -25.12 -17.88
C ALA B 472 4.25 -25.80 -18.64
N PHE B 473 4.53 -27.01 -19.08
CA PHE B 473 3.57 -27.80 -19.81
C PHE B 473 2.93 -28.70 -18.77
N LEU B 474 1.73 -29.14 -19.07
CA LEU B 474 0.88 -29.79 -18.09
C LEU B 474 0.88 -31.32 -18.19
N PHE B 475 0.69 -32.02 -17.06
CA PHE B 475 0.45 -33.48 -17.01
C PHE B 475 0.53 -34.03 -15.56
N GLY B 476 -0.60 -34.43 -14.99
CA GLY B 476 -0.63 -35.20 -13.74
C GLY B 476 -0.32 -34.44 -12.47
N ALA B 477 0.91 -34.61 -11.97
CA ALA B 477 1.37 -34.11 -10.64
C ALA B 477 0.84 -32.73 -10.22
N THR B 478 0.77 -31.82 -11.21
CA THR B 478 0.14 -30.50 -11.11
C THR B 478 -0.79 -30.32 -9.92
N GLY B 479 -0.74 -29.14 -9.34
CA GLY B 479 -1.61 -28.86 -8.23
C GLY B 479 -0.79 -28.83 -6.96
N LYS B 480 0.33 -29.52 -6.94
CA LYS B 480 1.29 -29.28 -5.88
C LYS B 480 2.20 -28.09 -6.31
N TYR B 481 2.16 -27.78 -7.59
CA TYR B 481 3.11 -26.87 -8.21
C TYR B 481 2.44 -25.70 -8.94
N GLY B 482 1.12 -25.61 -8.79
CA GLY B 482 0.37 -24.50 -9.38
C GLY B 482 -0.91 -24.84 -10.13
N ASN B 483 -1.28 -23.90 -10.99
CA ASN B 483 -2.62 -23.86 -11.50
C ASN B 483 -2.60 -23.84 -12.99
N GLN B 484 -3.40 -24.71 -13.57
CA GLN B 484 -3.69 -24.56 -14.95
C GLN B 484 -4.28 -23.18 -15.24
N VAL B 485 -3.45 -22.41 -15.88
CA VAL B 485 -3.74 -21.08 -16.22
C VAL B 485 -4.21 -20.98 -17.70
N SER B 486 -4.20 -22.11 -18.41
CA SER B 486 -4.57 -22.11 -19.82
C SER B 486 -4.64 -23.55 -20.31
N GLU B 487 -5.07 -23.74 -21.56
CA GLU B 487 -5.11 -25.09 -22.14
C GLU B 487 -3.68 -25.53 -22.28
N HIS B 488 -3.33 -26.67 -21.68
CA HIS B 488 -1.93 -27.18 -21.71
C HIS B 488 -0.91 -26.47 -20.83
N THR B 489 -1.25 -25.30 -20.30
CA THR B 489 -0.24 -24.50 -19.65
C THR B 489 -0.37 -24.62 -18.12
N LEU B 490 0.77 -24.80 -17.48
CA LEU B 490 0.86 -24.74 -16.04
C LEU B 490 1.52 -23.42 -15.62
N GLY B 491 0.87 -22.72 -14.69
CA GLY B 491 1.46 -21.60 -14.01
C GLY B 491 2.25 -22.13 -12.86
N THR B 492 3.57 -22.13 -13.04
CA THR B 492 4.50 -22.61 -12.02
C THR B 492 4.51 -21.67 -10.85
N VAL B 493 4.39 -22.22 -9.64
CA VAL B 493 4.55 -21.43 -8.40
C VAL B 493 5.96 -20.84 -8.32
N HIS B 494 6.07 -19.65 -7.72
CA HIS B 494 7.36 -19.06 -7.42
C HIS B 494 7.21 -17.97 -6.41
N THR B 495 8.35 -17.45 -5.93
CA THR B 495 8.38 -16.28 -5.06
C THR B 495 9.23 -15.22 -5.70
N HIS B 496 8.83 -13.95 -5.60
CA HIS B 496 9.75 -12.85 -5.91
C HIS B 496 10.30 -12.22 -4.63
N SER B 497 11.53 -11.73 -4.74
CA SER B 497 12.19 -11.06 -3.64
C SER B 497 13.19 -10.07 -4.19
N ALA B 498 13.46 -9.01 -3.43
CA ALA B 498 14.28 -7.90 -3.91
C ALA B 498 15.02 -7.15 -2.77
N HIS B 499 16.15 -6.58 -3.11
CA HIS B 499 17.03 -6.11 -2.07
C HIS B 499 17.50 -4.69 -2.30
N PHE B 500 17.45 -3.94 -1.20
CA PHE B 500 17.74 -2.54 -1.23
C PHE B 500 18.73 -2.18 -0.16
N LYS B 501 19.66 -1.35 -0.61
CA LYS B 501 20.66 -0.78 0.22
C LYS B 501 20.22 0.63 0.46
N VAL B 502 20.27 1.02 1.71
CA VAL B 502 19.65 2.24 2.13
C VAL B 502 20.60 2.95 3.05
N ASP B 503 21.33 3.90 2.47
CA ASP B 503 22.33 4.62 3.22
C ASP B 503 21.80 5.95 3.69
N LEU B 504 21.09 5.88 4.79
CA LEU B 504 20.63 7.05 5.47
C LEU B 504 21.75 7.66 6.28
N ASP B 505 21.86 8.98 6.19
CA ASP B 505 22.76 9.77 7.00
C ASP B 505 21.90 10.78 7.73
N VAL B 506 21.11 10.23 8.64
CA VAL B 506 20.17 10.98 9.45
C VAL B 506 20.92 12.03 10.24
N ALA B 507 20.73 13.29 9.84
CA ALA B 507 21.32 14.43 10.52
C ALA B 507 22.85 14.45 10.52
N GLY B 508 23.46 13.92 9.46
CA GLY B 508 24.90 13.68 9.41
C GLY B 508 25.11 12.21 9.66
N LEU B 509 26.37 11.78 9.78
CA LEU B 509 26.73 10.35 9.59
C LEU B 509 26.47 9.39 10.74
N GLU B 510 26.85 9.77 11.95
CA GLU B 510 26.68 8.93 13.16
C GLU B 510 25.23 8.68 13.43
N ASN B 511 24.79 7.44 13.31
CA ASN B 511 23.41 7.13 13.58
C ASN B 511 23.35 5.99 14.56
N TRP B 512 22.25 5.92 15.29
CA TRP B 512 21.95 4.81 16.19
C TRP B 512 20.69 4.18 15.69
N VAL B 513 20.34 3.03 16.24
CA VAL B 513 19.13 2.40 15.77
C VAL B 513 18.23 2.06 16.95
N TRP B 514 17.00 2.53 16.87
CA TRP B 514 16.05 2.44 17.95
C TRP B 514 14.89 1.55 17.62
N ALA B 515 14.25 1.01 18.64
CA ALA B 515 13.11 0.13 18.43
C ALA B 515 12.00 0.30 19.46
N GLU B 516 11.03 1.12 19.08
CA GLU B 516 9.89 1.42 19.95
C GLU B 516 8.72 0.53 19.54
N ASP B 517 8.03 -0.03 20.52
CA ASP B 517 6.83 -0.84 20.29
C ASP B 517 5.86 -0.47 21.44
N MET B 518 4.82 -1.24 21.65
CA MET B 518 3.90 -0.94 22.72
C MET B 518 3.74 -2.11 23.66
N VAL B 519 3.04 -1.87 24.76
CA VAL B 519 2.72 -2.93 25.70
C VAL B 519 1.58 -2.48 26.61
N PHE B 520 0.80 -3.47 27.07
CA PHE B 520 -0.24 -3.25 28.07
C PHE B 520 0.26 -3.71 29.42
N VAL B 521 -0.13 -3.01 30.49
CA VAL B 521 0.26 -3.37 31.84
C VAL B 521 -0.93 -3.34 32.78
N PRO B 522 -1.27 -4.49 33.40
CA PRO B 522 -2.35 -4.48 34.38
C PRO B 522 -1.99 -3.61 35.57
N MET B 523 -2.92 -2.77 36.02
CA MET B 523 -2.62 -1.68 36.92
C MET B 523 -3.89 -1.08 37.51
N ALA B 524 -4.02 -1.20 38.83
CA ALA B 524 -5.13 -0.60 39.55
C ALA B 524 -5.32 0.89 39.25
N VAL B 525 -6.56 1.28 39.14
CA VAL B 525 -6.94 2.59 38.72
C VAL B 525 -6.75 3.54 39.89
N PRO B 526 -5.91 4.59 39.74
CA PRO B 526 -5.55 5.43 40.90
C PRO B 526 -6.75 5.90 41.69
N TRP B 527 -7.61 6.71 41.06
CA TRP B 527 -8.75 7.33 41.74
C TRP B 527 -9.73 6.32 42.38
N SER B 528 -9.70 5.08 41.91
CA SER B 528 -10.53 4.04 42.44
C SER B 528 -9.96 2.69 42.05
N PRO B 529 -9.15 2.10 42.93
CA PRO B 529 -8.38 0.93 42.51
C PRO B 529 -8.87 -0.39 43.07
N GLU B 530 -9.40 -1.27 42.23
CA GLU B 530 -9.96 -2.55 42.73
C GLU B 530 -10.07 -3.63 41.67
N HIS B 531 -10.63 -3.38 40.46
CA HIS B 531 -10.88 -2.09 39.76
C HIS B 531 -9.64 -1.64 39.06
N GLN B 532 -9.36 -2.41 38.02
CA GLN B 532 -8.12 -2.36 37.32
C GLN B 532 -8.33 -1.87 35.92
N LEU B 533 -7.21 -1.64 35.25
CA LEU B 533 -7.18 -0.92 34.02
C LEU B 533 -5.97 -1.41 33.24
N GLN B 534 -6.15 -1.78 31.98
CA GLN B 534 -5.01 -2.13 31.15
C GLN B 534 -4.31 -0.87 30.67
N ARG B 535 -3.04 -0.77 31.02
CA ARG B 535 -2.33 0.48 30.91
C ARG B 535 -1.42 0.48 29.70
N LEU B 536 -1.78 1.30 28.71
CA LEU B 536 -1.01 1.31 27.48
C LEU B 536 0.30 2.01 27.74
N GLN B 537 1.38 1.50 27.14
CA GLN B 537 2.72 2.05 27.28
C GLN B 537 3.63 1.82 26.09
N VAL B 538 4.57 2.73 25.89
CA VAL B 538 5.58 2.60 24.85
C VAL B 538 6.73 1.71 25.35
N THR B 539 7.44 1.11 24.41
CA THR B 539 8.63 0.34 24.67
C THR B 539 9.74 0.77 23.76
N ARG B 540 10.42 1.86 24.12
CA ARG B 540 11.63 2.30 23.41
C ARG B 540 12.78 1.41 23.82
N LYS B 541 13.73 1.24 22.89
CA LYS B 541 14.95 0.45 23.14
C LYS B 541 16.00 0.56 22.04
N LEU B 542 17.25 0.82 22.44
CA LEU B 542 18.34 1.09 21.51
C LEU B 542 18.95 -0.23 21.10
N LEU B 543 19.68 -0.25 19.98
CA LEU B 543 20.37 -1.45 19.54
C LEU B 543 21.85 -1.19 19.18
N GLU B 544 22.77 -1.68 20.02
CA GLU B 544 24.21 -1.44 19.82
C GLU B 544 24.73 -2.30 18.68
N MET B 545 24.36 -3.57 18.66
CA MET B 545 25.05 -4.54 17.81
C MET B 545 24.31 -5.01 16.55
N GLU B 546 25.09 -5.21 15.50
CA GLU B 546 24.62 -5.64 14.19
C GLU B 546 23.50 -6.73 14.24
N GLU B 547 23.60 -7.67 15.18
CA GLU B 547 22.73 -8.84 15.18
C GLU B 547 21.41 -8.61 15.91
N GLN B 548 21.36 -7.52 16.67
CA GLN B 548 20.12 -7.12 17.30
C GLN B 548 19.24 -6.48 16.23
N ALA B 549 19.88 -5.69 15.37
CA ALA B 549 19.27 -4.96 14.24
C ALA B 549 19.35 -5.74 12.93
N ALA B 550 18.84 -6.95 12.99
CA ALA B 550 18.94 -7.86 11.90
C ALA B 550 17.88 -8.87 12.15
N PHE B 551 16.83 -8.79 11.33
CA PHE B 551 15.60 -9.52 11.56
C PHE B 551 15.29 -10.43 10.40
N LEU B 552 15.12 -11.70 10.70
CA LEU B 552 14.91 -12.67 9.64
C LEU B 552 13.46 -12.72 9.35
N VAL B 553 13.17 -13.16 8.14
CA VAL B 553 11.82 -13.49 7.77
C VAL B 553 11.27 -14.38 8.87
N GLY B 554 9.99 -14.25 9.16
CA GLY B 554 9.34 -15.12 10.14
C GLY B 554 9.20 -14.52 11.52
N SER B 555 10.30 -14.05 12.09
CA SER B 555 10.28 -13.41 13.41
C SER B 555 9.98 -11.90 13.28
N ALA B 556 9.33 -11.33 14.31
CA ALA B 556 8.66 -10.00 14.22
C ALA B 556 9.57 -8.78 14.32
N THR B 557 9.31 -7.82 13.45
CA THR B 557 9.85 -6.49 13.56
C THR B 557 9.15 -5.84 14.75
N PRO B 558 9.81 -4.86 15.38
CA PRO B 558 9.08 -4.00 16.29
C PRO B 558 8.24 -3.06 15.46
N ARG B 559 7.27 -2.41 16.09
CA ARG B 559 6.35 -1.61 15.32
C ARG B 559 7.04 -0.37 14.73
N TYR B 560 7.57 0.47 15.61
CA TYR B 560 8.35 1.60 15.18
C TYR B 560 9.80 1.20 15.18
N LEU B 561 10.45 1.28 14.04
CA LEU B 561 11.90 1.20 14.01
C LEU B 561 12.57 2.27 13.12
N TYR B 562 13.52 3.02 13.71
CA TYR B 562 14.19 4.14 13.03
C TYR B 562 15.65 4.31 13.36
N LEU B 563 16.33 5.04 12.48
CA LEU B 563 17.69 5.47 12.71
C LEU B 563 17.70 6.90 13.19
N ALA B 564 18.21 7.08 14.42
CA ALA B 564 18.29 8.40 15.05
C ALA B 564 19.69 8.98 14.94
N SER B 565 19.78 10.26 15.29
CA SER B 565 21.06 10.92 15.37
C SER B 565 21.39 11.21 16.84
N ASN B 566 22.68 11.53 17.06
CA ASN B 566 23.27 12.12 18.27
C ASN B 566 22.27 13.28 18.59
N HIS B 567 21.97 14.06 17.55
CA HIS B 567 21.18 15.30 17.67
C HIS B 567 19.74 15.15 18.11
N SER B 568 19.21 16.24 18.63
CA SER B 568 17.83 16.33 19.04
C SER B 568 17.10 17.35 18.18
N ASN B 569 15.82 17.12 17.93
CA ASN B 569 14.94 18.16 17.40
C ASN B 569 14.73 19.11 18.55
N LYS B 570 13.85 20.08 18.35
CA LYS B 570 13.57 21.10 19.34
C LYS B 570 13.00 20.57 20.68
N TRP B 571 12.15 19.56 20.66
CA TRP B 571 11.44 19.13 21.88
C TRP B 571 12.26 18.10 22.70
N GLY B 572 13.43 17.79 22.15
CA GLY B 572 14.40 16.97 22.84
C GLY B 572 14.23 15.51 22.48
N HIS B 573 14.12 15.21 21.19
CA HIS B 573 14.02 13.83 20.76
C HIS B 573 15.07 13.52 19.72
N PRO B 574 15.60 12.31 19.72
CA PRO B 574 16.63 12.10 18.72
C PRO B 574 16.04 12.17 17.34
N ARG B 575 16.58 13.06 16.53
CA ARG B 575 16.11 13.26 15.17
C ARG B 575 16.13 11.94 14.40
N GLY B 576 14.96 11.40 14.07
CA GLY B 576 14.85 10.04 13.51
C GLY B 576 14.31 9.94 12.10
N TYR B 577 14.55 8.80 11.48
CA TYR B 577 13.84 8.44 10.26
C TYR B 577 13.45 7.00 10.33
N ARG B 578 12.16 6.76 10.27
CA ARG B 578 11.63 5.46 10.48
C ARG B 578 11.67 4.62 9.21
N ILE B 579 11.95 3.33 9.39
CA ILE B 579 11.68 2.37 8.34
C ILE B 579 10.43 1.54 8.59
N GLN B 580 9.73 1.28 7.50
CA GLN B 580 8.43 0.72 7.56
C GLN B 580 8.25 -0.05 6.27
N MET B 581 8.18 -1.38 6.42
CA MET B 581 8.14 -2.22 5.27
C MET B 581 6.73 -2.52 4.79
N LEU B 582 6.64 -2.75 3.49
CA LEU B 582 5.50 -3.39 2.87
C LEU B 582 5.96 -4.60 2.13
N SER B 583 5.97 -5.72 2.88
CA SER B 583 6.48 -7.00 2.42
C SER B 583 5.54 -8.10 2.85
N PHE B 584 5.27 -9.00 1.92
CA PHE B 584 4.38 -10.14 2.11
C PHE B 584 5.19 -11.45 2.06
N ALA B 585 6.50 -11.33 2.19
CA ALA B 585 7.32 -12.40 2.74
C ALA B 585 7.21 -13.70 1.99
N GLY B 586 7.73 -13.74 0.78
CA GLY B 586 7.98 -15.04 0.17
C GLY B 586 8.82 -15.89 1.13
N GLU B 587 8.26 -16.97 1.68
CA GLU B 587 9.02 -17.90 2.55
C GLU B 587 10.27 -18.44 1.83
N PRO B 588 11.44 -18.27 2.46
CA PRO B 588 12.72 -18.33 1.77
C PRO B 588 13.42 -19.68 1.76
N LEU B 589 14.26 -19.86 0.74
CA LEU B 589 14.92 -21.13 0.48
C LEU B 589 15.71 -21.55 1.70
N PRO B 590 15.56 -22.80 2.14
CA PRO B 590 16.24 -23.31 3.34
C PRO B 590 17.73 -23.01 3.39
N GLN B 591 18.16 -22.56 4.57
CA GLN B 591 19.56 -22.25 4.84
C GLN B 591 20.36 -23.50 4.55
N ASN B 592 19.85 -24.59 5.14
CA ASN B 592 20.16 -25.98 4.84
C ASN B 592 20.64 -26.24 3.39
N SER B 593 20.13 -25.53 2.38
CA SER B 593 20.51 -25.73 0.95
C SER B 593 21.91 -25.30 0.61
N SER B 594 22.56 -26.02 -0.28
CA SER B 594 23.93 -25.68 -0.70
C SER B 594 24.04 -24.32 -1.47
N MET B 595 22.93 -23.90 -2.06
CA MET B 595 22.89 -22.78 -2.98
C MET B 595 22.76 -21.50 -2.23
N ALA B 596 21.86 -21.54 -1.23
CA ALA B 596 21.62 -20.53 -0.20
C ALA B 596 22.54 -19.30 -0.12
N ARG B 597 23.80 -19.52 0.27
CA ARG B 597 24.72 -18.43 0.55
C ARG B 597 24.95 -17.52 -0.67
N GLY B 598 24.48 -17.95 -1.85
CA GLY B 598 24.49 -17.11 -3.07
C GLY B 598 23.54 -15.93 -3.04
N PHE B 599 22.67 -15.93 -2.04
CA PHE B 599 21.75 -14.82 -1.84
C PHE B 599 21.12 -14.96 -0.45
N SER B 600 21.93 -14.83 0.58
CA SER B 600 21.40 -14.98 1.93
C SER B 600 20.69 -13.71 2.40
N TRP B 601 20.46 -12.77 1.50
CA TRP B 601 19.73 -11.56 1.89
C TRP B 601 18.26 -11.88 1.93
N GLU B 602 17.86 -12.89 1.17
CA GLU B 602 16.48 -13.34 1.17
C GLU B 602 16.06 -13.79 2.56
N ARG B 603 17.02 -14.19 3.39
CA ARG B 603 16.68 -14.70 4.71
C ARG B 603 16.24 -13.59 5.70
N TYR B 604 16.51 -12.34 5.34
CA TYR B 604 16.24 -11.21 6.19
C TYR B 604 15.18 -10.28 5.66
N GLN B 605 14.34 -9.76 6.55
CA GLN B 605 13.47 -8.63 6.22
C GLN B 605 14.28 -7.33 6.18
N LEU B 606 14.91 -7.07 7.31
CA LEU B 606 15.65 -5.87 7.49
C LEU B 606 16.95 -6.17 8.18
N ALA B 607 18.00 -5.55 7.71
CA ALA B 607 19.22 -5.55 8.47
C ALA B 607 19.96 -4.24 8.34
N VAL B 608 20.74 -3.95 9.39
CA VAL B 608 21.55 -2.75 9.42
C VAL B 608 22.99 -3.07 9.79
N THR B 609 23.87 -2.20 9.31
CA THR B 609 25.26 -2.55 9.10
C THR B 609 26.13 -1.30 9.17
N GLN B 610 27.35 -1.50 9.63
CA GLN B 610 28.38 -0.48 9.51
C GLN B 610 28.73 -0.30 8.04
N ARG B 611 28.51 0.91 7.52
CA ARG B 611 28.80 1.14 6.11
C ARG B 611 30.29 1.11 5.88
N LYS B 612 30.74 0.28 4.95
CA LYS B 612 32.17 0.18 4.58
C LYS B 612 32.39 0.32 3.10
N GLU B 613 33.54 0.87 2.71
CA GLU B 613 33.75 1.13 1.30
C GLU B 613 33.92 -0.17 0.53
N GLU B 614 34.31 -1.20 1.25
CA GLU B 614 34.50 -2.50 0.64
C GLU B 614 33.45 -3.50 1.13
N GLU B 615 32.30 -3.00 1.57
CA GLU B 615 31.07 -3.78 1.52
C GLU B 615 30.08 -2.94 0.72
N PRO B 616 30.32 -2.75 -0.62
CA PRO B 616 29.39 -1.92 -1.40
C PRO B 616 28.17 -2.64 -1.97
N SER B 617 28.03 -3.96 -1.83
CA SER B 617 26.88 -4.65 -2.43
C SER B 617 26.41 -5.91 -1.75
N SER B 618 25.10 -6.14 -1.79
CA SER B 618 24.51 -7.35 -1.24
C SER B 618 24.86 -8.57 -2.03
N SER B 619 24.89 -8.43 -3.35
CA SER B 619 25.04 -9.56 -4.26
C SER B 619 26.02 -9.04 -5.27
N SER B 620 26.13 -9.78 -6.36
CA SER B 620 27.05 -9.46 -7.44
C SER B 620 26.64 -10.30 -8.65
N VAL B 621 27.15 -9.88 -9.80
CA VAL B 621 26.74 -10.47 -11.07
C VAL B 621 27.20 -11.93 -11.14
N PHE B 622 28.25 -12.25 -10.42
CA PHE B 622 28.89 -13.55 -10.57
C PHE B 622 28.32 -14.66 -9.71
N ASN B 623 27.30 -14.32 -8.93
CA ASN B 623 26.66 -15.32 -8.11
C ASN B 623 25.69 -16.17 -8.94
N GLN B 624 25.03 -15.54 -9.89
CA GLN B 624 24.08 -16.27 -10.72
C GLN B 624 24.59 -17.66 -11.13
N ASN B 625 25.80 -17.73 -11.67
CA ASN B 625 26.31 -18.96 -12.29
C ASN B 625 27.09 -19.88 -11.34
N ASP B 626 27.66 -19.32 -10.28
CA ASP B 626 28.19 -20.12 -9.19
C ASP B 626 27.86 -19.48 -7.83
N PRO B 627 26.70 -19.89 -7.24
CA PRO B 627 26.18 -19.51 -5.92
C PRO B 627 26.51 -20.49 -4.81
N TRP B 628 27.17 -21.58 -5.16
CA TRP B 628 27.62 -22.54 -4.16
C TRP B 628 28.89 -21.97 -3.57
N ALA B 629 29.64 -21.26 -4.42
CA ALA B 629 30.82 -20.47 -4.08
C ALA B 629 30.49 -19.01 -4.41
N PRO B 630 29.77 -18.35 -3.49
CA PRO B 630 29.23 -17.05 -3.82
C PRO B 630 30.32 -16.02 -3.94
N THR B 631 30.26 -15.22 -5.00
CA THR B 631 31.23 -14.16 -5.20
C THR B 631 31.09 -13.04 -4.18
N VAL B 632 29.87 -12.85 -3.70
CA VAL B 632 29.54 -12.04 -2.52
C VAL B 632 28.61 -12.88 -1.64
N ASP B 633 28.72 -12.74 -0.33
CA ASP B 633 27.76 -13.40 0.56
C ASP B 633 27.34 -12.46 1.68
N PHE B 634 26.13 -11.95 1.53
CA PHE B 634 25.59 -11.00 2.46
C PHE B 634 25.80 -11.38 3.93
N SER B 635 25.43 -12.59 4.34
CA SER B 635 25.41 -12.93 5.77
C SER B 635 26.66 -12.48 6.54
N ASP B 636 27.73 -12.25 5.78
CA ASP B 636 29.01 -11.79 6.32
C ASP B 636 28.96 -10.38 6.87
N PHE B 637 28.14 -9.53 6.25
CA PHE B 637 28.08 -8.13 6.62
C PHE B 637 27.64 -7.95 8.06
N ILE B 638 27.03 -8.98 8.61
CA ILE B 638 26.60 -9.03 10.00
C ILE B 638 27.59 -9.84 10.84
N ASN B 639 28.08 -9.23 11.93
CA ASN B 639 29.26 -9.69 12.64
C ASN B 639 29.65 -8.94 13.95
N ASN B 640 29.10 -9.26 15.14
CA ASN B 640 29.58 -8.69 16.47
C ASN B 640 29.46 -7.15 16.44
N GLU B 641 30.19 -6.50 15.53
CA GLU B 641 30.19 -5.03 15.30
C GLU B 641 29.10 -4.14 15.89
N THR B 642 29.51 -2.96 16.35
CA THR B 642 28.61 -1.99 16.95
C THR B 642 28.03 -1.05 15.91
N ILE B 643 26.84 -0.56 16.26
CA ILE B 643 26.08 0.44 15.52
C ILE B 643 25.46 1.41 16.54
N ALA B 644 26.30 1.85 17.46
CA ALA B 644 26.07 3.05 18.24
C ALA B 644 26.91 4.12 17.54
N GLY B 645 26.23 5.00 16.81
CA GLY B 645 26.87 6.18 16.26
C GLY B 645 27.91 5.92 15.21
N LYS B 646 27.55 5.22 14.14
CA LYS B 646 28.46 5.07 13.02
C LYS B 646 27.73 5.48 11.79
N ASP B 647 28.41 5.40 10.64
CA ASP B 647 27.76 5.61 9.37
C ASP B 647 27.03 4.33 9.14
N LEU B 648 25.71 4.37 9.22
CA LEU B 648 24.95 3.14 9.05
C LEU B 648 24.46 3.00 7.64
N VAL B 649 24.00 1.81 7.35
CA VAL B 649 23.38 1.49 6.09
C VAL B 649 22.38 0.40 6.40
N ALA B 650 21.17 0.56 5.87
CA ALA B 650 20.14 -0.42 6.12
C ALA B 650 19.92 -1.25 4.88
N TRP B 651 19.54 -2.50 5.12
CA TRP B 651 19.33 -3.40 4.04
C TRP B 651 17.93 -4.00 4.12
N VAL B 652 17.11 -3.57 3.16
CA VAL B 652 15.71 -3.93 3.11
C VAL B 652 15.44 -4.91 2.00
N THR B 653 14.64 -5.90 2.36
CA THR B 653 14.35 -7.06 1.54
C THR B 653 12.85 -7.12 1.40
N ALA B 654 12.34 -7.25 0.19
CA ALA B 654 10.88 -7.13 -0.05
C ALA B 654 10.36 -8.08 -1.13
N GLY B 655 9.20 -8.70 -0.89
CA GLY B 655 8.69 -9.72 -1.81
C GLY B 655 7.45 -10.47 -1.38
N PHE B 656 7.05 -11.43 -2.19
CA PHE B 656 5.76 -12.07 -1.98
C PHE B 656 5.66 -13.37 -2.71
N LEU B 657 4.69 -14.18 -2.28
CA LEU B 657 4.42 -15.50 -2.90
C LEU B 657 3.44 -15.46 -4.11
N HIS B 658 3.88 -15.96 -5.25
CA HIS B 658 3.03 -15.91 -6.43
C HIS B 658 2.67 -17.29 -6.99
N ILE B 659 1.49 -17.74 -6.58
CA ILE B 659 0.85 -18.89 -7.15
C ILE B 659 0.02 -18.39 -8.31
N PRO B 660 0.41 -18.70 -9.54
CA PRO B 660 -0.35 -18.14 -10.65
C PRO B 660 -1.82 -18.60 -10.75
N HIS B 661 -2.59 -17.83 -11.50
CA HIS B 661 -4.01 -18.05 -11.68
C HIS B 661 -4.39 -17.39 -12.97
N ALA B 662 -5.59 -17.73 -13.44
CA ALA B 662 -6.04 -17.37 -14.81
C ALA B 662 -5.89 -15.89 -15.17
N GLU B 663 -6.07 -15.04 -14.18
CA GLU B 663 -6.05 -13.64 -14.37
C GLU B 663 -4.62 -13.07 -14.46
N ASP B 664 -3.62 -13.94 -14.66
CA ASP B 664 -2.28 -13.49 -15.02
C ASP B 664 -2.11 -13.69 -16.52
N ILE B 665 -3.24 -13.82 -17.22
CA ILE B 665 -3.25 -13.98 -18.65
C ILE B 665 -3.90 -12.82 -19.36
N PRO B 666 -3.12 -12.16 -20.19
CA PRO B 666 -1.80 -12.57 -20.61
C PRO B 666 -0.74 -12.19 -19.60
N ASN B 667 -0.74 -10.92 -19.20
CA ASN B 667 0.19 -10.43 -18.20
C ASN B 667 -0.44 -10.48 -16.86
N THR B 668 0.45 -10.44 -15.89
CA THR B 668 0.20 -10.24 -14.49
C THR B 668 0.08 -8.75 -14.18
N VAL B 669 -0.97 -8.38 -13.48
CA VAL B 669 -1.17 -6.98 -13.17
C VAL B 669 -0.48 -6.54 -11.90
N THR B 670 -0.37 -5.22 -11.78
CA THR B 670 0.31 -4.57 -10.69
C THR B 670 -0.48 -4.56 -9.40
N VAL B 671 -1.79 -4.37 -9.49
CA VAL B 671 -2.65 -4.29 -8.32
C VAL B 671 -2.24 -5.26 -7.20
N GLY B 672 -2.16 -4.78 -5.95
CA GLY B 672 -1.78 -5.66 -4.82
C GLY B 672 -0.46 -6.41 -5.01
N ASN B 673 0.40 -5.92 -5.90
CA ASN B 673 1.76 -6.42 -6.10
C ASN B 673 2.76 -5.37 -5.71
N GLY B 674 2.28 -4.33 -5.02
CA GLY B 674 3.16 -3.31 -4.47
C GLY B 674 4.00 -3.92 -3.37
N VAL B 675 5.30 -3.70 -3.43
CA VAL B 675 6.16 -4.10 -2.33
C VAL B 675 7.33 -3.16 -2.27
N GLY B 676 7.59 -2.72 -1.06
CA GLY B 676 8.56 -1.69 -0.84
C GLY B 676 8.61 -1.34 0.62
N PHE B 677 8.78 -0.04 0.89
CA PHE B 677 8.94 0.43 2.24
C PHE B 677 8.96 1.94 2.24
N PHE B 678 8.84 2.45 3.47
CA PHE B 678 8.76 3.86 3.73
C PHE B 678 9.86 4.33 4.61
N LEU B 679 10.47 5.43 4.20
CA LEU B 679 11.37 6.22 5.03
C LEU B 679 10.60 7.41 5.49
N ARG B 680 10.51 7.57 6.80
CA ARG B 680 9.60 8.53 7.41
C ARG B 680 10.18 9.38 8.54
N PRO B 681 10.12 10.71 8.40
CA PRO B 681 10.49 11.62 9.46
C PRO B 681 9.96 11.16 10.80
N TYR B 682 10.77 11.28 11.87
CA TYR B 682 10.32 10.88 13.18
C TYR B 682 10.99 11.66 14.31
N ASN B 683 10.33 12.75 14.74
CA ASN B 683 11.00 13.79 15.50
C ASN B 683 12.29 14.18 14.80
N PHE B 684 12.28 14.15 13.49
CA PHE B 684 13.42 14.56 12.73
C PHE B 684 13.25 16.03 12.58
N PHE B 685 12.08 16.46 12.06
CA PHE B 685 11.70 17.90 12.02
C PHE B 685 11.11 18.34 13.38
N ASP B 686 10.86 19.65 13.50
CA ASP B 686 10.23 20.22 14.72
C ASP B 686 8.71 20.36 14.55
N GLU B 687 8.24 20.20 13.31
CA GLU B 687 6.83 20.32 12.89
C GLU B 687 6.74 19.96 11.40
N ASP B 688 5.67 19.25 11.02
CA ASP B 688 5.48 18.81 9.64
C ASP B 688 5.63 19.98 8.64
N PRO B 689 6.59 19.86 7.72
CA PRO B 689 6.98 20.95 6.82
C PRO B 689 5.93 21.36 5.79
N SER B 690 4.98 20.47 5.52
CA SER B 690 3.83 20.82 4.71
C SER B 690 3.17 22.12 5.21
N PHE B 691 3.19 22.31 6.53
CA PHE B 691 2.67 23.53 7.13
C PHE B 691 3.08 24.77 6.37
N TYR B 692 4.28 24.72 5.78
CA TYR B 692 4.84 25.82 4.97
C TYR B 692 4.63 25.57 3.53
N SER B 693 3.51 24.99 3.16
CA SER B 693 3.33 24.66 1.76
C SER B 693 2.74 25.85 1.02
N ALA B 694 3.23 26.07 -0.20
CA ALA B 694 2.62 27.00 -1.15
C ALA B 694 1.16 26.64 -1.42
N ASP B 695 0.87 25.35 -1.37
CA ASP B 695 -0.33 24.85 -1.97
C ASP B 695 -1.39 24.46 -0.96
N SER B 696 -1.12 24.70 0.32
CA SER B 696 -2.12 24.41 1.36
C SER B 696 -3.19 25.46 1.32
N ILE B 697 -4.31 25.12 1.95
CA ILE B 697 -5.52 25.90 1.86
C ILE B 697 -6.21 26.00 3.19
N TYR B 698 -6.69 27.22 3.48
CA TYR B 698 -7.38 27.52 4.72
C TYR B 698 -8.47 28.58 4.60
N PHE B 699 -9.55 28.35 5.35
CA PHE B 699 -10.58 29.37 5.57
C PHE B 699 -11.49 29.00 6.75
N ARG B 700 -12.22 30.00 7.23
CA ARG B 700 -13.12 29.89 8.36
C ARG B 700 -14.52 30.28 7.91
N GLY B 701 -15.54 29.75 8.57
CA GLY B 701 -16.93 29.94 8.12
C GLY B 701 -17.19 31.35 7.64
N ASP B 702 -16.68 32.29 8.44
CA ASP B 702 -16.85 33.73 8.23
C ASP B 702 -15.81 34.36 7.31
N GLN B 703 -15.43 33.65 6.26
CA GLN B 703 -14.91 34.29 5.07
C GLN B 703 -15.82 33.83 3.94
N ASP B 704 -15.64 34.52 2.82
CA ASP B 704 -16.15 34.04 1.56
C ASP B 704 -15.12 33.02 1.10
N ALA B 705 -15.47 31.75 1.26
CA ALA B 705 -14.64 30.64 0.85
C ALA B 705 -14.33 30.61 -0.66
N GLY B 706 -15.16 31.29 -1.46
CA GLY B 706 -14.94 31.38 -2.91
C GLY B 706 -14.31 32.69 -3.31
N ALA B 707 -13.48 33.25 -2.42
CA ALA B 707 -12.82 34.52 -2.66
C ALA B 707 -11.34 34.33 -2.99
N CYS B 708 -10.91 34.80 -4.15
CA CYS B 708 -9.60 34.46 -4.70
C CYS B 708 -8.43 34.51 -3.70
N GLU B 709 -8.24 35.66 -3.05
CA GLU B 709 -7.12 35.81 -2.10
C GLU B 709 -7.43 35.24 -0.71
N VAL B 710 -8.65 34.74 -0.48
CA VAL B 710 -8.95 33.92 0.70
C VAL B 710 -8.62 32.46 0.38
N ASN B 711 -9.27 31.94 -0.65
CA ASN B 711 -9.00 30.60 -1.07
C ASN B 711 -8.39 30.62 -2.43
N PRO B 712 -7.13 30.24 -2.53
CA PRO B 712 -6.46 30.21 -3.83
C PRO B 712 -7.19 29.38 -4.90
N LEU B 713 -8.00 28.40 -4.50
CA LEU B 713 -8.76 27.61 -5.47
C LEU B 713 -9.84 28.41 -6.13
N ALA B 714 -10.48 29.29 -5.37
CA ALA B 714 -11.41 30.25 -5.94
C ALA B 714 -10.83 30.92 -7.19
N CYS B 715 -9.50 30.92 -7.32
CA CYS B 715 -8.84 31.37 -8.53
C CYS B 715 -8.80 30.23 -9.56
N LEU B 716 -7.66 30.07 -10.23
CA LEU B 716 -7.50 29.18 -11.39
C LEU B 716 -8.11 29.77 -12.69
N PRO B 717 -9.22 30.57 -12.58
CA PRO B 717 -10.26 30.48 -13.59
C PRO B 717 -9.72 29.91 -14.89
N GLN B 718 -9.01 30.74 -15.65
CA GLN B 718 -8.60 30.42 -17.02
C GLN B 718 -7.38 29.48 -16.99
N ALA B 719 -7.50 28.31 -17.61
CA ALA B 719 -6.44 27.29 -17.62
C ALA B 719 -5.70 27.28 -18.97
N ALA B 720 -5.01 28.38 -19.27
CA ALA B 720 -4.22 28.59 -20.51
C ALA B 720 -5.09 29.08 -21.70
N ALA B 721 -4.49 29.22 -22.89
CA ALA B 721 -5.22 29.59 -24.14
C ALA B 721 -6.19 28.46 -24.52
N CYS B 722 -5.66 27.26 -24.76
CA CYS B 722 -6.45 26.02 -24.68
C CYS B 722 -5.58 24.82 -24.23
N ALA B 723 -5.60 24.56 -22.93
CA ALA B 723 -5.33 23.24 -22.33
C ALA B 723 -3.91 22.75 -22.54
N PRO B 724 -3.69 21.43 -22.38
CA PRO B 724 -2.36 20.90 -22.69
C PRO B 724 -1.98 21.09 -24.15
N ASP B 725 -0.74 21.52 -24.37
CA ASP B 725 -0.11 21.43 -25.66
C ASP B 725 0.75 20.19 -25.58
N LEU B 726 0.24 19.12 -26.16
CA LEU B 726 0.87 17.84 -26.00
C LEU B 726 1.94 17.57 -27.04
N PRO B 727 3.10 17.08 -26.57
CA PRO B 727 4.22 16.63 -27.37
C PRO B 727 3.81 15.46 -28.20
N ALA B 728 4.09 15.52 -29.49
CA ALA B 728 3.68 14.45 -30.38
C ALA B 728 4.30 13.15 -29.92
N PHE B 729 3.49 12.11 -29.84
CA PHE B 729 3.92 10.83 -29.30
C PHE B 729 5.03 10.13 -30.11
N SER B 730 6.11 9.77 -29.43
CA SER B 730 7.14 8.88 -29.99
C SER B 730 7.39 7.62 -29.13
N HIS B 731 8.17 6.71 -29.71
CA HIS B 731 8.62 5.54 -28.97
C HIS B 731 10.11 5.28 -29.10
N GLY B 732 10.72 4.86 -28.00
CA GLY B 732 12.13 4.50 -27.96
C GLY B 732 12.61 3.66 -29.12
N GLY B 733 11.89 2.59 -29.45
CA GLY B 733 12.30 1.65 -30.50
C GLY B 733 12.64 0.35 -29.80
N PHE B 734 13.34 -0.55 -30.49
CA PHE B 734 13.67 -1.87 -29.89
C PHE B 734 15.18 -2.24 -29.81
N SER B 735 16.02 -1.34 -29.26
CA SER B 735 17.50 -1.43 -29.41
C SER B 735 18.04 -2.88 -29.54
N HIS B 736 19.04 -3.01 -30.40
CA HIS B 736 19.20 -4.14 -31.32
C HIS B 736 18.07 -4.13 -32.36
N ASN B 737 17.51 -2.94 -32.61
CA ASN B 737 16.43 -2.77 -33.59
C ASN B 737 16.98 -2.69 -35.02
C1 NAG C . -40.12 0.91 26.38
C2 NAG C . -41.01 -0.26 26.81
C3 NAG C . -42.36 -0.24 26.05
C4 NAG C . -43.05 1.11 26.21
C5 NAG C . -42.06 2.18 25.75
C6 NAG C . -42.69 3.54 25.97
C7 NAG C . -40.12 -2.49 27.40
C8 NAG C . -39.56 -3.79 26.89
N2 NAG C . -40.41 -1.55 26.51
O3 NAG C . -43.24 -1.31 26.37
O4 NAG C . -44.22 1.11 25.42
O5 NAG C . -40.80 2.15 26.42
O6 NAG C . -42.21 4.04 27.18
O7 NAG C . -40.30 -2.33 28.62
C1 NAG C . -45.46 0.98 26.15
C2 NAG C . -46.61 1.45 25.26
C3 NAG C . -47.99 1.17 25.83
C4 NAG C . -48.06 -0.31 26.20
C5 NAG C . -46.92 -0.64 27.18
C6 NAG C . -46.94 -2.10 27.66
C7 NAG C . -45.91 3.41 24.02
C8 NAG C . -45.88 4.93 23.98
N2 NAG C . -46.51 2.88 25.07
O3 NAG C . -49.02 1.50 24.94
O4 NAG C . -49.37 -0.57 26.68
O5 NAG C . -45.66 -0.36 26.57
O6 NAG C . -45.83 -2.86 27.18
O7 NAG C . -45.42 2.67 23.14
C1 NAG D . 43.97 -13.11 -14.76
C2 NAG D . 45.17 -12.69 -13.89
C3 NAG D . 45.98 -11.49 -14.33
C4 NAG D . 46.27 -11.56 -15.79
C5 NAG D . 44.89 -11.72 -16.45
C6 NAG D . 45.04 -11.60 -17.94
C7 NAG D . 45.28 -13.27 -11.54
C8 NAG D . 44.89 -12.98 -10.12
N2 NAG D . 44.80 -12.48 -12.50
O3 NAG D . 47.25 -11.40 -13.72
O4 NAG D . 46.91 -10.31 -15.98
O5 NAG D . 44.22 -12.94 -16.14
O6 NAG D . 46.04 -12.50 -18.29
O7 NAG D . 46.04 -14.21 -11.77
C1 NAG D . 47.85 -10.19 -17.05
C2 NAG D . 48.23 -8.73 -16.95
C3 NAG D . 49.51 -8.41 -17.67
C4 NAG D . 50.65 -9.21 -17.05
C5 NAG D . 50.20 -10.56 -16.46
C6 NAG D . 50.13 -10.57 -14.94
C7 NAG D . 46.48 -7.08 -16.69
C8 NAG D . 45.48 -6.19 -17.35
N2 NAG D . 47.23 -7.84 -17.49
O3 NAG D . 49.70 -7.01 -17.54
O4 NAG D . 51.67 -9.39 -18.04
O5 NAG D . 48.97 -11.06 -16.98
O6 NAG D . 50.19 -11.93 -14.55
O7 NAG D . 46.57 -7.10 -15.46
C1 BMA D . 52.16 -8.08 -18.44
C2 BMA D . 53.19 -7.58 -17.41
C3 BMA D . 54.31 -6.82 -18.11
C4 BMA D . 53.71 -5.91 -19.18
C5 BMA D . 52.80 -6.62 -20.22
C6 BMA D . 53.35 -6.51 -21.68
O2 BMA D . 53.80 -8.55 -16.55
O3 BMA D . 55.59 -7.48 -18.47
O4 BMA D . 53.02 -4.83 -18.50
O5 BMA D . 52.58 -7.99 -19.82
O6 BMA D . 52.96 -5.32 -22.52
C1 MAN D . 56.18 -8.76 -19.06
C2 MAN D . 57.10 -9.84 -18.33
C3 MAN D . 57.79 -10.70 -19.44
C4 MAN D . 56.71 -11.26 -20.44
C5 MAN D . 55.81 -10.09 -20.93
C6 MAN D . 54.81 -10.47 -22.06
O2 MAN D . 56.39 -10.76 -17.49
O3 MAN D . 58.63 -11.71 -18.89
O4 MAN D . 57.21 -11.94 -21.60
O5 MAN D . 55.17 -9.46 -19.80
O6 MAN D . 54.09 -9.30 -22.47
C1 MAN D . 52.55 -4.55 -21.71
C2 MAN D . 53.28 -3.89 -20.55
C3 MAN D . 52.89 -2.42 -20.43
C4 MAN D . 52.99 -1.70 -21.77
C5 MAN D . 52.27 -2.50 -22.85
C6 MAN D . 52.43 -1.83 -24.21
O2 MAN D . 54.69 -3.98 -20.76
O3 MAN D . 53.75 -1.77 -19.48
O4 MAN D . 52.40 -0.41 -21.66
O5 MAN D . 52.81 -3.82 -22.92
O6 MAN D . 51.66 -2.53 -25.20
C1 NAG E . 9.84 -15.92 -34.49
C2 NAG E . 11.10 -16.07 -35.34
C3 NAG E . 11.69 -14.66 -35.53
C4 NAG E . 10.66 -13.82 -36.29
C5 NAG E . 9.33 -13.84 -35.48
C6 NAG E . 8.16 -13.18 -36.19
C7 NAG E . 13.10 -17.14 -34.23
C8 NAG E . 13.72 -18.48 -33.86
N2 NAG E . 11.93 -17.19 -34.88
O3 NAG E . 12.94 -14.61 -36.20
O4 NAG E . 11.21 -12.52 -36.52
O5 NAG E . 8.87 -15.14 -35.15
O6 NAG E . 8.54 -12.75 -37.49
O7 NAG E . 13.66 -16.08 -33.92
C1 NAG E . 10.96 -12.02 -37.86
C2 NAG E . 10.76 -10.51 -38.02
C3 NAG E . 10.58 -10.22 -39.52
C4 NAG E . 11.59 -11.01 -40.35
C5 NAG E . 11.25 -12.49 -40.25
C6 NAG E . 12.47 -13.32 -40.60
C7 NAG E . 9.47 -9.35 -36.13
C8 NAG E . 8.12 -9.18 -35.46
N2 NAG E . 9.57 -10.18 -37.21
O3 NAG E . 10.78 -8.86 -39.88
O4 NAG E . 11.62 -10.62 -41.70
O5 NAG E . 10.81 -12.91 -38.96
O6 NAG E . 13.39 -13.22 -39.53
O7 NAG E . 10.39 -8.70 -35.63
CU CU F . -3.62 8.42 15.38
CA CA G . -21.96 -14.39 1.12
CA CA H . -21.95 -17.76 13.34
C1 NAG I . -14.42 30.35 20.32
C2 NAG I . -15.70 30.74 21.08
C3 NAG I . -16.91 30.80 20.13
C4 NAG I . -16.65 31.92 19.12
C5 NAG I . -15.36 31.45 18.38
C6 NAG I . -15.11 32.29 17.12
C7 NAG I . -16.60 28.92 22.56
C8 NAG I . -16.53 28.30 23.95
N2 NAG I . -15.83 29.98 22.33
O3 NAG I . -18.15 31.01 20.74
O4 NAG I . -17.80 32.25 18.31
O5 NAG I . -14.23 31.30 19.27
O6 NAG I . -15.65 31.66 15.96
O7 NAG I . -17.35 28.44 21.70
C1 NAG J . -0.15 37.28 19.52
C2 NAG J . 1.04 37.77 18.66
C3 NAG J . 0.41 38.04 17.28
C4 NAG J . -0.65 36.95 17.03
C5 NAG J . -1.86 37.29 17.86
C6 NAG J . -2.85 36.13 17.91
C7 NAG J . 2.87 39.56 19.17
C8 NAG J . 3.54 40.32 20.29
N2 NAG J . 1.86 38.70 19.50
O3 NAG J . 1.33 37.98 16.22
O4 NAG J . -1.12 36.87 15.70
O5 NAG J . -1.42 37.78 19.12
O6 NAG J . -3.86 36.48 18.82
O7 NAG J . 3.25 39.78 18.03
C1 NAG K . -22.55 -27.27 -5.89
C2 NAG K . -23.31 -28.10 -6.93
C3 NAG K . -24.79 -28.24 -6.47
C4 NAG K . -24.90 -29.03 -5.14
C5 NAG K . -23.82 -28.54 -4.15
C6 NAG K . -22.73 -29.56 -3.83
C7 NAG K . -21.96 -27.74 -9.06
C8 NAG K . -21.95 -27.06 -10.40
N2 NAG K . -23.06 -27.54 -8.27
O3 NAG K . -25.59 -28.86 -7.44
O4 NAG K . -26.21 -28.97 -4.55
O5 NAG K . -23.23 -27.33 -4.62
O6 NAG K . -22.81 -30.10 -2.53
O7 NAG K . -20.98 -28.44 -8.76
C1 NAG L . -20.02 -29.00 16.59
C2 NAG L . -21.22 -30.00 16.09
C3 NAG L . -20.85 -30.80 14.78
C4 NAG L . -19.33 -30.89 14.70
C5 NAG L . -18.80 -31.15 16.14
C6 NAG L . -17.32 -31.50 16.31
C7 NAG L . -22.71 -32.03 17.13
C8 NAG L . -23.03 -32.70 18.45
N2 NAG L . -21.82 -30.94 17.15
O3 NAG L . -21.38 -30.31 13.54
O4 NAG L . -18.92 -31.87 13.74
O5 NAG L . -19.11 -30.06 17.03
O6 NAG L . -17.20 -31.97 17.64
O7 NAG L . -23.27 -32.55 16.15
CAP JWF M . -26.46 23.10 19.75
CAN JWF M . -27.15 24.03 18.82
NBE JWF M . -26.48 23.91 17.49
CAA JWF M . -27.32 24.48 16.40
CAO JWF M . -25.18 24.58 17.43
CAQ JWF M . -24.56 24.59 18.84
NBF JWF M . -24.98 23.39 19.66
CAY JWF M . -24.07 22.60 20.32
CAI JWF M . -24.47 21.69 21.32
CAG JWF M . -23.57 20.87 22.00
CAH JWF M . -22.68 22.62 20.04
CAF JWF M . -21.76 21.81 20.70
CAX JWF M . -22.21 20.91 21.67
NAU JWF M . -21.36 20.12 22.36
CBA JWF M . -20.74 19.08 21.78
CAM JWF M . -21.16 18.58 20.57
CBD JWF M . -20.52 17.49 20.02
OAB JWF M . -20.92 17.06 18.94
NBG JWF M . -19.48 16.95 20.69
CAZ JWF M . -18.83 15.88 20.19
CAJ JWF M . -18.27 15.84 18.90
CAD JWF M . -17.64 14.69 18.42
CAW JWF M . -17.57 13.57 19.25
CLAC JWF M . -16.81 12.04 18.74
CAE JWF M . -18.11 13.64 20.54
CAK JWF M . -18.76 14.76 21.01
NAT JWF M . -19.14 17.39 21.75
CBC JWF M . -19.66 18.45 22.40
CBB JWF M . -19.09 18.74 23.60
NAR JWF M . -18.07 18.03 24.08
CAL JWF M . -17.81 18.57 25.26
NAV JWF M . -18.69 19.55 25.46
NAS JWF M . -19.41 19.64 24.53
CU CU N . 5.23 -13.88 -10.28
CA CA O . 24.64 6.20 6.82
CA CA P . 29.52 -5.39 9.15
C1 NAG Q . 28.98 13.16 18.96
C2 NAG Q . 30.29 12.99 18.22
C3 NAG Q . 30.96 14.35 17.98
C4 NAG Q . 29.97 15.34 17.38
C5 NAG Q . 28.67 15.37 18.18
C6 NAG Q . 27.66 16.30 17.54
C7 NAG Q . 30.94 10.83 19.11
C8 NAG Q . 31.67 10.14 20.22
N2 NAG Q . 31.18 12.13 18.98
O3 NAG Q . 32.07 14.17 17.09
O4 NAG Q . 30.55 16.65 17.38
O5 NAG Q . 28.13 14.05 18.24
O6 NAG Q . 26.82 16.86 18.55
O7 NAG Q . 30.18 10.23 18.36
C1 NAG R . 31.54 -9.27 20.75
C2 NAG R . 31.97 -10.58 21.55
C3 NAG R . 32.46 -10.50 23.02
C4 NAG R . 33.38 -9.33 23.28
C5 NAG R . 32.63 -8.10 22.80
C6 NAG R . 33.42 -6.82 23.16
C7 NAG R . 30.68 -12.37 20.46
C8 NAG R . 29.56 -13.36 20.63
N2 NAG R . 30.91 -11.59 21.52
O3 NAG R . 33.09 -11.71 23.39
O4 NAG R . 33.74 -9.22 24.65
O5 NAG R . 32.33 -8.17 21.39
O6 NAG R . 33.66 -6.07 22.00
O7 NAG R . 31.33 -12.31 19.41
CAP JWF S . 22.89 -10.66 -31.10
CAN JWF S . 22.67 -9.22 -31.08
NBE JWF S . 22.31 -8.80 -32.48
CAA JWF S . 23.53 -8.20 -33.11
CAO JWF S . 21.74 -9.84 -33.39
CAQ JWF S . 20.90 -10.90 -32.61
NBF JWF S . 21.58 -11.30 -31.35
CAY JWF S . 21.06 -12.12 -30.41
CAI JWF S . 21.93 -12.85 -29.62
CAG JWF S . 21.48 -13.69 -28.62
CAH JWF S . 19.69 -12.25 -30.12
CAF JWF S . 19.23 -13.11 -29.11
CAX JWF S . 20.13 -13.83 -28.32
NAU JWF S . 19.83 -14.72 -27.34
CBA JWF S . 19.48 -14.34 -26.10
CAM JWF S . 19.64 -13.06 -25.64
CBD JWF S . 19.28 -12.76 -24.33
OAB JWF S . 19.46 -11.58 -24.02
NBG JWF S . 18.75 -13.76 -23.51
CAZ JWF S . 18.36 -13.57 -22.22
CAJ JWF S . 18.60 -14.53 -21.25
CAD JWF S . 18.22 -14.31 -19.92
CAW JWF S . 17.58 -13.11 -19.54
CLAC JWF S . 17.07 -12.76 -17.84
CAE JWF S . 17.35 -12.16 -20.50
CAK JWF S . 17.73 -12.40 -21.82
NAT JWF S . 18.62 -14.89 -23.94
CBC JWF S . 18.97 -15.29 -25.19
CBB JWF S . 18.70 -16.58 -25.42
NAR JWF S . 18.16 -17.34 -24.47
CAL JWF S . 17.97 -18.53 -25.05
NAV JWF S . 18.37 -18.42 -26.31
NAS JWF S . 18.78 -17.29 -26.54
#